data_1GEG
#
_entry.id   1GEG
#
_cell.length_a   69.160
_cell.length_b   109.780
_cell.length_c   127.280
_cell.angle_alpha   90.00
_cell.angle_beta   102.29
_cell.angle_gamma   90.00
#
_symmetry.space_group_name_H-M   'P 1 21 1'
#
loop_
_entity.id
_entity.type
_entity.pdbx_description
1 polymer 'ACETOIN REDUCTASE'
2 non-polymer alpha-D-glucopyranose
3 non-polymer 'MAGNESIUM ION'
4 non-polymer NICOTINAMIDE-ADENINE-DINUCLEOTIDE
5 non-polymer BETA-MERCAPTOETHANOL
6 water water
#
_entity_poly.entity_id   1
_entity_poly.type   'polypeptide(L)'
_entity_poly.pdbx_seq_one_letter_code
;MKKVALVTGAGQGIGKAIALRLVKDGFAVAIADYNDATAKAVASEINQAGGHAVAVKVDVSDRDQVFAAVEQARKTLGGF
DVIVNNAGVAPSTPIESITPEIVDKVYNINVKGVIWGIQAAVEAFKKEGHGGKIINACSQAGHVGNPELAVYSSSKFAVR
GLTQTAARDLAPLGITVNGYCPGIVKTPMWAEIDRQVSEAAGKPLGYGTAEFAKRITLGRLSEPEDVAACVSYLASPDSD
YMTGQSLLIDGGMVFN
;
_entity_poly.pdbx_strand_id   A,B,C,D,E,F,G,H
#
# COMPACT_ATOMS: atom_id res chain seq x y z
N LYS A 2 -47.94 -40.87 -4.07
CA LYS A 2 -46.61 -40.30 -3.70
C LYS A 2 -46.72 -38.81 -3.42
N LYS A 3 -45.71 -38.26 -2.73
CA LYS A 3 -45.69 -36.84 -2.42
C LYS A 3 -45.69 -36.04 -3.70
N VAL A 4 -46.17 -34.81 -3.62
CA VAL A 4 -46.25 -33.94 -4.79
C VAL A 4 -45.46 -32.65 -4.62
N ALA A 5 -44.75 -32.27 -5.68
CA ALA A 5 -43.97 -31.05 -5.66
C ALA A 5 -44.19 -30.30 -6.98
N LEU A 6 -44.20 -28.98 -6.90
CA LEU A 6 -44.34 -28.14 -8.08
C LEU A 6 -43.07 -27.32 -8.14
N VAL A 7 -42.47 -27.26 -9.32
CA VAL A 7 -41.24 -26.51 -9.52
C VAL A 7 -41.45 -25.48 -10.63
N THR A 8 -41.29 -24.21 -10.32
CA THR A 8 -41.44 -23.16 -11.32
C THR A 8 -40.12 -23.04 -12.09
N GLY A 9 -40.23 -22.64 -13.36
CA GLY A 9 -39.05 -22.51 -14.20
C GLY A 9 -38.39 -23.85 -14.43
N ALA A 10 -39.18 -24.91 -14.38
CA ALA A 10 -38.67 -26.27 -14.55
C ALA A 10 -38.48 -26.71 -15.99
N GLY A 11 -38.64 -25.78 -16.94
CA GLY A 11 -38.47 -26.13 -18.33
C GLY A 11 -37.03 -26.30 -18.76
N GLN A 12 -36.10 -25.78 -17.97
CA GLN A 12 -34.68 -25.88 -18.29
C GLN A 12 -33.81 -25.55 -17.08
N GLY A 13 -32.50 -25.59 -17.31
CA GLY A 13 -31.54 -25.25 -16.28
C GLY A 13 -31.68 -25.93 -14.93
N ILE A 14 -31.55 -25.15 -13.87
CA ILE A 14 -31.64 -25.65 -12.51
C ILE A 14 -33.03 -26.23 -12.20
N GLY A 15 -34.07 -25.56 -12.69
CA GLY A 15 -35.42 -26.05 -12.44
C GLY A 15 -35.65 -27.44 -12.98
N LYS A 16 -35.18 -27.69 -14.21
CA LYS A 16 -35.35 -28.99 -14.82
C LYS A 16 -34.57 -30.02 -14.01
N ALA A 17 -33.35 -29.68 -13.63
CA ALA A 17 -32.51 -30.57 -12.84
C ALA A 17 -33.18 -30.90 -11.51
N ILE A 18 -33.79 -29.90 -10.89
CA ILE A 18 -34.48 -30.10 -9.63
C ILE A 18 -35.66 -31.06 -9.82
N ALA A 19 -36.46 -30.81 -10.85
CA ALA A 19 -37.61 -31.65 -11.14
C ALA A 19 -37.19 -33.10 -11.34
N LEU A 20 -36.16 -33.32 -12.17
CA LEU A 20 -35.70 -34.67 -12.43
C LEU A 20 -35.18 -35.35 -11.17
N ARG A 21 -34.50 -34.60 -10.31
CA ARG A 21 -33.99 -35.18 -9.07
C ARG A 21 -35.13 -35.51 -8.12
N LEU A 22 -36.12 -34.62 -8.04
CA LEU A 22 -37.26 -34.85 -7.16
C LEU A 22 -38.03 -36.08 -7.64
N VAL A 23 -38.05 -36.30 -8.95
CA VAL A 23 -38.73 -37.47 -9.50
C VAL A 23 -37.97 -38.70 -8.99
N LYS A 24 -36.65 -38.67 -9.09
CA LYS A 24 -35.82 -39.77 -8.63
C LYS A 24 -36.04 -40.01 -7.14
N ASP A 25 -36.25 -38.94 -6.39
CA ASP A 25 -36.49 -39.06 -4.95
C ASP A 25 -37.85 -39.66 -4.64
N GLY A 26 -38.70 -39.79 -5.68
CA GLY A 26 -40.01 -40.36 -5.48
C GLY A 26 -41.21 -39.43 -5.61
N PHE A 27 -40.97 -38.15 -5.89
CA PHE A 27 -42.04 -37.18 -6.04
C PHE A 27 -42.72 -37.21 -7.40
N ALA A 28 -43.99 -36.80 -7.41
CA ALA A 28 -44.75 -36.64 -8.64
C ALA A 28 -44.49 -35.15 -8.77
N VAL A 29 -44.12 -34.68 -9.95
CA VAL A 29 -43.80 -33.27 -10.10
C VAL A 29 -44.55 -32.50 -11.16
N ALA A 30 -44.91 -31.26 -10.82
CA ALA A 30 -45.60 -30.37 -11.74
C ALA A 30 -44.54 -29.46 -12.33
N ILE A 31 -44.39 -29.53 -13.65
CA ILE A 31 -43.40 -28.71 -14.35
C ILE A 31 -44.07 -27.40 -14.73
N ALA A 32 -43.86 -26.37 -13.91
CA ALA A 32 -44.44 -25.06 -14.16
C ALA A 32 -43.44 -24.14 -14.85
N ASP A 33 -43.86 -23.53 -15.94
CA ASP A 33 -42.99 -22.63 -16.69
C ASP A 33 -43.80 -21.73 -17.60
N TYR A 34 -43.24 -20.57 -17.97
CA TYR A 34 -43.93 -19.65 -18.86
C TYR A 34 -43.74 -20.15 -20.29
N ASN A 35 -42.72 -20.98 -20.48
CA ASN A 35 -42.41 -21.55 -21.78
C ASN A 35 -43.15 -22.89 -21.86
N ASP A 36 -44.29 -22.89 -22.53
CA ASP A 36 -45.12 -24.09 -22.65
C ASP A 36 -44.41 -25.24 -23.35
N ALA A 37 -43.58 -24.94 -24.34
CA ALA A 37 -42.85 -25.96 -25.09
C ALA A 37 -41.89 -26.78 -24.23
N THR A 38 -41.02 -26.09 -23.48
CA THR A 38 -40.07 -26.79 -22.63
C THR A 38 -40.73 -27.47 -21.44
N ALA A 39 -41.80 -26.87 -20.94
CA ALA A 39 -42.53 -27.45 -19.82
C ALA A 39 -43.09 -28.82 -20.19
N LYS A 40 -43.75 -28.89 -21.35
CA LYS A 40 -44.32 -30.16 -21.79
C LYS A 40 -43.24 -31.16 -22.17
N ALA A 41 -42.13 -30.65 -22.71
CA ALA A 41 -41.02 -31.51 -23.10
C ALA A 41 -40.44 -32.20 -21.88
N VAL A 42 -40.24 -31.45 -20.81
CA VAL A 42 -39.70 -32.00 -19.57
C VAL A 42 -40.69 -32.97 -18.94
N ALA A 43 -41.96 -32.58 -18.90
CA ALA A 43 -42.99 -33.43 -18.34
C ALA A 43 -43.08 -34.73 -19.15
N SER A 44 -42.94 -34.59 -20.46
CA SER A 44 -43.00 -35.74 -21.36
C SER A 44 -41.85 -36.70 -21.09
N GLU A 45 -40.64 -36.16 -20.95
CA GLU A 45 -39.47 -36.97 -20.66
C GLU A 45 -39.66 -37.76 -19.38
N ILE A 46 -40.24 -37.11 -18.37
CA ILE A 46 -40.47 -37.75 -17.09
C ILE A 46 -41.48 -38.89 -17.18
N ASN A 47 -42.62 -38.63 -17.82
CA ASN A 47 -43.65 -39.65 -17.96
C ASN A 47 -43.20 -40.84 -18.81
N GLN A 48 -42.48 -40.57 -19.88
CA GLN A 48 -42.00 -41.62 -20.77
C GLN A 48 -40.98 -42.51 -20.06
N ALA A 49 -40.20 -41.91 -19.16
CA ALA A 49 -39.18 -42.64 -18.42
C ALA A 49 -39.75 -43.44 -17.26
N GLY A 50 -41.04 -43.27 -16.98
CA GLY A 50 -41.66 -44.02 -15.90
C GLY A 50 -42.12 -43.20 -14.69
N GLY A 51 -41.86 -41.90 -14.71
CA GLY A 51 -42.27 -41.06 -13.59
C GLY A 51 -43.66 -40.50 -13.75
N HIS A 52 -44.05 -39.62 -12.83
CA HIS A 52 -45.37 -38.98 -12.88
C HIS A 52 -45.22 -37.47 -12.81
N ALA A 53 -45.57 -36.80 -13.91
CA ALA A 53 -45.45 -35.36 -13.99
C ALA A 53 -46.53 -34.73 -14.88
N VAL A 54 -46.69 -33.42 -14.77
CA VAL A 54 -47.65 -32.71 -15.59
C VAL A 54 -47.13 -31.31 -15.85
N ALA A 55 -47.29 -30.84 -17.08
CA ALA A 55 -46.84 -29.51 -17.45
C ALA A 55 -47.92 -28.50 -17.13
N VAL A 56 -47.52 -27.38 -16.53
CA VAL A 56 -48.45 -26.31 -16.19
C VAL A 56 -47.88 -24.98 -16.66
N LYS A 57 -48.62 -24.30 -17.51
CA LYS A 57 -48.18 -23.01 -18.04
C LYS A 57 -48.52 -21.92 -17.04
N VAL A 58 -47.54 -21.07 -16.74
CA VAL A 58 -47.76 -20.01 -15.79
C VAL A 58 -46.66 -18.96 -15.79
N ASP A 59 -47.06 -17.70 -15.67
CA ASP A 59 -46.14 -16.59 -15.59
C ASP A 59 -46.17 -16.31 -14.09
N VAL A 60 -45.11 -16.68 -13.37
CA VAL A 60 -45.09 -16.51 -11.93
C VAL A 60 -45.26 -15.07 -11.44
N SER A 61 -45.11 -14.09 -12.34
CA SER A 61 -45.26 -12.70 -11.93
C SER A 61 -46.72 -12.36 -11.65
N ASP A 62 -47.62 -13.23 -12.10
CA ASP A 62 -49.05 -13.00 -11.91
C ASP A 62 -49.60 -13.87 -10.78
N ARG A 63 -50.13 -13.22 -9.75
CA ARG A 63 -50.67 -13.91 -8.59
C ARG A 63 -51.73 -14.95 -8.92
N ASP A 64 -52.76 -14.56 -9.66
CA ASP A 64 -53.82 -15.50 -10.00
C ASP A 64 -53.29 -16.72 -10.74
N GLN A 65 -52.34 -16.53 -11.65
CA GLN A 65 -51.78 -17.65 -12.40
C GLN A 65 -51.03 -18.62 -11.51
N VAL A 66 -50.29 -18.11 -10.54
CA VAL A 66 -49.55 -18.97 -9.63
C VAL A 66 -50.51 -19.82 -8.82
N PHE A 67 -51.59 -19.22 -8.33
CA PHE A 67 -52.58 -19.98 -7.57
C PHE A 67 -53.22 -21.04 -8.46
N ALA A 68 -53.51 -20.68 -9.70
CA ALA A 68 -54.13 -21.62 -10.63
C ALA A 68 -53.21 -22.80 -10.93
N ALA A 69 -51.91 -22.52 -11.06
CA ALA A 69 -50.93 -23.55 -11.35
C ALA A 69 -50.82 -24.55 -10.20
N VAL A 70 -50.77 -24.03 -8.98
CA VAL A 70 -50.67 -24.87 -7.81
C VAL A 70 -51.90 -25.75 -7.68
N GLU A 71 -53.07 -25.15 -7.88
CA GLU A 71 -54.31 -25.91 -7.80
C GLU A 71 -54.40 -26.98 -8.88
N GLN A 72 -54.01 -26.64 -10.10
CA GLN A 72 -54.05 -27.62 -11.18
C GLN A 72 -53.14 -28.79 -10.80
N ALA A 73 -51.96 -28.47 -10.27
CA ALA A 73 -51.01 -29.50 -9.87
C ALA A 73 -51.58 -30.35 -8.74
N ARG A 74 -52.19 -29.70 -7.76
CA ARG A 74 -52.75 -30.38 -6.60
C ARG A 74 -53.87 -31.34 -6.98
N LYS A 75 -54.71 -30.92 -7.93
CA LYS A 75 -55.82 -31.75 -8.38
C LYS A 75 -55.36 -32.88 -9.29
N THR A 76 -54.50 -32.57 -10.24
CA THR A 76 -54.00 -33.55 -11.19
C THR A 76 -53.09 -34.60 -10.58
N LEU A 77 -52.16 -34.18 -9.72
CA LEU A 77 -51.22 -35.11 -9.11
C LEU A 77 -51.70 -35.74 -7.80
N GLY A 78 -52.87 -35.33 -7.33
CA GLY A 78 -53.43 -35.90 -6.11
C GLY A 78 -52.84 -35.48 -4.78
N GLY A 79 -52.32 -34.26 -4.70
CA GLY A 79 -51.74 -33.79 -3.46
C GLY A 79 -50.81 -32.62 -3.67
N PHE A 80 -50.29 -32.08 -2.58
CA PHE A 80 -49.36 -30.96 -2.64
C PHE A 80 -48.53 -30.92 -1.37
N ASP A 81 -47.23 -31.18 -1.50
CA ASP A 81 -46.35 -31.24 -0.35
C ASP A 81 -45.16 -30.30 -0.37
N VAL A 82 -44.71 -29.96 -1.58
CA VAL A 82 -43.55 -29.09 -1.73
C VAL A 82 -43.66 -28.15 -2.91
N ILE A 83 -43.21 -26.92 -2.73
CA ILE A 83 -43.19 -25.97 -3.83
C ILE A 83 -41.78 -25.42 -3.91
N VAL A 84 -41.26 -25.33 -5.12
CA VAL A 84 -39.93 -24.79 -5.35
C VAL A 84 -40.11 -23.57 -6.24
N ASN A 85 -40.03 -22.38 -5.65
CA ASN A 85 -40.17 -21.14 -6.39
C ASN A 85 -38.79 -20.88 -6.98
N ASN A 86 -38.55 -21.52 -8.12
CA ASN A 86 -37.27 -21.46 -8.82
C ASN A 86 -37.14 -20.48 -9.99
N ALA A 87 -38.23 -20.22 -10.70
CA ALA A 87 -38.19 -19.30 -11.83
C ALA A 87 -37.59 -17.95 -11.47
N GLY A 88 -36.81 -17.39 -12.40
CA GLY A 88 -36.19 -16.10 -12.16
C GLY A 88 -35.44 -15.59 -13.37
N VAL A 89 -35.08 -14.31 -13.36
CA VAL A 89 -34.33 -13.69 -14.44
C VAL A 89 -33.13 -12.97 -13.82
N ALA A 90 -32.06 -12.83 -14.57
CA ALA A 90 -30.88 -12.19 -14.03
C ALA A 90 -30.09 -11.31 -15.00
N PRO A 91 -30.64 -10.14 -15.34
CA PRO A 91 -29.88 -9.29 -16.25
C PRO A 91 -28.78 -8.57 -15.47
N SER A 92 -27.66 -8.29 -16.13
CA SER A 92 -26.60 -7.55 -15.46
C SER A 92 -27.11 -6.11 -15.57
N THR A 93 -26.88 -5.30 -14.55
CA THR A 93 -27.38 -3.94 -14.59
C THR A 93 -26.42 -2.86 -14.13
N PRO A 94 -25.69 -2.23 -15.05
CA PRO A 94 -24.77 -1.18 -14.63
C PRO A 94 -25.63 -0.17 -13.86
N ILE A 95 -25.21 0.18 -12.65
CA ILE A 95 -25.99 1.08 -11.81
C ILE A 95 -26.51 2.35 -12.47
N GLU A 96 -25.66 3.07 -13.17
CA GLU A 96 -26.10 4.31 -13.81
C GLU A 96 -27.18 4.10 -14.88
N SER A 97 -27.33 2.87 -15.35
CA SER A 97 -28.31 2.56 -16.40
C SER A 97 -29.60 1.92 -15.93
N ILE A 98 -29.76 1.71 -14.63
CA ILE A 98 -30.96 1.10 -14.10
C ILE A 98 -32.19 1.96 -14.34
N THR A 99 -33.24 1.36 -14.89
CA THR A 99 -34.48 2.07 -15.17
C THR A 99 -35.63 1.44 -14.38
N PRO A 100 -36.74 2.16 -14.23
CA PRO A 100 -37.85 1.57 -13.48
C PRO A 100 -38.35 0.30 -14.17
N GLU A 101 -38.24 0.28 -15.50
CA GLU A 101 -38.66 -0.88 -16.28
C GLU A 101 -37.85 -2.12 -15.93
N ILE A 102 -36.53 -1.96 -15.84
CA ILE A 102 -35.63 -3.06 -15.52
C ILE A 102 -35.95 -3.61 -14.13
N VAL A 103 -36.15 -2.71 -13.17
CA VAL A 103 -36.47 -3.11 -11.82
C VAL A 103 -37.78 -3.89 -11.76
N ASP A 104 -38.80 -3.39 -12.45
CA ASP A 104 -40.09 -4.07 -12.45
C ASP A 104 -40.00 -5.47 -13.06
N LYS A 105 -39.27 -5.59 -14.17
CA LYS A 105 -39.15 -6.89 -14.82
C LYS A 105 -38.53 -7.92 -13.89
N VAL A 106 -37.41 -7.55 -13.26
CA VAL A 106 -36.71 -8.46 -12.37
C VAL A 106 -37.48 -8.74 -11.09
N TYR A 107 -37.97 -7.70 -10.44
CA TYR A 107 -38.69 -7.87 -9.20
C TYR A 107 -40.06 -8.53 -9.33
N ASN A 108 -40.78 -8.26 -10.41
CA ASN A 108 -42.09 -8.87 -10.57
C ASN A 108 -41.96 -10.39 -10.68
N ILE A 109 -40.88 -10.85 -11.28
CA ILE A 109 -40.66 -12.29 -11.43
C ILE A 109 -39.97 -12.89 -10.19
N ASN A 110 -38.80 -12.35 -9.87
CA ASN A 110 -38.00 -12.82 -8.75
C ASN A 110 -38.59 -12.63 -7.36
N VAL A 111 -39.22 -11.49 -7.11
CA VAL A 111 -39.78 -11.22 -5.78
C VAL A 111 -41.27 -11.54 -5.67
N LYS A 112 -42.10 -10.92 -6.50
CA LYS A 112 -43.53 -11.18 -6.44
C LYS A 112 -43.81 -12.66 -6.70
N GLY A 113 -43.10 -13.25 -7.66
CA GLY A 113 -43.30 -14.65 -7.97
C GLY A 113 -43.14 -15.52 -6.75
N VAL A 114 -42.16 -15.20 -5.91
CA VAL A 114 -41.93 -15.95 -4.69
C VAL A 114 -43.06 -15.71 -3.70
N ILE A 115 -43.53 -14.47 -3.59
CA ILE A 115 -44.64 -14.20 -2.67
C ILE A 115 -45.87 -14.99 -3.08
N TRP A 116 -46.20 -14.94 -4.37
CA TRP A 116 -47.39 -15.66 -4.86
C TRP A 116 -47.25 -17.17 -4.63
N GLY A 117 -46.04 -17.68 -4.83
CA GLY A 117 -45.81 -19.11 -4.63
C GLY A 117 -46.00 -19.49 -3.17
N ILE A 118 -45.51 -18.63 -2.27
CA ILE A 118 -45.66 -18.87 -0.85
C ILE A 118 -47.16 -18.90 -0.51
N GLN A 119 -47.89 -17.89 -0.97
CA GLN A 119 -49.33 -17.82 -0.68
C GLN A 119 -50.09 -19.01 -1.25
N ALA A 120 -49.82 -19.34 -2.52
CA ALA A 120 -50.52 -20.43 -3.17
C ALA A 120 -50.24 -21.75 -2.47
N ALA A 121 -49.00 -21.93 -2.03
CA ALA A 121 -48.60 -23.14 -1.34
C ALA A 121 -49.29 -23.24 0.02
N VAL A 122 -49.34 -22.14 0.74
CA VAL A 122 -49.99 -22.12 2.06
C VAL A 122 -51.44 -22.58 1.95
N GLU A 123 -52.16 -22.06 0.96
CA GLU A 123 -53.55 -22.42 0.79
C GLU A 123 -53.69 -23.87 0.36
N ALA A 124 -52.78 -24.33 -0.48
CA ALA A 124 -52.81 -25.71 -0.94
C ALA A 124 -52.58 -26.65 0.24
N PHE A 125 -51.60 -26.32 1.08
CA PHE A 125 -51.31 -27.15 2.24
C PHE A 125 -52.52 -27.22 3.15
N LYS A 126 -53.16 -26.07 3.38
CA LYS A 126 -54.35 -26.03 4.23
C LYS A 126 -55.45 -26.91 3.64
N LYS A 127 -55.63 -26.84 2.33
CA LYS A 127 -56.67 -27.64 1.67
C LYS A 127 -56.36 -29.13 1.74
N GLU A 128 -55.07 -29.48 1.77
CA GLU A 128 -54.66 -30.87 1.85
C GLU A 128 -54.68 -31.34 3.30
N GLY A 129 -54.92 -30.40 4.22
CA GLY A 129 -54.99 -30.73 5.63
C GLY A 129 -53.70 -31.06 6.34
N HIS A 130 -52.60 -30.45 5.94
CA HIS A 130 -51.32 -30.71 6.59
C HIS A 130 -50.33 -29.57 6.39
N GLY A 131 -49.09 -29.78 6.82
CA GLY A 131 -48.07 -28.76 6.67
C GLY A 131 -47.41 -28.86 5.31
N GLY A 132 -46.17 -28.38 5.21
CA GLY A 132 -45.49 -28.44 3.93
C GLY A 132 -44.15 -27.75 3.92
N LYS A 133 -43.46 -27.85 2.78
CA LYS A 133 -42.16 -27.24 2.64
C LYS A 133 -42.16 -26.25 1.48
N ILE A 134 -41.73 -25.03 1.76
CA ILE A 134 -41.63 -24.00 0.73
C ILE A 134 -40.12 -23.81 0.55
N ILE A 135 -39.68 -23.90 -0.70
CA ILE A 135 -38.26 -23.77 -1.04
C ILE A 135 -38.08 -22.69 -2.10
N ASN A 136 -37.28 -21.67 -1.79
CA ASN A 136 -37.07 -20.58 -2.74
C ASN A 136 -35.67 -20.53 -3.30
N ALA A 137 -35.56 -20.14 -4.56
CA ALA A 137 -34.27 -20.02 -5.22
C ALA A 137 -33.65 -18.67 -4.88
N CYS A 138 -32.53 -18.70 -4.17
CA CYS A 138 -31.81 -17.49 -3.81
C CYS A 138 -30.53 -17.51 -4.64
N SER A 139 -29.41 -17.08 -4.05
CA SER A 139 -28.14 -17.05 -4.75
C SER A 139 -27.08 -16.54 -3.78
N GLN A 140 -25.81 -16.83 -4.04
CA GLN A 140 -24.79 -16.31 -3.14
C GLN A 140 -24.90 -14.78 -3.24
N ALA A 141 -25.42 -14.31 -4.37
CA ALA A 141 -25.59 -12.88 -4.60
C ALA A 141 -26.74 -12.35 -3.75
N GLY A 142 -27.41 -13.26 -3.04
CA GLY A 142 -28.51 -12.90 -2.16
C GLY A 142 -27.98 -12.76 -0.74
N HIS A 143 -26.70 -13.06 -0.57
CA HIS A 143 -26.02 -12.94 0.72
C HIS A 143 -25.00 -11.81 0.69
N VAL A 144 -24.39 -11.62 -0.48
CA VAL A 144 -23.40 -10.57 -0.68
C VAL A 144 -23.65 -9.95 -2.05
N GLY A 145 -23.86 -8.64 -2.07
CA GLY A 145 -24.12 -7.96 -3.34
C GLY A 145 -22.98 -8.20 -4.32
N ASN A 146 -23.32 -8.67 -5.51
CA ASN A 146 -22.33 -8.95 -6.55
C ASN A 146 -22.13 -7.74 -7.46
N PRO A 147 -20.90 -7.57 -7.97
CA PRO A 147 -20.62 -6.43 -8.86
C PRO A 147 -21.41 -6.55 -10.17
N GLU A 148 -21.81 -5.41 -10.72
CA GLU A 148 -22.57 -5.34 -11.96
C GLU A 148 -23.93 -6.01 -11.92
N LEU A 149 -24.33 -6.48 -10.74
CA LEU A 149 -25.63 -7.17 -10.61
C LEU A 149 -26.49 -6.55 -9.51
N ALA A 150 -26.55 -5.22 -9.47
CA ALA A 150 -27.33 -4.53 -8.44
C ALA A 150 -28.79 -4.97 -8.35
N VAL A 151 -29.50 -4.92 -9.46
CA VAL A 151 -30.90 -5.30 -9.46
C VAL A 151 -31.11 -6.77 -9.13
N TYR A 152 -30.35 -7.64 -9.77
CA TYR A 152 -30.48 -9.07 -9.52
C TYR A 152 -30.14 -9.42 -8.06
N SER A 153 -28.99 -8.94 -7.59
CA SER A 153 -28.55 -9.21 -6.22
C SER A 153 -29.60 -8.75 -5.21
N SER A 154 -30.07 -7.51 -5.34
CA SER A 154 -31.05 -7.01 -4.40
C SER A 154 -32.35 -7.81 -4.43
N SER A 155 -32.72 -8.32 -5.61
CA SER A 155 -33.94 -9.11 -5.70
C SER A 155 -33.76 -10.42 -4.95
N LYS A 156 -32.54 -10.96 -4.96
CA LYS A 156 -32.30 -12.21 -4.25
C LYS A 156 -32.18 -11.97 -2.74
N PHE A 157 -31.74 -10.77 -2.36
CA PHE A 157 -31.67 -10.44 -0.94
C PHE A 157 -33.12 -10.40 -0.46
N ALA A 158 -33.99 -9.81 -1.26
CA ALA A 158 -35.41 -9.72 -0.92
C ALA A 158 -36.01 -11.11 -0.78
N VAL A 159 -35.63 -12.02 -1.66
CA VAL A 159 -36.15 -13.39 -1.59
C VAL A 159 -35.74 -14.03 -0.26
N ARG A 160 -34.52 -13.75 0.19
CA ARG A 160 -34.06 -14.31 1.46
C ARG A 160 -34.87 -13.69 2.59
N GLY A 161 -35.14 -12.39 2.48
CA GLY A 161 -35.93 -11.73 3.50
C GLY A 161 -37.30 -12.38 3.62
N LEU A 162 -37.95 -12.61 2.48
CA LEU A 162 -39.27 -13.24 2.46
C LEU A 162 -39.18 -14.64 3.05
N THR A 163 -38.10 -15.33 2.72
CA THR A 163 -37.88 -16.68 3.21
C THR A 163 -37.88 -16.71 4.73
N GLN A 164 -37.17 -15.76 5.33
CA GLN A 164 -37.08 -15.69 6.77
C GLN A 164 -38.39 -15.29 7.45
N THR A 165 -39.03 -14.22 6.99
CA THR A 165 -40.29 -13.81 7.62
C THR A 165 -41.33 -14.91 7.48
N ALA A 166 -41.41 -15.51 6.29
CA ALA A 166 -42.37 -16.58 6.03
C ALA A 166 -42.13 -17.75 6.96
N ALA A 167 -40.87 -18.11 7.16
CA ALA A 167 -40.54 -19.22 8.05
C ALA A 167 -41.09 -18.92 9.45
N ARG A 168 -40.97 -17.68 9.89
CA ARG A 168 -41.44 -17.31 11.21
C ARG A 168 -42.97 -17.21 11.30
N ASP A 169 -43.59 -16.60 10.29
CA ASP A 169 -45.04 -16.44 10.26
C ASP A 169 -45.82 -17.74 10.03
N LEU A 170 -45.27 -18.62 9.20
CA LEU A 170 -45.94 -19.87 8.85
C LEU A 170 -45.61 -21.09 9.72
N ALA A 171 -44.69 -20.92 10.66
CA ALA A 171 -44.30 -22.03 11.53
C ALA A 171 -45.50 -22.73 12.20
N PRO A 172 -46.44 -21.95 12.75
CA PRO A 172 -47.62 -22.51 13.42
C PRO A 172 -48.47 -23.42 12.53
N LEU A 173 -48.34 -23.25 11.22
CA LEU A 173 -49.10 -24.06 10.27
C LEU A 173 -48.35 -25.32 9.87
N GLY A 174 -47.21 -25.56 10.53
CA GLY A 174 -46.40 -26.73 10.25
C GLY A 174 -45.69 -26.62 8.92
N ILE A 175 -45.42 -25.38 8.52
CA ILE A 175 -44.75 -25.11 7.25
C ILE A 175 -43.35 -24.55 7.49
N THR A 176 -42.37 -25.08 6.76
CA THR A 176 -41.01 -24.58 6.86
C THR A 176 -40.74 -23.83 5.56
N VAL A 177 -39.84 -22.85 5.61
CA VAL A 177 -39.49 -22.07 4.43
C VAL A 177 -37.98 -21.92 4.40
N ASN A 178 -37.35 -22.46 3.36
CA ASN A 178 -35.90 -22.40 3.21
C ASN A 178 -35.57 -22.02 1.78
N GLY A 179 -34.30 -21.71 1.54
CA GLY A 179 -33.87 -21.35 0.21
C GLY A 179 -32.55 -21.99 -0.13
N TYR A 180 -32.22 -22.02 -1.42
CA TYR A 180 -30.95 -22.57 -1.86
C TYR A 180 -30.22 -21.46 -2.61
N CYS A 181 -28.91 -21.37 -2.39
CA CYS A 181 -28.11 -20.32 -2.99
C CYS A 181 -26.99 -20.84 -3.88
N PRO A 182 -27.24 -20.91 -5.20
CA PRO A 182 -26.23 -21.38 -6.15
C PRO A 182 -25.15 -20.33 -6.38
N GLY A 183 -24.06 -20.75 -7.01
CA GLY A 183 -22.97 -19.84 -7.31
C GLY A 183 -22.97 -19.53 -8.80
N ILE A 184 -22.00 -20.06 -9.54
CA ILE A 184 -21.93 -19.84 -10.98
C ILE A 184 -22.31 -21.19 -11.60
N VAL A 185 -23.53 -21.27 -12.11
CA VAL A 185 -24.04 -22.51 -12.69
C VAL A 185 -24.13 -22.47 -14.21
N LYS A 186 -23.72 -23.57 -14.83
CA LYS A 186 -23.73 -23.67 -16.28
C LYS A 186 -25.13 -23.84 -16.86
N THR A 187 -25.82 -22.71 -17.02
CA THR A 187 -27.16 -22.69 -17.57
C THR A 187 -27.23 -21.47 -18.49
N PRO A 188 -28.31 -21.36 -19.27
CA PRO A 188 -28.45 -20.20 -20.17
C PRO A 188 -28.45 -18.87 -19.42
N MET A 189 -28.94 -18.89 -18.18
CA MET A 189 -28.97 -17.67 -17.38
C MET A 189 -27.57 -17.11 -17.17
N TRP A 190 -26.64 -17.95 -16.72
CA TRP A 190 -25.30 -17.44 -16.51
C TRP A 190 -24.60 -17.10 -17.82
N ALA A 191 -24.88 -17.88 -18.86
CA ALA A 191 -24.27 -17.62 -20.16
C ALA A 191 -24.59 -16.20 -20.60
N GLU A 192 -25.82 -15.78 -20.35
CA GLU A 192 -26.27 -14.44 -20.72
C GLU A 192 -25.60 -13.37 -19.86
N ILE A 193 -25.40 -13.66 -18.57
CA ILE A 193 -24.76 -12.69 -17.69
C ILE A 193 -23.34 -12.48 -18.18
N ASP A 194 -22.66 -13.58 -18.51
CA ASP A 194 -21.29 -13.49 -18.99
C ASP A 194 -21.22 -12.70 -20.30
N ARG A 195 -22.18 -12.92 -21.19
CA ARG A 195 -22.18 -12.23 -22.46
C ARG A 195 -22.28 -10.72 -22.23
N GLN A 196 -23.26 -10.33 -21.41
CA GLN A 196 -23.47 -8.92 -21.10
C GLN A 196 -22.26 -8.26 -20.45
N VAL A 197 -21.71 -8.92 -19.43
CA VAL A 197 -20.54 -8.39 -18.73
C VAL A 197 -19.31 -8.33 -19.63
N SER A 198 -19.10 -9.38 -20.42
CA SER A 198 -17.95 -9.44 -21.32
C SER A 198 -18.04 -8.32 -22.35
N GLU A 199 -19.19 -8.22 -23.02
CA GLU A 199 -19.39 -7.19 -24.04
C GLU A 199 -19.22 -5.79 -23.46
N ALA A 200 -19.74 -5.58 -22.26
CA ALA A 200 -19.63 -4.28 -21.61
C ALA A 200 -18.18 -3.92 -21.33
N ALA A 201 -17.38 -4.92 -20.98
CA ALA A 201 -15.97 -4.72 -20.68
C ALA A 201 -15.11 -4.67 -21.93
N GLY A 202 -15.70 -4.99 -23.07
CA GLY A 202 -14.95 -4.99 -24.31
C GLY A 202 -13.98 -6.14 -24.35
N LYS A 203 -14.30 -7.19 -23.60
CA LYS A 203 -13.45 -8.38 -23.55
C LYS A 203 -14.19 -9.57 -24.14
N PRO A 204 -13.45 -10.61 -24.58
CA PRO A 204 -14.06 -11.80 -25.17
C PRO A 204 -15.02 -12.52 -24.22
N LEU A 205 -15.93 -13.29 -24.79
CA LEU A 205 -16.89 -14.05 -24.00
C LEU A 205 -16.10 -14.96 -23.07
N GLY A 206 -16.63 -15.17 -21.86
CA GLY A 206 -15.95 -16.01 -20.89
C GLY A 206 -15.24 -15.16 -19.85
N TYR A 207 -15.11 -13.87 -20.13
CA TYR A 207 -14.48 -12.94 -19.21
C TYR A 207 -15.20 -12.90 -17.87
N GLY A 208 -16.53 -12.72 -17.92
CA GLY A 208 -17.31 -12.65 -16.70
C GLY A 208 -17.26 -13.96 -15.94
N THR A 209 -17.42 -15.06 -16.65
CA THR A 209 -17.38 -16.38 -16.03
C THR A 209 -16.07 -16.57 -15.27
N ALA A 210 -14.96 -16.28 -15.94
CA ALA A 210 -13.64 -16.43 -15.34
C ALA A 210 -13.44 -15.52 -14.14
N GLU A 211 -13.91 -14.28 -14.23
CA GLU A 211 -13.75 -13.36 -13.11
C GLU A 211 -14.54 -13.81 -11.89
N PHE A 212 -15.81 -14.14 -12.08
CA PHE A 212 -16.62 -14.58 -10.96
C PHE A 212 -16.12 -15.91 -10.40
N ALA A 213 -15.72 -16.81 -11.29
CA ALA A 213 -15.24 -18.13 -10.89
C ALA A 213 -14.00 -18.09 -9.99
N LYS A 214 -13.26 -16.99 -10.03
CA LYS A 214 -12.07 -16.87 -9.20
C LYS A 214 -12.41 -16.94 -7.72
N ARG A 215 -13.67 -16.66 -7.39
CA ARG A 215 -14.09 -16.68 -5.99
C ARG A 215 -14.65 -18.02 -5.53
N ILE A 216 -14.73 -18.98 -6.44
CA ILE A 216 -15.25 -20.31 -6.10
C ILE A 216 -14.13 -21.13 -5.45
N THR A 217 -14.27 -21.36 -4.15
CA THR A 217 -13.27 -22.12 -3.40
C THR A 217 -12.97 -23.50 -4.01
N LEU A 218 -14.01 -24.23 -4.39
CA LEU A 218 -13.82 -25.56 -4.95
C LEU A 218 -13.12 -25.57 -6.32
N GLY A 219 -13.01 -24.41 -6.95
CA GLY A 219 -12.30 -24.31 -8.21
C GLY A 219 -12.93 -24.90 -9.46
N ARG A 220 -14.23 -25.08 -9.46
CA ARG A 220 -14.91 -25.59 -10.65
C ARG A 220 -16.30 -24.96 -10.73
N LEU A 221 -16.81 -24.82 -11.94
CA LEU A 221 -18.13 -24.23 -12.13
C LEU A 221 -19.15 -25.23 -11.64
N SER A 222 -20.36 -24.74 -11.37
CA SER A 222 -21.42 -25.60 -10.88
C SER A 222 -22.28 -26.20 -11.98
N GLU A 223 -22.75 -27.42 -11.75
CA GLU A 223 -23.63 -28.11 -12.68
C GLU A 223 -25.01 -27.93 -12.07
N PRO A 224 -26.07 -27.90 -12.90
CA PRO A 224 -27.41 -27.74 -12.36
C PRO A 224 -27.72 -28.82 -11.31
N GLU A 225 -27.13 -30.00 -11.51
CA GLU A 225 -27.34 -31.11 -10.59
C GLU A 225 -26.75 -30.88 -9.20
N ASP A 226 -25.74 -30.04 -9.09
CA ASP A 226 -25.17 -29.75 -7.78
C ASP A 226 -26.24 -29.05 -6.96
N VAL A 227 -26.93 -28.11 -7.60
CA VAL A 227 -28.00 -27.37 -6.93
C VAL A 227 -29.16 -28.31 -6.61
N ALA A 228 -29.53 -29.15 -7.57
CA ALA A 228 -30.63 -30.09 -7.37
C ALA A 228 -30.36 -31.02 -6.19
N ALA A 229 -29.09 -31.33 -5.96
CA ALA A 229 -28.70 -32.21 -4.85
C ALA A 229 -29.02 -31.56 -3.51
N CYS A 230 -28.81 -30.25 -3.42
CA CYS A 230 -29.11 -29.52 -2.19
C CYS A 230 -30.62 -29.41 -2.02
N VAL A 231 -31.33 -29.09 -3.10
CA VAL A 231 -32.78 -28.97 -3.03
C VAL A 231 -33.40 -30.30 -2.62
N SER A 232 -32.75 -31.40 -3.00
CA SER A 232 -33.27 -32.73 -2.63
C SER A 232 -33.33 -32.82 -1.11
N TYR A 233 -32.31 -32.30 -0.43
CA TYR A 233 -32.27 -32.33 1.01
C TYR A 233 -33.40 -31.46 1.58
N LEU A 234 -33.59 -30.28 0.97
CA LEU A 234 -34.62 -29.35 1.43
C LEU A 234 -36.04 -29.84 1.19
N ALA A 235 -36.20 -30.80 0.28
CA ALA A 235 -37.52 -31.35 -0.01
C ALA A 235 -37.77 -32.63 0.75
N SER A 236 -36.70 -33.18 1.35
CA SER A 236 -36.80 -34.43 2.10
C SER A 236 -37.11 -34.19 3.58
N PRO A 237 -37.55 -35.25 4.28
CA PRO A 237 -37.86 -35.12 5.70
C PRO A 237 -36.63 -34.82 6.54
N ASP A 238 -35.44 -35.04 5.98
CA ASP A 238 -34.20 -34.78 6.71
C ASP A 238 -34.00 -33.30 7.00
N SER A 239 -34.80 -32.45 6.38
CA SER A 239 -34.71 -31.01 6.59
C SER A 239 -35.89 -30.50 7.40
N ASP A 240 -36.65 -31.43 8.00
CA ASP A 240 -37.83 -31.07 8.80
C ASP A 240 -37.57 -30.09 9.94
N TYR A 241 -36.40 -30.18 10.57
CA TYR A 241 -36.10 -29.30 11.68
C TYR A 241 -35.31 -28.07 11.27
N MET A 242 -35.29 -27.80 9.96
CA MET A 242 -34.58 -26.64 9.44
C MET A 242 -35.57 -25.66 8.85
N THR A 243 -35.48 -24.39 9.24
CA THR A 243 -36.38 -23.39 8.67
C THR A 243 -35.76 -22.01 8.71
N GLY A 244 -36.10 -21.19 7.71
CA GLY A 244 -35.58 -19.83 7.64
C GLY A 244 -34.15 -19.76 7.13
N GLN A 245 -33.62 -20.86 6.62
CA GLN A 245 -32.25 -20.91 6.14
C GLN A 245 -32.12 -20.86 4.63
N SER A 246 -31.08 -20.19 4.15
CA SER A 246 -30.81 -20.10 2.73
C SER A 246 -29.42 -20.67 2.55
N LEU A 247 -29.38 -21.98 2.27
CA LEU A 247 -28.12 -22.71 2.13
C LEU A 247 -27.27 -22.32 0.94
N LEU A 248 -25.96 -22.25 1.18
CA LEU A 248 -25.02 -21.92 0.12
C LEU A 248 -24.46 -23.18 -0.51
N ILE A 249 -24.89 -23.44 -1.74
CA ILE A 249 -24.44 -24.61 -2.50
C ILE A 249 -23.78 -23.94 -3.71
N ASP A 250 -22.74 -23.17 -3.40
CA ASP A 250 -22.03 -22.36 -4.39
C ASP A 250 -20.56 -22.67 -4.58
N GLY A 251 -20.10 -23.81 -4.08
CA GLY A 251 -18.70 -24.15 -4.23
C GLY A 251 -17.80 -23.31 -3.32
N GLY A 252 -18.41 -22.61 -2.37
CA GLY A 252 -17.62 -21.81 -1.45
C GLY A 252 -17.28 -20.40 -1.92
N MET A 253 -18.28 -19.66 -2.40
CA MET A 253 -18.04 -18.29 -2.82
C MET A 253 -18.26 -17.39 -1.62
N VAL A 254 -19.32 -17.69 -0.87
CA VAL A 254 -19.67 -16.96 0.34
C VAL A 254 -19.74 -18.00 1.45
N PHE A 255 -19.26 -17.62 2.64
CA PHE A 255 -19.24 -18.51 3.79
C PHE A 255 -20.17 -18.04 4.91
N ASN A 256 -21.04 -18.93 5.37
CA ASN A 256 -21.90 -18.62 6.50
C ASN A 256 -21.68 -19.73 7.51
N LYS B 2 -19.46 25.27 3.46
CA LYS B 2 -19.31 23.96 4.15
C LYS B 2 -19.91 22.82 3.34
N LYS B 3 -19.64 21.59 3.78
CA LYS B 3 -20.15 20.40 3.11
C LYS B 3 -21.67 20.39 3.01
N VAL B 4 -22.17 19.70 1.98
CA VAL B 4 -23.60 19.62 1.74
C VAL B 4 -24.15 18.21 1.78
N ALA B 5 -25.30 18.06 2.41
CA ALA B 5 -25.97 16.77 2.52
C ALA B 5 -27.44 16.93 2.23
N LEU B 6 -28.02 15.94 1.57
CA LEU B 6 -29.45 15.93 1.29
C LEU B 6 -29.99 14.71 2.02
N VAL B 7 -31.07 14.91 2.78
CA VAL B 7 -31.68 13.83 3.54
C VAL B 7 -33.13 13.67 3.12
N THR B 8 -33.50 12.50 2.61
CA THR B 8 -34.89 12.28 2.21
C THR B 8 -35.72 11.87 3.43
N GLY B 9 -37.01 12.16 3.39
CA GLY B 9 -37.89 11.84 4.51
C GLY B 9 -37.47 12.62 5.74
N ALA B 10 -36.86 13.78 5.54
CA ALA B 10 -36.39 14.60 6.66
C ALA B 10 -37.44 15.46 7.34
N GLY B 11 -38.70 15.31 6.94
CA GLY B 11 -39.75 16.11 7.54
C GLY B 11 -40.14 15.71 8.95
N GLN B 12 -39.78 14.49 9.36
CA GLN B 12 -40.11 14.01 10.70
C GLN B 12 -39.27 12.78 11.06
N GLY B 13 -39.50 12.26 12.26
CA GLY B 13 -38.81 11.07 12.73
C GLY B 13 -37.31 11.01 12.63
N ILE B 14 -36.81 9.86 12.15
CA ILE B 14 -35.38 9.65 11.99
C ILE B 14 -34.75 10.62 11.02
N GLY B 15 -35.44 10.89 9.91
CA GLY B 15 -34.93 11.81 8.91
C GLY B 15 -34.68 13.19 9.50
N LYS B 16 -35.62 13.67 10.29
CA LYS B 16 -35.46 14.98 10.92
C LYS B 16 -34.28 14.95 11.87
N ALA B 17 -34.21 13.92 12.71
CA ALA B 17 -33.11 13.80 13.67
C ALA B 17 -31.76 13.81 12.95
N ILE B 18 -31.68 13.08 11.83
CA ILE B 18 -30.45 13.02 11.06
C ILE B 18 -30.07 14.41 10.54
N ALA B 19 -31.05 15.11 9.97
CA ALA B 19 -30.82 16.44 9.44
C ALA B 19 -30.28 17.38 10.51
N LEU B 20 -30.90 17.38 11.68
CA LEU B 20 -30.46 18.23 12.78
C LEU B 20 -29.04 17.90 13.23
N ARG B 21 -28.72 16.60 13.33
CA ARG B 21 -27.39 16.19 13.76
C ARG B 21 -26.35 16.59 12.71
N LEU B 22 -26.66 16.38 11.44
CA LEU B 22 -25.75 16.73 10.37
C LEU B 22 -25.47 18.23 10.38
N VAL B 23 -26.48 19.03 10.71
CA VAL B 23 -26.31 20.47 10.79
C VAL B 23 -25.35 20.78 11.94
N LYS B 24 -25.54 20.10 13.06
CA LYS B 24 -24.67 20.30 14.22
C LYS B 24 -23.25 19.90 13.84
N ASP B 25 -23.13 18.90 12.97
CA ASP B 25 -21.83 18.42 12.52
C ASP B 25 -21.14 19.40 11.57
N GLY B 26 -21.90 20.40 11.11
CA GLY B 26 -21.33 21.38 10.22
C GLY B 26 -21.81 21.35 8.78
N PHE B 27 -22.79 20.51 8.47
CA PHE B 27 -23.32 20.41 7.12
C PHE B 27 -24.44 21.39 6.84
N ALA B 28 -24.53 21.81 5.58
CA ALA B 28 -25.63 22.65 5.13
C ALA B 28 -26.48 21.50 4.64
N VAL B 29 -27.77 21.49 4.94
CA VAL B 29 -28.60 20.36 4.55
C VAL B 29 -29.87 20.66 3.77
N ALA B 30 -30.19 19.78 2.82
CA ALA B 30 -31.40 19.90 2.03
C ALA B 30 -32.41 18.96 2.68
N ILE B 31 -33.52 19.51 3.13
CA ILE B 31 -34.58 18.74 3.77
C ILE B 31 -35.55 18.30 2.68
N ALA B 32 -35.37 17.08 2.19
CA ALA B 32 -36.20 16.53 1.13
C ALA B 32 -37.32 15.65 1.66
N ASP B 33 -38.55 15.93 1.24
CA ASP B 33 -39.67 15.13 1.71
C ASP B 33 -40.88 15.27 0.78
N TYR B 34 -41.76 14.28 0.85
CA TYR B 34 -42.98 14.25 0.06
C TYR B 34 -43.91 15.30 0.65
N ASN B 35 -43.79 15.48 1.96
CA ASN B 35 -44.61 16.43 2.70
C ASN B 35 -43.96 17.82 2.70
N ASP B 36 -44.53 18.70 1.88
CA ASP B 36 -44.03 20.06 1.74
C ASP B 36 -44.05 20.83 3.06
N ALA B 37 -45.13 20.65 3.82
CA ALA B 37 -45.30 21.33 5.10
C ALA B 37 -44.24 20.98 6.14
N THR B 38 -44.02 19.69 6.38
CA THR B 38 -43.03 19.30 7.38
C THR B 38 -41.61 19.58 6.91
N ALA B 39 -41.38 19.50 5.61
CA ALA B 39 -40.04 19.77 5.09
C ALA B 39 -39.69 21.22 5.39
N LYS B 40 -40.61 22.13 5.10
CA LYS B 40 -40.38 23.55 5.35
C LYS B 40 -40.27 23.83 6.84
N ALA B 41 -41.04 23.12 7.65
CA ALA B 41 -41.02 23.30 9.10
C ALA B 41 -39.65 22.92 9.66
N VAL B 42 -39.09 21.82 9.16
CA VAL B 42 -37.79 21.38 9.64
C VAL B 42 -36.69 22.33 9.16
N ALA B 43 -36.77 22.75 7.89
CA ALA B 43 -35.77 23.66 7.34
C ALA B 43 -35.80 24.96 8.15
N SER B 44 -37.01 25.42 8.49
CA SER B 44 -37.15 26.64 9.26
C SER B 44 -36.53 26.51 10.65
N GLU B 45 -36.79 25.38 11.31
CA GLU B 45 -36.24 25.14 12.64
C GLU B 45 -34.71 25.22 12.60
N ILE B 46 -34.12 24.67 11.55
CA ILE B 46 -32.68 24.67 11.38
C ILE B 46 -32.15 26.09 11.17
N ASN B 47 -32.78 26.85 10.28
CA ASN B 47 -32.34 28.20 10.01
C ASN B 47 -32.55 29.13 11.21
N GLN B 48 -33.59 28.87 11.98
CA GLN B 48 -33.89 29.68 13.16
C GLN B 48 -32.79 29.51 14.21
N ALA B 49 -32.17 28.34 14.23
CA ALA B 49 -31.12 28.04 15.18
C ALA B 49 -29.72 28.38 14.67
N GLY B 50 -29.66 29.04 13.51
CA GLY B 50 -28.38 29.44 12.97
C GLY B 50 -27.78 28.54 11.90
N GLY B 51 -28.45 27.44 11.58
CA GLY B 51 -27.94 26.53 10.57
C GLY B 51 -28.29 26.98 9.16
N HIS B 52 -27.93 26.15 8.18
CA HIS B 52 -28.21 26.45 6.79
C HIS B 52 -28.95 25.27 6.16
N ALA B 53 -30.24 25.45 5.92
CA ALA B 53 -31.06 24.41 5.34
C ALA B 53 -32.07 24.93 4.33
N VAL B 54 -32.49 24.06 3.42
CA VAL B 54 -33.47 24.42 2.42
C VAL B 54 -34.41 23.23 2.25
N ALA B 55 -35.69 23.51 2.11
CA ALA B 55 -36.68 22.46 1.94
C ALA B 55 -36.83 22.13 0.45
N VAL B 56 -36.96 20.85 0.15
CA VAL B 56 -37.11 20.41 -1.23
C VAL B 56 -38.21 19.35 -1.29
N LYS B 57 -39.27 19.65 -2.01
CA LYS B 57 -40.39 18.74 -2.16
C LYS B 57 -40.06 17.69 -3.22
N VAL B 58 -40.17 16.42 -2.85
CA VAL B 58 -39.85 15.35 -3.77
C VAL B 58 -40.42 14.01 -3.35
N ASP B 59 -40.91 13.27 -4.33
CA ASP B 59 -41.45 11.94 -4.11
C ASP B 59 -40.31 11.05 -4.59
N VAL B 60 -39.61 10.42 -3.64
CA VAL B 60 -38.48 9.58 -3.97
C VAL B 60 -38.77 8.41 -4.91
N SER B 61 -40.04 8.04 -5.03
CA SER B 61 -40.39 6.93 -5.91
C SER B 61 -40.29 7.35 -7.38
N ASP B 62 -40.16 8.66 -7.59
CA ASP B 62 -40.05 9.21 -8.95
C ASP B 62 -38.60 9.55 -9.27
N ARG B 63 -38.02 8.83 -10.22
CA ARG B 63 -36.62 9.04 -10.60
C ARG B 63 -36.28 10.47 -11.00
N ASP B 64 -37.04 11.06 -11.91
CA ASP B 64 -36.76 12.42 -12.33
C ASP B 64 -36.83 13.42 -11.19
N GLN B 65 -37.79 13.24 -10.28
CA GLN B 65 -37.92 14.14 -9.14
C GLN B 65 -36.71 14.08 -8.23
N VAL B 66 -36.17 12.88 -8.04
CA VAL B 66 -34.98 12.71 -7.19
C VAL B 66 -33.79 13.44 -7.78
N PHE B 67 -33.56 13.27 -9.07
CA PHE B 67 -32.45 13.95 -9.71
C PHE B 67 -32.64 15.46 -9.56
N ALA B 68 -33.85 15.92 -9.82
CA ALA B 68 -34.18 17.34 -9.72
C ALA B 68 -33.92 17.87 -8.31
N ALA B 69 -34.28 17.07 -7.31
CA ALA B 69 -34.09 17.47 -5.92
C ALA B 69 -32.61 17.59 -5.59
N VAL B 70 -31.83 16.61 -6.02
CA VAL B 70 -30.39 16.61 -5.77
C VAL B 70 -29.71 17.79 -6.45
N GLU B 71 -30.11 18.07 -7.68
CA GLU B 71 -29.52 19.19 -8.42
C GLU B 71 -29.91 20.52 -7.78
N GLN B 72 -31.17 20.62 -7.35
CA GLN B 72 -31.65 21.84 -6.71
C GLN B 72 -30.82 22.10 -5.45
N ALA B 73 -30.60 21.05 -4.67
CA ALA B 73 -29.81 21.17 -3.45
C ALA B 73 -28.36 21.53 -3.76
N ARG B 74 -27.79 20.88 -4.77
CA ARG B 74 -26.41 21.13 -5.17
C ARG B 74 -26.17 22.59 -5.56
N LYS B 75 -27.06 23.12 -6.39
CA LYS B 75 -26.94 24.51 -6.84
C LYS B 75 -27.17 25.51 -5.71
N THR B 76 -28.26 25.33 -4.98
CA THR B 76 -28.63 26.22 -3.89
C THR B 76 -27.65 26.24 -2.71
N LEU B 77 -27.17 25.06 -2.31
CA LEU B 77 -26.25 24.97 -1.17
C LEU B 77 -24.78 25.08 -1.56
N GLY B 78 -24.51 25.09 -2.86
CA GLY B 78 -23.14 25.23 -3.34
C GLY B 78 -22.27 23.99 -3.28
N GLY B 79 -22.87 22.81 -3.43
CA GLY B 79 -22.08 21.59 -3.40
C GLY B 79 -22.93 20.37 -3.08
N PHE B 80 -22.28 19.21 -3.03
CA PHE B 80 -22.97 17.96 -2.71
C PHE B 80 -21.93 16.95 -2.26
N ASP B 81 -22.01 16.55 -1.00
CA ASP B 81 -21.04 15.63 -0.45
C ASP B 81 -21.61 14.34 0.13
N VAL B 82 -22.87 14.42 0.55
CA VAL B 82 -23.53 13.27 1.17
C VAL B 82 -25.02 13.22 0.88
N ILE B 83 -25.51 12.00 0.59
CA ILE B 83 -26.94 11.83 0.38
C ILE B 83 -27.39 10.73 1.34
N VAL B 84 -28.50 10.98 2.03
CA VAL B 84 -29.02 10.00 2.96
C VAL B 84 -30.40 9.60 2.44
N ASN B 85 -30.48 8.39 1.87
CA ASN B 85 -31.74 7.89 1.35
C ASN B 85 -32.47 7.27 2.53
N ASN B 86 -33.18 8.13 3.26
CA ASN B 86 -33.90 7.76 4.47
C ASN B 86 -35.41 7.54 4.34
N ALA B 87 -36.04 8.25 3.41
CA ALA B 87 -37.49 8.10 3.23
C ALA B 87 -37.90 6.64 3.08
N GLY B 88 -39.00 6.25 3.73
CA GLY B 88 -39.46 4.89 3.63
C GLY B 88 -40.81 4.67 4.28
N VAL B 89 -41.46 3.56 3.93
CA VAL B 89 -42.76 3.20 4.49
C VAL B 89 -42.65 1.78 5.05
N ALA B 90 -43.48 1.45 6.02
CA ALA B 90 -43.41 0.13 6.63
C ALA B 90 -44.73 -0.46 7.10
N PRO B 91 -45.61 -0.83 6.16
CA PRO B 91 -46.89 -1.41 6.56
C PRO B 91 -46.65 -2.84 7.02
N SER B 92 -47.41 -3.28 8.04
CA SER B 92 -47.29 -4.67 8.49
C SER B 92 -48.04 -5.40 7.39
N THR B 93 -47.60 -6.60 7.03
CA THR B 93 -48.26 -7.32 5.95
C THR B 93 -48.47 -8.81 6.20
N PRO B 94 -49.66 -9.19 6.69
CA PRO B 94 -49.88 -10.62 6.91
C PRO B 94 -49.64 -11.27 5.55
N ILE B 95 -48.81 -12.30 5.50
CA ILE B 95 -48.48 -12.94 4.23
C ILE B 95 -49.64 -13.30 3.32
N GLU B 96 -50.70 -13.85 3.88
CA GLU B 96 -51.84 -14.25 3.04
C GLU B 96 -52.59 -13.07 2.40
N SER B 97 -52.41 -11.87 2.95
CA SER B 97 -53.12 -10.70 2.42
C SER B 97 -52.28 -9.79 1.52
N ILE B 98 -51.03 -10.16 1.26
CA ILE B 98 -50.17 -9.34 0.41
C ILE B 98 -50.71 -9.24 -1.01
N THR B 99 -50.77 -8.01 -1.53
CA THR B 99 -51.26 -7.76 -2.88
C THR B 99 -50.17 -7.10 -3.71
N PRO B 100 -50.35 -7.11 -5.05
CA PRO B 100 -49.34 -6.48 -5.90
C PRO B 100 -49.24 -4.99 -5.55
N GLU B 101 -50.38 -4.39 -5.22
CA GLU B 101 -50.43 -2.97 -4.87
C GLU B 101 -49.59 -2.67 -3.63
N ILE B 102 -49.69 -3.52 -2.62
CA ILE B 102 -48.93 -3.35 -1.38
C ILE B 102 -47.43 -3.45 -1.67
N VAL B 103 -47.04 -4.43 -2.47
CA VAL B 103 -45.64 -4.61 -2.80
C VAL B 103 -45.12 -3.41 -3.59
N ASP B 104 -45.89 -2.96 -4.58
CA ASP B 104 -45.46 -1.81 -5.39
C ASP B 104 -45.27 -0.58 -4.51
N LYS B 105 -46.23 -0.29 -3.64
CA LYS B 105 -46.11 0.90 -2.80
C LYS B 105 -44.84 0.88 -1.97
N VAL B 106 -44.59 -0.23 -1.28
CA VAL B 106 -43.42 -0.34 -0.43
C VAL B 106 -42.12 -0.34 -1.21
N TYR B 107 -42.05 -1.13 -2.28
CA TYR B 107 -40.84 -1.21 -3.07
C TYR B 107 -40.54 0.04 -3.92
N ASN B 108 -41.57 0.69 -4.43
CA ASN B 108 -41.32 1.89 -5.24
C ASN B 108 -40.66 2.98 -4.42
N ILE B 109 -40.98 3.02 -3.12
CA ILE B 109 -40.40 4.01 -2.22
C ILE B 109 -39.11 3.54 -1.59
N ASN B 110 -39.18 2.39 -0.91
CA ASN B 110 -38.03 1.83 -0.20
C ASN B 110 -36.87 1.33 -1.06
N VAL B 111 -37.17 0.76 -2.22
CA VAL B 111 -36.12 0.23 -3.08
C VAL B 111 -35.80 1.13 -4.27
N LYS B 112 -36.79 1.45 -5.10
CA LYS B 112 -36.51 2.32 -6.25
C LYS B 112 -35.98 3.67 -5.76
N GLY B 113 -36.59 4.19 -4.70
CA GLY B 113 -36.16 5.47 -4.16
C GLY B 113 -34.68 5.48 -3.82
N VAL B 114 -34.19 4.37 -3.29
CA VAL B 114 -32.77 4.27 -2.95
C VAL B 114 -31.92 4.22 -4.21
N ILE B 115 -32.38 3.48 -5.22
CA ILE B 115 -31.64 3.39 -6.47
C ILE B 115 -31.51 4.78 -7.10
N TRP B 116 -32.62 5.51 -7.17
CA TRP B 116 -32.63 6.85 -7.76
C TRP B 116 -31.70 7.77 -6.98
N GLY B 117 -31.71 7.65 -5.65
CA GLY B 117 -30.86 8.48 -4.83
C GLY B 117 -29.40 8.18 -5.14
N ILE B 118 -29.08 6.90 -5.28
CA ILE B 118 -27.72 6.50 -5.59
C ILE B 118 -27.28 7.10 -6.93
N GLN B 119 -28.11 6.96 -7.95
CA GLN B 119 -27.79 7.48 -9.27
C GLN B 119 -27.62 8.99 -9.30
N ALA B 120 -28.57 9.70 -8.69
CA ALA B 120 -28.52 11.17 -8.66
C ALA B 120 -27.28 11.67 -7.92
N ALA B 121 -26.93 10.99 -6.83
CA ALA B 121 -25.76 11.38 -6.05
C ALA B 121 -24.49 11.17 -6.87
N VAL B 122 -24.42 10.04 -7.57
CA VAL B 122 -23.25 9.74 -8.39
C VAL B 122 -23.01 10.87 -9.39
N GLU B 123 -24.06 11.27 -10.10
CA GLU B 123 -23.91 12.35 -11.08
C GLU B 123 -23.55 13.66 -10.40
N ALA B 124 -24.15 13.91 -9.23
CA ALA B 124 -23.87 15.14 -8.49
C ALA B 124 -22.39 15.18 -8.08
N PHE B 125 -21.88 14.06 -7.58
CA PHE B 125 -20.47 14.00 -7.16
C PHE B 125 -19.55 14.27 -8.36
N LYS B 126 -19.89 13.69 -9.51
CA LYS B 126 -19.09 13.88 -10.71
C LYS B 126 -19.08 15.36 -11.10
N LYS B 127 -20.25 15.98 -11.10
CA LYS B 127 -20.36 17.40 -11.46
C LYS B 127 -19.56 18.27 -10.49
N GLU B 128 -19.45 17.83 -9.25
CA GLU B 128 -18.69 18.58 -8.25
C GLU B 128 -17.20 18.28 -8.39
N GLY B 129 -16.88 17.24 -9.17
CA GLY B 129 -15.49 16.88 -9.38
C GLY B 129 -14.79 16.14 -8.25
N HIS B 130 -15.55 15.37 -7.47
CA HIS B 130 -14.95 14.62 -6.39
C HIS B 130 -15.77 13.39 -6.04
N GLY B 131 -15.39 12.70 -4.95
CA GLY B 131 -16.12 11.51 -4.55
C GLY B 131 -17.24 11.87 -3.59
N GLY B 132 -17.73 10.89 -2.83
CA GLY B 132 -18.80 11.20 -1.91
C GLY B 132 -19.27 10.03 -1.07
N LYS B 133 -20.27 10.28 -0.23
CA LYS B 133 -20.81 9.26 0.65
C LYS B 133 -22.31 9.09 0.40
N ILE B 134 -22.72 7.85 0.19
CA ILE B 134 -24.12 7.51 -0.01
C ILE B 134 -24.48 6.67 1.21
N ILE B 135 -25.52 7.10 1.92
CA ILE B 135 -25.97 6.41 3.13
C ILE B 135 -27.43 6.03 2.99
N ASN B 136 -27.74 4.74 3.13
CA ASN B 136 -29.10 4.26 2.98
C ASN B 136 -29.72 3.77 4.28
N ALA B 137 -31.02 3.99 4.42
CA ALA B 137 -31.74 3.54 5.60
C ALA B 137 -32.15 2.09 5.45
N CYS B 138 -31.58 1.22 6.29
CA CYS B 138 -31.91 -0.18 6.27
C CYS B 138 -32.71 -0.45 7.54
N SER B 139 -32.47 -1.57 8.20
CA SER B 139 -33.20 -1.92 9.42
C SER B 139 -32.65 -3.25 9.91
N GLN B 140 -32.86 -3.58 11.18
CA GLN B 140 -32.39 -4.88 11.63
C GLN B 140 -33.22 -5.91 10.88
N ALA B 141 -34.39 -5.50 10.41
CA ALA B 141 -35.27 -6.38 9.65
C ALA B 141 -34.72 -6.59 8.24
N GLY B 142 -33.63 -5.88 7.95
CA GLY B 142 -32.98 -6.01 6.66
C GLY B 142 -31.84 -7.01 6.74
N HIS B 143 -31.64 -7.53 7.96
CA HIS B 143 -30.60 -8.53 8.23
C HIS B 143 -31.27 -9.85 8.61
N VAL B 144 -32.41 -9.74 9.28
CA VAL B 144 -33.18 -10.90 9.72
C VAL B 144 -34.65 -10.62 9.50
N GLY B 145 -35.31 -11.43 8.68
CA GLY B 145 -36.73 -11.21 8.41
C GLY B 145 -37.53 -11.17 9.69
N ASN B 146 -38.30 -10.11 9.87
CA ASN B 146 -39.12 -9.94 11.06
C ASN B 146 -40.53 -10.48 10.85
N PRO B 147 -41.16 -10.99 11.92
CA PRO B 147 -42.52 -11.51 11.80
C PRO B 147 -43.52 -10.41 11.48
N GLU B 148 -44.56 -10.76 10.72
CA GLU B 148 -45.62 -9.83 10.32
C GLU B 148 -45.15 -8.71 9.41
N LEU B 149 -43.86 -8.72 9.06
CA LEU B 149 -43.29 -7.67 8.20
C LEU B 149 -42.62 -8.23 6.95
N ALA B 150 -43.28 -9.17 6.28
CA ALA B 150 -42.73 -9.79 5.08
C ALA B 150 -42.30 -8.81 3.98
N VAL B 151 -43.21 -7.94 3.58
CA VAL B 151 -42.90 -6.98 2.52
C VAL B 151 -41.84 -5.97 2.96
N TYR B 152 -42.03 -5.40 4.15
CA TYR B 152 -41.09 -4.41 4.65
C TYR B 152 -39.69 -5.01 4.83
N SER B 153 -39.62 -6.15 5.52
CA SER B 153 -38.34 -6.81 5.75
C SER B 153 -37.62 -7.09 4.44
N SER B 154 -38.33 -7.69 3.48
CA SER B 154 -37.72 -8.01 2.21
C SER B 154 -37.25 -6.75 1.47
N SER B 155 -37.98 -5.64 1.63
CA SER B 155 -37.56 -4.41 0.95
C SER B 155 -36.26 -3.89 1.56
N LYS B 156 -36.09 -4.07 2.86
CA LYS B 156 -34.86 -3.60 3.51
C LYS B 156 -33.70 -4.52 3.19
N PHE B 157 -33.98 -5.80 2.97
CA PHE B 157 -32.92 -6.74 2.57
C PHE B 157 -32.45 -6.24 1.21
N ALA B 158 -33.41 -5.88 0.37
CA ALA B 158 -33.10 -5.38 -0.97
C ALA B 158 -32.21 -4.15 -0.90
N VAL B 159 -32.52 -3.25 0.03
CA VAL B 159 -31.72 -2.04 0.19
C VAL B 159 -30.28 -2.40 0.56
N ARG B 160 -30.11 -3.41 1.41
CA ARG B 160 -28.77 -3.83 1.80
C ARG B 160 -28.04 -4.42 0.60
N GLY B 161 -28.77 -5.16 -0.23
CA GLY B 161 -28.17 -5.73 -1.42
C GLY B 161 -27.68 -4.63 -2.35
N LEU B 162 -28.51 -3.60 -2.53
CA LEU B 162 -28.15 -2.46 -3.37
C LEU B 162 -26.93 -1.77 -2.78
N THR B 163 -26.94 -1.62 -1.47
CA THR B 163 -25.85 -0.96 -0.76
C THR B 163 -24.52 -1.67 -1.03
N GLN B 164 -24.54 -2.99 -0.98
CA GLN B 164 -23.32 -3.76 -1.22
C GLN B 164 -22.84 -3.72 -2.67
N THR B 165 -23.74 -3.93 -3.63
CA THR B 165 -23.33 -3.88 -5.04
C THR B 165 -22.87 -2.48 -5.39
N ALA B 166 -23.59 -1.47 -4.89
CA ALA B 166 -23.24 -0.08 -5.18
C ALA B 166 -21.85 0.22 -4.62
N ALA B 167 -21.56 -0.30 -3.43
CA ALA B 167 -20.26 -0.05 -2.81
C ALA B 167 -19.14 -0.59 -3.71
N ARG B 168 -19.36 -1.76 -4.30
CA ARG B 168 -18.35 -2.36 -5.16
C ARG B 168 -18.24 -1.65 -6.52
N ASP B 169 -19.38 -1.39 -7.14
CA ASP B 169 -19.41 -0.73 -8.45
C ASP B 169 -18.95 0.72 -8.46
N LEU B 170 -19.22 1.44 -7.38
CA LEU B 170 -18.86 2.86 -7.31
C LEU B 170 -17.54 3.21 -6.66
N ALA B 171 -16.87 2.21 -6.09
CA ALA B 171 -15.59 2.42 -5.43
C ALA B 171 -14.57 3.18 -6.29
N PRO B 172 -14.45 2.84 -7.58
CA PRO B 172 -13.48 3.55 -8.42
C PRO B 172 -13.75 5.04 -8.61
N LEU B 173 -14.95 5.48 -8.23
CA LEU B 173 -15.32 6.89 -8.36
C LEU B 173 -15.08 7.64 -7.06
N GLY B 174 -14.48 6.96 -6.08
CA GLY B 174 -14.22 7.59 -4.80
C GLY B 174 -15.48 7.70 -3.97
N ILE B 175 -16.43 6.81 -4.23
CA ILE B 175 -17.70 6.81 -3.52
C ILE B 175 -17.87 5.58 -2.63
N THR B 176 -18.31 5.79 -1.40
CA THR B 176 -18.55 4.69 -0.48
C THR B 176 -20.07 4.60 -0.32
N VAL B 177 -20.56 3.40 -0.01
CA VAL B 177 -21.99 3.21 0.17
C VAL B 177 -22.21 2.33 1.39
N ASN B 178 -22.85 2.90 2.41
CA ASN B 178 -23.13 2.19 3.65
C ASN B 178 -24.58 2.40 4.04
N GLY B 179 -25.03 1.66 5.04
CA GLY B 179 -26.40 1.83 5.49
C GLY B 179 -26.45 1.78 7.01
N TYR B 180 -27.56 2.26 7.56
CA TYR B 180 -27.76 2.22 9.01
C TYR B 180 -29.01 1.38 9.24
N CYS B 181 -28.96 0.54 10.26
CA CYS B 181 -30.06 -0.37 10.58
C CYS B 181 -30.63 -0.14 11.97
N PRO B 182 -31.72 0.63 12.07
CA PRO B 182 -32.33 0.88 13.37
C PRO B 182 -33.11 -0.34 13.84
N GLY B 183 -33.51 -0.30 15.11
CA GLY B 183 -34.29 -1.39 15.66
C GLY B 183 -35.74 -0.95 15.75
N ILE B 184 -36.20 -0.65 16.96
CA ILE B 184 -37.57 -0.19 17.16
C ILE B 184 -37.42 1.26 17.62
N VAL B 185 -37.77 2.18 16.74
CA VAL B 185 -37.61 3.61 17.02
C VAL B 185 -38.93 4.33 17.27
N LYS B 186 -38.94 5.22 18.25
CA LYS B 186 -40.15 5.96 18.57
C LYS B 186 -40.45 7.05 17.55
N THR B 187 -41.18 6.66 16.51
CA THR B 187 -41.58 7.57 15.45
C THR B 187 -42.98 7.13 15.01
N PRO B 188 -43.65 7.95 14.20
CA PRO B 188 -44.99 7.60 13.72
C PRO B 188 -45.00 6.29 12.95
N MET B 189 -43.86 5.93 12.34
CA MET B 189 -43.78 4.68 11.60
C MET B 189 -43.99 3.49 12.51
N TRP B 190 -43.26 3.43 13.62
CA TRP B 190 -43.42 2.29 14.51
C TRP B 190 -44.79 2.29 15.17
N ALA B 191 -45.27 3.48 15.57
CA ALA B 191 -46.57 3.57 16.20
C ALA B 191 -47.63 2.93 15.31
N GLU B 192 -47.50 3.11 14.01
CA GLU B 192 -48.45 2.54 13.06
C GLU B 192 -48.31 1.02 12.96
N ILE B 193 -47.08 0.52 13.01
CA ILE B 193 -46.86 -0.92 12.93
C ILE B 193 -47.48 -1.55 14.18
N ASP B 194 -47.25 -0.92 15.32
CA ASP B 194 -47.78 -1.40 16.59
C ASP B 194 -49.30 -1.47 16.51
N ARG B 195 -49.92 -0.43 15.99
CA ARG B 195 -51.38 -0.38 15.86
C ARG B 195 -51.92 -1.50 14.98
N GLN B 196 -51.31 -1.68 13.81
CA GLN B 196 -51.75 -2.72 12.88
C GLN B 196 -51.61 -4.12 13.48
N VAL B 197 -50.46 -4.40 14.07
CA VAL B 197 -50.21 -5.70 14.67
C VAL B 197 -51.09 -5.94 15.89
N SER B 198 -51.24 -4.94 16.73
CA SER B 198 -52.07 -5.06 17.93
C SER B 198 -53.53 -5.27 17.54
N GLU B 199 -54.03 -4.44 16.63
CA GLU B 199 -55.41 -4.56 16.18
C GLU B 199 -55.68 -5.92 15.53
N ALA B 200 -54.77 -6.35 14.67
CA ALA B 200 -54.91 -7.63 13.99
C ALA B 200 -54.97 -8.80 14.97
N ALA B 201 -54.29 -8.65 16.11
CA ALA B 201 -54.28 -9.69 17.12
C ALA B 201 -55.39 -9.44 18.13
N GLY B 202 -56.24 -8.44 17.84
CA GLY B 202 -57.33 -8.12 18.72
C GLY B 202 -56.83 -7.82 20.12
N LYS B 203 -55.69 -7.15 20.20
CA LYS B 203 -55.08 -6.79 21.48
C LYS B 203 -54.87 -5.28 21.58
N PRO B 204 -54.80 -4.76 22.80
CA PRO B 204 -54.61 -3.33 23.05
C PRO B 204 -53.35 -2.77 22.38
N LEU B 205 -53.34 -1.46 22.15
CA LEU B 205 -52.19 -0.81 21.53
C LEU B 205 -50.98 -0.92 22.45
N GLY B 206 -49.82 -1.21 21.86
CA GLY B 206 -48.62 -1.36 22.65
C GLY B 206 -48.19 -2.81 22.69
N TYR B 207 -49.10 -3.69 22.24
CA TYR B 207 -48.84 -5.12 22.20
C TYR B 207 -47.67 -5.42 21.25
N GLY B 208 -47.71 -4.77 20.09
CA GLY B 208 -46.66 -4.97 19.12
C GLY B 208 -45.32 -4.53 19.67
N THR B 209 -45.30 -3.36 20.29
CA THR B 209 -44.09 -2.83 20.88
C THR B 209 -43.56 -3.82 21.93
N ALA B 210 -44.47 -4.31 22.76
CA ALA B 210 -44.10 -5.26 23.81
C ALA B 210 -43.41 -6.50 23.25
N GLU B 211 -44.00 -7.10 22.22
CA GLU B 211 -43.43 -8.30 21.62
C GLU B 211 -42.07 -8.08 20.97
N PHE B 212 -41.93 -6.99 20.22
CA PHE B 212 -40.65 -6.69 19.57
C PHE B 212 -39.59 -6.20 20.54
N ALA B 213 -40.01 -5.48 21.57
CA ALA B 213 -39.08 -4.94 22.56
C ALA B 213 -38.35 -6.02 23.34
N LYS B 214 -38.95 -7.20 23.43
CA LYS B 214 -38.34 -8.31 24.18
C LYS B 214 -37.00 -8.72 23.59
N ARG B 215 -36.78 -8.40 22.32
CA ARG B 215 -35.53 -8.76 21.66
C ARG B 215 -34.47 -7.67 21.66
N ILE B 216 -34.77 -6.53 22.30
CA ILE B 216 -33.82 -5.44 22.37
C ILE B 216 -32.90 -5.64 23.57
N THR B 217 -31.65 -5.99 23.31
CA THR B 217 -30.70 -6.22 24.40
C THR B 217 -30.59 -5.05 25.37
N LEU B 218 -30.54 -3.83 24.86
CA LEU B 218 -30.40 -2.67 25.75
C LEU B 218 -31.64 -2.35 26.59
N GLY B 219 -32.72 -3.07 26.35
CA GLY B 219 -33.93 -2.90 27.14
C GLY B 219 -34.70 -1.59 27.10
N ARG B 220 -34.71 -0.95 25.95
CA ARG B 220 -35.45 0.29 25.78
C ARG B 220 -35.59 0.56 24.29
N LEU B 221 -36.67 1.23 23.90
CA LEU B 221 -36.87 1.56 22.51
C LEU B 221 -35.87 2.64 22.13
N SER B 222 -35.67 2.81 20.83
CA SER B 222 -34.72 3.79 20.32
C SER B 222 -35.31 5.18 20.14
N GLU B 223 -34.46 6.19 20.34
CA GLU B 223 -34.86 7.58 20.13
C GLU B 223 -34.37 7.86 18.71
N PRO B 224 -35.04 8.76 17.98
CA PRO B 224 -34.55 9.03 16.62
C PRO B 224 -33.09 9.50 16.66
N GLU B 225 -32.73 10.19 17.74
CA GLU B 225 -31.38 10.69 17.90
C GLU B 225 -30.33 9.58 18.02
N ASP B 226 -30.72 8.42 18.50
CA ASP B 226 -29.77 7.31 18.63
C ASP B 226 -29.31 6.91 17.22
N VAL B 227 -30.25 6.87 16.29
CA VAL B 227 -29.95 6.52 14.90
C VAL B 227 -29.12 7.62 14.24
N ALA B 228 -29.52 8.87 14.45
CA ALA B 228 -28.81 10.00 13.86
C ALA B 228 -27.34 10.02 14.29
N ALA B 229 -27.07 9.56 15.50
CA ALA B 229 -25.71 9.54 16.03
C ALA B 229 -24.82 8.60 15.22
N CYS B 230 -25.42 7.50 14.74
CA CYS B 230 -24.69 6.53 13.95
C CYS B 230 -24.50 7.11 12.54
N VAL B 231 -25.54 7.75 12.03
CA VAL B 231 -25.46 8.35 10.71
C VAL B 231 -24.40 9.44 10.68
N SER B 232 -24.21 10.14 11.81
CA SER B 232 -23.19 11.18 11.89
C SER B 232 -21.84 10.56 11.53
N TYR B 233 -21.59 9.38 12.08
CA TYR B 233 -20.33 8.69 11.80
C TYR B 233 -20.21 8.36 10.31
N LEU B 234 -21.29 7.86 9.74
CA LEU B 234 -21.31 7.48 8.34
C LEU B 234 -21.18 8.67 7.38
N ALA B 235 -21.48 9.87 7.87
CA ALA B 235 -21.38 11.07 7.05
C ALA B 235 -20.05 11.78 7.30
N SER B 236 -19.33 11.34 8.34
CA SER B 236 -18.06 11.92 8.74
C SER B 236 -16.87 11.28 8.02
N PRO B 237 -15.71 11.97 8.02
CA PRO B 237 -14.56 11.37 7.36
C PRO B 237 -14.05 10.16 8.13
N ASP B 238 -14.51 9.99 9.37
CA ASP B 238 -14.08 8.86 10.18
C ASP B 238 -14.55 7.52 9.62
N SER B 239 -15.46 7.58 8.64
CA SER B 239 -15.97 6.38 8.00
C SER B 239 -15.43 6.24 6.58
N ASP B 240 -14.42 7.06 6.25
CA ASP B 240 -13.83 7.03 4.91
C ASP B 240 -13.37 5.64 4.46
N TYR B 241 -12.88 4.83 5.40
CA TYR B 241 -12.39 3.51 5.02
C TYR B 241 -13.40 2.39 5.22
N MET B 242 -14.67 2.78 5.33
CA MET B 242 -15.74 1.81 5.50
C MET B 242 -16.69 1.85 4.30
N THR B 243 -16.99 0.70 3.72
CA THR B 243 -17.92 0.67 2.60
C THR B 243 -18.61 -0.68 2.48
N GLY B 244 -19.86 -0.64 2.00
CA GLY B 244 -20.65 -1.85 1.82
C GLY B 244 -21.22 -2.40 3.13
N GLN B 245 -21.10 -1.63 4.19
CA GLN B 245 -21.58 -2.06 5.52
C GLN B 245 -22.94 -1.47 5.88
N SER B 246 -23.73 -2.25 6.60
CA SER B 246 -25.05 -1.81 7.07
C SER B 246 -25.00 -2.03 8.57
N LEU B 247 -24.58 -0.99 9.27
CA LEU B 247 -24.41 -1.02 10.72
C LEU B 247 -25.69 -1.15 11.52
N LEU B 248 -25.64 -2.02 12.52
CA LEU B 248 -26.79 -2.22 13.37
C LEU B 248 -26.74 -1.29 14.58
N ILE B 249 -27.61 -0.28 14.56
CA ILE B 249 -27.74 0.69 15.64
C ILE B 249 -29.16 0.42 16.13
N ASP B 250 -29.34 -0.80 16.63
CA ASP B 250 -30.65 -1.30 17.07
C ASP B 250 -30.80 -1.71 18.53
N GLY B 251 -29.85 -1.34 19.37
CA GLY B 251 -29.95 -1.71 20.77
C GLY B 251 -29.66 -3.18 21.01
N GLY B 252 -29.10 -3.84 20.00
CA GLY B 252 -28.75 -5.24 20.13
C GLY B 252 -29.87 -6.24 19.84
N MET B 253 -30.56 -6.08 18.71
CA MET B 253 -31.62 -7.01 18.33
C MET B 253 -31.02 -8.12 17.47
N VAL B 254 -30.15 -7.71 16.56
CA VAL B 254 -29.45 -8.63 15.67
C VAL B 254 -27.97 -8.34 15.87
N PHE B 255 -27.15 -9.38 15.87
CA PHE B 255 -25.72 -9.19 16.07
C PHE B 255 -24.89 -9.65 14.90
N ASN B 256 -24.00 -8.77 14.43
CA ASN B 256 -23.09 -9.12 13.35
C ASN B 256 -21.69 -8.82 13.89
N LYS C 2 -12.15 14.31 33.28
CA LYS C 2 -12.37 13.86 31.88
C LYS C 2 -12.61 12.35 31.84
N LYS C 3 -13.20 11.88 30.76
CA LYS C 3 -13.46 10.44 30.61
C LYS C 3 -12.13 9.71 30.56
N VAL C 4 -12.12 8.45 31.01
CA VAL C 4 -10.91 7.66 31.04
C VAL C 4 -11.02 6.38 30.22
N ALA C 5 -9.96 6.09 29.46
CA ALA C 5 -9.92 4.89 28.64
C ALA C 5 -8.57 4.22 28.77
N LEU C 6 -8.56 2.90 28.71
CA LEU C 6 -7.31 2.13 28.76
C LEU C 6 -7.27 1.36 27.45
N VAL C 7 -6.12 1.42 26.79
CA VAL C 7 -5.94 0.73 25.52
C VAL C 7 -4.76 -0.24 25.64
N THR C 8 -5.00 -1.53 25.40
CA THR C 8 -3.91 -2.48 25.48
C THR C 8 -3.18 -2.51 24.14
N GLY C 9 -1.90 -2.87 24.17
CA GLY C 9 -1.10 -2.90 22.96
C GLY C 9 -0.96 -1.51 22.37
N ALA C 10 -1.04 -0.50 23.23
CA ALA C 10 -0.96 0.90 22.80
C ALA C 10 0.46 1.42 22.60
N GLY C 11 1.45 0.55 22.71
CA GLY C 11 2.83 0.98 22.53
C GLY C 11 3.18 1.23 21.08
N GLN C 12 2.41 0.67 20.16
CA GLN C 12 2.67 0.83 18.74
C GLN C 12 1.46 0.48 17.88
N GLY C 13 1.64 0.63 16.57
CA GLY C 13 0.61 0.31 15.60
C GLY C 13 -0.79 0.86 15.84
N ILE C 14 -1.78 -0.01 15.65
CA ILE C 14 -3.18 0.37 15.82
C ILE C 14 -3.46 0.84 17.24
N GLY C 15 -2.90 0.15 18.22
CA GLY C 15 -3.10 0.51 19.61
C GLY C 15 -2.66 1.93 19.90
N LYS C 16 -1.48 2.30 19.42
CA LYS C 16 -0.99 3.65 19.65
C LYS C 16 -1.87 4.67 18.93
N ALA C 17 -2.25 4.35 17.69
CA ALA C 17 -3.10 5.26 16.93
C ALA C 17 -4.44 5.46 17.63
N ILE C 18 -4.98 4.38 18.20
CA ILE C 18 -6.25 4.50 18.91
C ILE C 18 -6.08 5.41 20.13
N ALA C 19 -5.01 5.19 20.88
CA ALA C 19 -4.73 5.99 22.07
C ALA C 19 -4.63 7.47 21.71
N LEU C 20 -3.87 7.79 20.67
CA LEU C 20 -3.71 9.18 20.27
C LEU C 20 -5.02 9.81 19.80
N ARG C 21 -5.86 9.03 19.13
CA ARG C 21 -7.15 9.53 18.66
C ARG C 21 -8.08 9.80 19.84
N LEU C 22 -8.07 8.90 20.81
CA LEU C 22 -8.90 9.08 21.99
C LEU C 22 -8.46 10.31 22.78
N VAL C 23 -7.16 10.57 22.79
CA VAL C 23 -6.64 11.75 23.48
C VAL C 23 -7.19 12.98 22.77
N LYS C 24 -7.18 12.95 21.44
CA LYS C 24 -7.70 14.07 20.66
C LYS C 24 -9.18 14.24 20.97
N ASP C 25 -9.88 13.12 21.15
CA ASP C 25 -11.31 13.16 21.46
C ASP C 25 -11.60 13.71 22.85
N GLY C 26 -10.58 13.81 23.69
CA GLY C 26 -10.79 14.33 25.03
C GLY C 26 -10.58 13.37 26.19
N PHE C 27 -10.28 12.11 25.90
CA PHE C 27 -10.06 11.12 26.95
C PHE C 27 -8.68 11.19 27.59
N ALA C 28 -8.62 10.80 28.86
CA ALA C 28 -7.34 10.69 29.56
C ALA C 28 -7.11 9.23 29.20
N VAL C 29 -5.91 8.86 28.75
CA VAL C 29 -5.69 7.48 28.35
C VAL C 29 -4.57 6.72 29.02
N ALA C 30 -4.85 5.46 29.36
CA ALA C 30 -3.89 4.58 29.98
C ALA C 30 -3.27 3.74 28.86
N ILE C 31 -1.97 3.89 28.68
CA ILE C 31 -1.22 3.17 27.64
C ILE C 31 -0.75 1.85 28.23
N ALA C 32 -1.48 0.78 27.94
CA ALA C 32 -1.15 -0.54 28.46
C ALA C 32 -0.43 -1.39 27.42
N ASP C 33 0.73 -1.92 27.78
CA ASP C 33 1.48 -2.73 26.85
C ASP C 33 2.48 -3.65 27.56
N TYR C 34 2.79 -4.77 26.89
CA TYR C 34 3.74 -5.74 27.40
C TYR C 34 5.11 -5.06 27.41
N ASN C 35 5.31 -4.21 26.41
CA ASN C 35 6.56 -3.47 26.23
C ASN C 35 6.49 -2.21 27.08
N ASP C 36 7.18 -2.25 28.22
CA ASP C 36 7.21 -1.13 29.14
C ASP C 36 7.83 0.14 28.54
N ALA C 37 8.90 -0.03 27.77
CA ALA C 37 9.59 1.10 27.16
C ALA C 37 8.71 1.91 26.21
N THR C 38 8.02 1.23 25.30
CA THR C 38 7.18 1.94 24.35
C THR C 38 5.95 2.55 25.02
N ALA C 39 5.39 1.86 26.00
CA ALA C 39 4.22 2.38 26.70
C ALA C 39 4.58 3.70 27.36
N LYS C 40 5.71 3.73 28.04
CA LYS C 40 6.16 4.95 28.72
C LYS C 40 6.47 6.06 27.73
N ALA C 41 7.02 5.70 26.58
CA ALA C 41 7.36 6.69 25.56
C ALA C 41 6.09 7.34 25.03
N VAL C 42 5.09 6.52 24.71
CA VAL C 42 3.82 7.03 24.20
C VAL C 42 3.10 7.89 25.22
N ALA C 43 3.11 7.45 26.48
CA ALA C 43 2.46 8.20 27.56
C ALA C 43 3.15 9.55 27.70
N SER C 44 4.48 9.53 27.70
CA SER C 44 5.27 10.75 27.82
C SER C 44 4.94 11.71 26.69
N GLU C 45 4.84 11.17 25.47
CA GLU C 45 4.52 11.98 24.30
C GLU C 45 3.18 12.67 24.49
N ILE C 46 2.20 11.92 25.00
CA ILE C 46 0.87 12.46 25.22
C ILE C 46 0.88 13.55 26.30
N ASN C 47 1.59 13.31 27.38
CA ASN C 47 1.66 14.29 28.47
C ASN C 47 2.42 15.56 28.08
N GLN C 48 3.54 15.39 27.40
CA GLN C 48 4.33 16.54 26.96
C GLN C 48 3.55 17.39 25.96
N ALA C 49 2.65 16.74 25.22
CA ALA C 49 1.84 17.43 24.22
C ALA C 49 0.68 18.20 24.82
N GLY C 50 0.37 17.96 26.10
CA GLY C 50 -0.73 18.67 26.72
C GLY C 50 -1.94 17.81 27.04
N GLY C 51 -1.81 16.50 26.85
CA GLY C 51 -2.91 15.61 27.15
C GLY C 51 -2.68 14.97 28.50
N HIS C 52 -3.43 13.91 28.79
CA HIS C 52 -3.30 13.20 30.06
C HIS C 52 -3.20 11.71 29.80
N ALA C 53 -2.13 11.10 30.28
CA ALA C 53 -1.92 9.68 30.09
C ALA C 53 -0.98 9.09 31.13
N VAL C 54 -1.00 7.77 31.24
CA VAL C 54 -0.14 7.06 32.16
C VAL C 54 0.19 5.72 31.51
N ALA C 55 1.40 5.25 31.71
CA ALA C 55 1.81 3.98 31.13
C ALA C 55 1.68 2.86 32.16
N VAL C 56 1.13 1.73 31.73
CA VAL C 56 0.99 0.58 32.60
C VAL C 56 1.51 -0.67 31.90
N LYS C 57 2.43 -1.36 32.57
CA LYS C 57 3.03 -2.57 32.01
C LYS C 57 2.12 -3.74 32.33
N VAL C 58 1.71 -4.48 31.29
CA VAL C 58 0.84 -5.62 31.49
C VAL C 58 0.89 -6.63 30.35
N ASP C 59 0.88 -7.90 30.72
CA ASP C 59 0.84 -9.00 29.76
C ASP C 59 -0.63 -9.37 29.83
N VAL C 60 -1.38 -9.04 28.78
CA VAL C 60 -2.82 -9.31 28.77
C VAL C 60 -3.21 -10.76 28.96
N SER C 61 -2.27 -11.68 28.77
CA SER C 61 -2.58 -13.10 28.94
C SER C 61 -2.70 -13.44 30.43
N ASP C 62 -2.18 -12.56 31.28
CA ASP C 62 -2.25 -12.78 32.73
C ASP C 62 -3.39 -11.99 33.32
N ARG C 63 -4.40 -12.72 33.82
CA ARG C 63 -5.59 -12.11 34.39
C ARG C 63 -5.32 -11.10 35.49
N ASP C 64 -4.50 -11.47 36.46
CA ASP C 64 -4.20 -10.56 37.56
C ASP C 64 -3.52 -9.28 37.09
N GLN C 65 -2.67 -9.37 36.07
CA GLN C 65 -1.97 -8.20 35.56
C GLN C 65 -2.95 -7.24 34.86
N VAL C 66 -3.98 -7.80 34.24
CA VAL C 66 -4.97 -6.98 33.56
C VAL C 66 -5.79 -6.21 34.59
N PHE C 67 -6.22 -6.89 35.64
CA PHE C 67 -7.00 -6.24 36.68
C PHE C 67 -6.17 -5.15 37.34
N ALA C 68 -4.89 -5.43 37.53
CA ALA C 68 -3.98 -4.46 38.15
C ALA C 68 -3.78 -3.25 37.26
N ALA C 69 -3.68 -3.47 35.95
CA ALA C 69 -3.50 -2.38 35.00
C ALA C 69 -4.72 -1.48 34.98
N VAL C 70 -5.90 -2.08 34.93
CA VAL C 70 -7.15 -1.34 34.91
C VAL C 70 -7.33 -0.52 36.19
N GLU C 71 -7.03 -1.15 37.33
CA GLU C 71 -7.18 -0.45 38.60
C GLU C 71 -6.19 0.68 38.75
N GLN C 72 -4.96 0.49 38.25
CA GLN C 72 -3.95 1.53 38.33
C GLN C 72 -4.40 2.73 37.49
N ALA C 73 -5.00 2.44 36.34
CA ALA C 73 -5.47 3.48 35.45
C ALA C 73 -6.64 4.25 36.07
N ARG C 74 -7.53 3.51 36.72
CA ARG C 74 -8.70 4.11 37.34
C ARG C 74 -8.30 5.08 38.45
N LYS C 75 -7.34 4.68 39.27
CA LYS C 75 -6.89 5.51 40.37
C LYS C 75 -6.08 6.71 39.90
N THR C 76 -5.09 6.47 39.05
CA THR C 76 -4.22 7.53 38.54
C THR C 76 -4.92 8.55 37.66
N LEU C 77 -5.81 8.10 36.78
CA LEU C 77 -6.49 9.02 35.87
C LEU C 77 -7.81 9.56 36.41
N GLY C 78 -8.26 9.01 37.54
CA GLY C 78 -9.49 9.49 38.16
C GLY C 78 -10.82 9.00 37.60
N GLY C 79 -10.86 7.76 37.15
CA GLY C 79 -12.09 7.20 36.62
C GLY C 79 -11.82 6.12 35.61
N PHE C 80 -12.88 5.51 35.09
CA PHE C 80 -12.74 4.48 34.09
C PHE C 80 -14.04 4.40 33.29
N ASP C 81 -13.96 4.68 32.00
CA ASP C 81 -15.15 4.68 31.14
C ASP C 81 -15.10 3.79 29.93
N VAL C 82 -13.89 3.52 29.44
CA VAL C 82 -13.72 2.72 28.24
C VAL C 82 -12.48 1.84 28.30
N ILE C 83 -12.61 0.60 27.84
CA ILE C 83 -11.46 -0.28 27.74
C ILE C 83 -11.42 -0.75 26.30
N VAL C 84 -10.24 -0.73 25.71
CA VAL C 84 -10.06 -1.20 24.35
C VAL C 84 -9.09 -2.38 24.42
N ASN C 85 -9.61 -3.59 24.28
CA ASN C 85 -8.79 -4.79 24.32
C ASN C 85 -8.24 -4.96 22.92
N ASN C 86 -7.13 -4.27 22.68
CA ASN C 86 -6.49 -4.24 21.36
C ASN C 86 -5.30 -5.16 21.13
N ALA C 87 -4.53 -5.43 22.19
CA ALA C 87 -3.35 -6.28 22.05
C ALA C 87 -3.68 -7.62 21.38
N GLY C 88 -2.80 -8.06 20.48
CA GLY C 88 -3.02 -9.33 19.80
C GLY C 88 -1.84 -9.75 18.96
N VAL C 89 -1.82 -11.02 18.57
CA VAL C 89 -0.75 -11.57 17.73
C VAL C 89 -1.41 -12.27 16.54
N ALA C 90 -0.71 -12.33 15.41
CA ALA C 90 -1.27 -12.94 14.22
C ALA C 90 -0.32 -13.75 13.37
N PRO C 91 0.15 -14.89 13.88
CA PRO C 91 1.07 -15.70 13.07
C PRO C 91 0.30 -16.45 11.99
N SER C 92 0.90 -16.61 10.82
CA SER C 92 0.25 -17.37 9.74
C SER C 92 0.45 -18.81 10.20
N THR C 93 -0.54 -19.66 9.95
CA THR C 93 -0.44 -21.04 10.40
C THR C 93 -0.89 -22.11 9.41
N PRO C 94 0.05 -22.69 8.64
CA PRO C 94 -0.36 -23.73 7.70
C PRO C 94 -1.09 -24.79 8.53
N ILE C 95 -2.30 -25.16 8.10
CA ILE C 95 -3.09 -26.13 8.86
C ILE C 95 -2.39 -27.41 9.30
N GLU C 96 -1.62 -28.02 8.43
CA GLU C 96 -0.95 -29.26 8.80
C GLU C 96 0.18 -29.07 9.83
N SER C 97 0.62 -27.83 10.01
CA SER C 97 1.72 -27.54 10.93
C SER C 97 1.30 -26.98 12.28
N ILE C 98 0.01 -26.78 12.48
CA ILE C 98 -0.48 -26.24 13.74
C ILE C 98 -0.16 -27.17 14.91
N THR C 99 0.39 -26.59 15.96
CA THR C 99 0.76 -27.33 17.16
C THR C 99 -0.01 -26.76 18.34
N PRO C 100 -0.11 -27.52 19.45
CA PRO C 100 -0.83 -26.97 20.59
C PRO C 100 -0.14 -25.72 21.14
N GLU C 101 1.19 -25.66 21.00
CA GLU C 101 1.96 -24.51 21.47
C GLU C 101 1.56 -23.25 20.72
N ILE C 102 1.36 -23.38 19.41
CA ILE C 102 0.95 -22.24 18.57
C ILE C 102 -0.45 -21.79 18.94
N VAL C 103 -1.34 -22.73 19.19
CA VAL C 103 -2.71 -22.39 19.56
C VAL C 103 -2.71 -21.66 20.90
N ASP C 104 -1.98 -22.19 21.87
CA ASP C 104 -1.92 -21.55 23.18
C ASP C 104 -1.38 -20.13 23.12
N LYS C 105 -0.30 -19.93 22.37
CA LYS C 105 0.28 -18.60 22.27
C LYS C 105 -0.70 -17.57 21.75
N VAL C 106 -1.37 -17.90 20.66
CA VAL C 106 -2.34 -17.00 20.04
C VAL C 106 -3.60 -16.80 20.88
N TYR C 107 -4.18 -17.90 21.36
CA TYR C 107 -5.39 -17.81 22.17
C TYR C 107 -5.20 -17.22 23.55
N ASN C 108 -4.03 -17.41 24.15
CA ASN C 108 -3.81 -16.85 25.47
C ASN C 108 -3.82 -15.32 25.43
N ILE C 109 -3.35 -14.75 24.32
CA ILE C 109 -3.32 -13.31 24.19
C ILE C 109 -4.63 -12.78 23.58
N ASN C 110 -4.96 -13.28 22.39
CA ASN C 110 -6.14 -12.86 21.66
C ASN C 110 -7.49 -13.18 22.30
N VAL C 111 -7.61 -14.35 22.93
CA VAL C 111 -8.88 -14.72 23.54
C VAL C 111 -8.93 -14.48 25.04
N LYS C 112 -8.05 -15.12 25.79
CA LYS C 112 -8.04 -14.93 27.23
C LYS C 112 -7.84 -13.46 27.59
N GLY C 113 -6.94 -12.79 26.87
CA GLY C 113 -6.69 -11.38 27.15
C GLY C 113 -7.94 -10.55 27.08
N VAL C 114 -8.81 -10.87 26.12
CA VAL C 114 -10.07 -10.16 25.96
C VAL C 114 -11.02 -10.47 27.12
N ILE C 115 -11.05 -11.73 27.56
CA ILE C 115 -11.92 -12.10 28.67
C ILE C 115 -11.51 -11.34 29.92
N TRP C 116 -10.21 -11.31 30.20
CA TRP C 116 -9.70 -10.63 31.39
C TRP C 116 -10.03 -9.13 31.31
N GLY C 117 -9.86 -8.55 30.14
CA GLY C 117 -10.16 -7.13 29.96
C GLY C 117 -11.63 -6.86 30.23
N ILE C 118 -12.49 -7.74 29.75
CA ILE C 118 -13.92 -7.59 29.97
C ILE C 118 -14.22 -7.61 31.47
N GLN C 119 -13.68 -8.61 32.16
CA GLN C 119 -13.90 -8.75 33.60
C GLN C 119 -13.39 -7.56 34.40
N ALA C 120 -12.16 -7.13 34.11
CA ALA C 120 -11.55 -6.01 34.81
C ALA C 120 -12.35 -4.72 34.60
N ALA C 121 -12.83 -4.52 33.38
CA ALA C 121 -13.60 -3.33 33.06
C ALA C 121 -14.93 -3.36 33.81
N VAL C 122 -15.56 -4.53 33.84
CA VAL C 122 -16.82 -4.66 34.55
C VAL C 122 -16.66 -4.24 36.00
N GLU C 123 -15.60 -4.71 36.65
CA GLU C 123 -15.37 -4.35 38.05
C GLU C 123 -15.01 -2.88 38.23
N ALA C 124 -14.31 -2.31 37.26
CA ALA C 124 -13.94 -0.90 37.35
C ALA C 124 -15.19 -0.04 37.23
N PHE C 125 -16.05 -0.39 36.29
CA PHE C 125 -17.28 0.35 36.07
C PHE C 125 -18.12 0.29 37.35
N LYS C 126 -18.21 -0.89 37.94
CA LYS C 126 -18.97 -1.07 39.17
C LYS C 126 -18.41 -0.19 40.30
N LYS C 127 -17.09 -0.18 40.45
CA LYS C 127 -16.46 0.63 41.50
C LYS C 127 -16.71 2.12 41.27
N GLU C 128 -16.88 2.51 40.00
CA GLU C 128 -17.13 3.90 39.65
C GLU C 128 -18.60 4.26 39.77
N GLY C 129 -19.44 3.24 39.92
CA GLY C 129 -20.86 3.48 40.06
C GLY C 129 -21.62 3.82 38.80
N HIS C 130 -21.15 3.32 37.65
CA HIS C 130 -21.84 3.59 36.40
C HIS C 130 -21.56 2.50 35.37
N GLY C 131 -22.09 2.68 34.17
CA GLY C 131 -21.90 1.71 33.10
C GLY C 131 -20.59 1.96 32.39
N GLY C 132 -20.51 1.57 31.12
CA GLY C 132 -19.28 1.78 30.38
C GLY C 132 -19.24 1.11 29.03
N LYS C 133 -18.13 1.28 28.33
CA LYS C 133 -17.95 0.70 27.01
C LYS C 133 -16.76 -0.23 26.93
N ILE C 134 -16.99 -1.45 26.43
CA ILE C 134 -15.93 -2.42 26.25
C ILE C 134 -15.79 -2.54 24.73
N ILE C 135 -14.57 -2.36 24.23
CA ILE C 135 -14.31 -2.41 22.79
C ILE C 135 -13.21 -3.42 22.49
N ASN C 136 -13.52 -4.43 21.68
CA ASN C 136 -12.54 -5.48 21.35
C ASN C 136 -12.01 -5.45 19.94
N ALA C 137 -10.73 -5.79 19.79
CA ALA C 137 -10.10 -5.83 18.48
C ALA C 137 -10.43 -7.15 17.81
N CYS C 138 -11.18 -7.08 16.71
CA CYS C 138 -11.52 -8.26 15.95
C CYS C 138 -10.74 -8.15 14.64
N SER C 139 -11.36 -8.54 13.53
CA SER C 139 -10.71 -8.49 12.22
C SER C 139 -11.74 -8.97 11.20
N GLN C 140 -11.53 -8.62 9.92
CA GLN C 140 -12.46 -9.13 8.93
C GLN C 140 -12.31 -10.64 8.95
N ALA C 141 -11.14 -11.09 9.39
CA ALA C 141 -10.83 -12.52 9.49
C ALA C 141 -11.61 -13.15 10.65
N GLY C 142 -12.31 -12.31 11.40
CA GLY C 142 -13.13 -12.77 12.50
C GLY C 142 -14.57 -12.94 12.04
N HIS C 143 -14.82 -12.61 10.78
CA HIS C 143 -16.15 -12.74 10.17
C HIS C 143 -16.13 -13.82 9.09
N VAL C 144 -15.02 -13.90 8.37
CA VAL C 144 -14.83 -14.89 7.32
C VAL C 144 -13.43 -15.48 7.50
N GLY C 145 -13.34 -16.81 7.62
CA GLY C 145 -12.05 -17.44 7.80
C GLY C 145 -11.11 -17.12 6.64
N ASN C 146 -9.92 -16.63 6.97
CA ASN C 146 -8.93 -16.26 5.95
C ASN C 146 -7.99 -17.42 5.64
N PRO C 147 -7.57 -17.54 4.37
CA PRO C 147 -6.66 -18.62 4.00
C PRO C 147 -5.31 -18.45 4.71
N GLU C 148 -4.69 -19.57 5.07
CA GLU C 148 -3.39 -19.59 5.75
C GLU C 148 -3.40 -18.98 7.15
N LEU C 149 -4.57 -18.60 7.65
CA LEU C 149 -4.67 -17.99 8.98
C LEU C 149 -5.70 -18.70 9.86
N ALA C 150 -5.65 -20.03 9.90
CA ALA C 150 -6.59 -20.82 10.70
C ALA C 150 -6.64 -20.45 12.18
N VAL C 151 -5.48 -20.42 12.83
CA VAL C 151 -5.44 -20.11 14.25
C VAL C 151 -5.82 -18.66 14.52
N TYR C 152 -5.25 -17.72 13.75
CA TYR C 152 -5.58 -16.31 13.95
C TYR C 152 -7.06 -16.03 13.67
N SER C 153 -7.56 -16.51 12.54
CA SER C 153 -8.96 -16.31 12.18
C SER C 153 -9.89 -16.85 13.25
N SER C 154 -9.65 -18.09 13.68
CA SER C 154 -10.51 -18.68 14.70
C SER C 154 -10.44 -17.92 16.03
N SER C 155 -9.29 -17.35 16.36
CA SER C 155 -9.17 -16.60 17.61
C SER C 155 -10.03 -15.34 17.53
N LYS C 156 -10.11 -14.73 16.34
CA LYS C 156 -10.90 -13.52 16.19
C LYS C 156 -12.39 -13.84 16.12
N PHE C 157 -12.74 -15.03 15.63
CA PHE C 157 -14.15 -15.44 15.62
C PHE C 157 -14.52 -15.58 17.10
N ALA C 158 -13.62 -16.18 17.88
CA ALA C 158 -13.86 -16.38 19.31
C ALA C 158 -14.06 -15.04 19.99
N VAL C 159 -13.25 -14.05 19.62
CA VAL C 159 -13.36 -12.72 20.19
C VAL C 159 -14.75 -12.14 19.90
N ARG C 160 -15.25 -12.37 18.70
CA ARG C 160 -16.57 -11.85 18.33
C ARG C 160 -17.66 -12.57 19.11
N GLY C 161 -17.47 -13.87 19.35
CA GLY C 161 -18.44 -14.62 20.12
C GLY C 161 -18.49 -14.05 21.53
N LEU C 162 -17.31 -13.78 22.10
CA LEU C 162 -17.22 -13.21 23.44
C LEU C 162 -17.88 -11.84 23.48
N THR C 163 -17.66 -11.07 22.41
CA THR C 163 -18.23 -9.74 22.31
C THR C 163 -19.75 -9.81 22.36
N GLN C 164 -20.33 -10.77 21.65
CA GLN C 164 -21.78 -10.92 21.62
C GLN C 164 -22.36 -11.42 22.94
N THR C 165 -21.80 -12.48 23.51
CA THR C 165 -22.33 -12.97 24.77
C THR C 165 -22.16 -11.90 25.85
N ALA C 166 -21.02 -11.22 25.87
CA ALA C 166 -20.79 -10.20 26.88
C ALA C 166 -21.82 -9.07 26.72
N ALA C 167 -22.13 -8.71 25.48
CA ALA C 167 -23.10 -7.65 25.23
C ALA C 167 -24.44 -8.02 25.86
N ARG C 168 -24.84 -9.28 25.70
CA ARG C 168 -26.11 -9.73 26.25
C ARG C 168 -26.09 -9.88 27.78
N ASP C 169 -25.01 -10.43 28.31
CA ASP C 169 -24.90 -10.63 29.76
C ASP C 169 -24.70 -9.35 30.57
N LEU C 170 -23.97 -8.39 30.01
CA LEU C 170 -23.68 -7.15 30.74
C LEU C 170 -24.62 -5.99 30.48
N ALA C 171 -25.55 -6.13 29.54
CA ALA C 171 -26.47 -5.04 29.24
C ALA C 171 -27.18 -4.47 30.48
N PRO C 172 -27.60 -5.33 31.41
CA PRO C 172 -28.28 -4.84 32.61
C PRO C 172 -27.43 -3.88 33.46
N LEU C 173 -26.11 -3.97 33.33
CA LEU C 173 -25.19 -3.11 34.07
C LEU C 173 -24.92 -1.80 33.33
N GLY C 174 -25.60 -1.60 32.21
CA GLY C 174 -25.40 -0.39 31.44
C GLY C 174 -24.08 -0.42 30.69
N ILE C 175 -23.60 -1.63 30.40
CA ILE C 175 -22.36 -1.81 29.68
C ILE C 175 -22.62 -2.35 28.28
N THR C 176 -21.98 -1.72 27.28
CA THR C 176 -22.12 -2.19 25.91
C THR C 176 -20.79 -2.85 25.55
N VAL C 177 -20.84 -3.80 24.62
CA VAL C 177 -19.63 -4.49 24.20
C VAL C 177 -19.67 -4.58 22.68
N ASN C 178 -18.69 -3.96 22.03
CA ASN C 178 -18.60 -3.96 20.57
C ASN C 178 -17.16 -4.25 20.15
N GLY C 179 -16.97 -4.44 18.85
CA GLY C 179 -15.64 -4.70 18.34
C GLY C 179 -15.38 -3.99 17.03
N TYR C 180 -14.12 -3.89 16.64
CA TYR C 180 -13.74 -3.28 15.38
C TYR C 180 -12.98 -4.31 14.58
N CYS C 181 -13.23 -4.34 13.27
CA CYS C 181 -12.62 -5.33 12.41
C CYS C 181 -11.80 -4.71 11.28
N PRO C 182 -10.49 -4.57 11.49
CA PRO C 182 -9.62 -4.00 10.45
C PRO C 182 -9.41 -4.97 9.30
N GLY C 183 -8.86 -4.46 8.20
CA GLY C 183 -8.59 -5.28 7.04
C GLY C 183 -7.10 -5.53 6.98
N ILE C 184 -6.43 -4.94 5.99
CA ILE C 184 -4.99 -5.09 5.85
C ILE C 184 -4.40 -3.75 6.27
N VAL C 185 -3.85 -3.70 7.47
CA VAL C 185 -3.29 -2.46 8.01
C VAL C 185 -1.77 -2.46 7.98
N LYS C 186 -1.21 -1.31 7.63
CA LYS C 186 0.23 -1.16 7.54
C LYS C 186 0.90 -1.04 8.90
N THR C 187 1.21 -2.19 9.49
CA THR C 187 1.88 -2.27 10.79
C THR C 187 2.81 -3.46 10.72
N PRO C 188 3.68 -3.62 11.73
CA PRO C 188 4.60 -4.76 11.69
C PRO C 188 3.87 -6.10 11.73
N MET C 189 2.62 -6.11 12.21
CA MET C 189 1.86 -7.35 12.28
C MET C 189 1.61 -7.89 10.88
N TRP C 190 1.07 -7.06 10.00
CA TRP C 190 0.82 -7.52 8.65
C TRP C 190 2.11 -7.81 7.90
N ALA C 191 3.13 -6.99 8.13
CA ALA C 191 4.41 -7.18 7.47
C ALA C 191 4.88 -8.62 7.66
N GLU C 192 4.73 -9.13 8.87
CA GLU C 192 5.15 -10.49 9.22
C GLU C 192 4.29 -11.54 8.53
N ILE C 193 2.97 -11.34 8.51
CA ILE C 193 2.09 -12.31 7.86
C ILE C 193 2.48 -12.44 6.39
N ASP C 194 2.68 -11.30 5.73
CA ASP C 194 3.07 -11.28 4.32
C ASP C 194 4.35 -12.07 4.11
N ARG C 195 5.34 -11.86 4.98
CA ARG C 195 6.61 -12.55 4.87
C ARG C 195 6.44 -14.06 5.02
N GLN C 196 5.61 -14.46 5.98
CA GLN C 196 5.36 -15.87 6.22
C GLN C 196 4.63 -16.54 5.07
N VAL C 197 3.52 -15.94 4.64
CA VAL C 197 2.72 -16.47 3.55
C VAL C 197 3.49 -16.56 2.24
N SER C 198 4.27 -15.53 1.94
CA SER C 198 5.04 -15.49 0.72
C SER C 198 6.08 -16.61 0.67
N GLU C 199 6.85 -16.75 1.75
CA GLU C 199 7.86 -17.79 1.83
C GLU C 199 7.28 -19.19 1.68
N ALA C 200 6.20 -19.46 2.39
CA ALA C 200 5.55 -20.76 2.34
C ALA C 200 5.06 -21.09 0.93
N ALA C 201 4.70 -20.05 0.18
CA ALA C 201 4.19 -20.23 -1.17
C ALA C 201 5.30 -20.27 -2.22
N GLY C 202 6.54 -20.06 -1.78
CA GLY C 202 7.65 -20.07 -2.72
C GLY C 202 7.63 -18.86 -3.61
N LYS C 203 6.95 -17.81 -3.14
CA LYS C 203 6.84 -16.55 -3.86
C LYS C 203 7.66 -15.48 -3.15
N PRO C 204 8.10 -14.45 -3.89
CA PRO C 204 8.88 -13.37 -3.28
C PRO C 204 7.98 -12.58 -2.32
N LEU C 205 8.60 -11.86 -1.38
CA LEU C 205 7.84 -11.07 -0.43
C LEU C 205 6.89 -10.15 -1.19
N GLY C 206 5.66 -10.04 -0.72
CA GLY C 206 4.68 -9.19 -1.37
C GLY C 206 3.51 -9.98 -1.94
N TYR C 207 3.70 -11.28 -2.05
CA TYR C 207 2.67 -12.18 -2.57
C TYR C 207 1.43 -12.13 -1.68
N GLY C 208 1.66 -12.14 -0.37
CA GLY C 208 0.56 -12.10 0.58
C GLY C 208 -0.25 -10.82 0.45
N THR C 209 0.45 -9.68 0.48
CA THR C 209 -0.21 -8.39 0.37
C THR C 209 -1.01 -8.31 -0.93
N ALA C 210 -0.37 -8.66 -2.04
CA ALA C 210 -1.01 -8.62 -3.34
C ALA C 210 -2.28 -9.47 -3.40
N GLU C 211 -2.22 -10.68 -2.84
CA GLU C 211 -3.38 -11.57 -2.84
C GLU C 211 -4.53 -11.06 -1.98
N PHE C 212 -4.22 -10.65 -0.75
CA PHE C 212 -5.25 -10.14 0.15
C PHE C 212 -5.76 -8.78 -0.31
N ALA C 213 -4.86 -7.94 -0.80
CA ALA C 213 -5.22 -6.60 -1.26
C ALA C 213 -6.27 -6.63 -2.37
N LYS C 214 -6.29 -7.69 -3.15
CA LYS C 214 -7.25 -7.82 -4.25
C LYS C 214 -8.70 -7.78 -3.77
N ARG C 215 -8.93 -8.16 -2.52
CA ARG C 215 -10.30 -8.14 -1.99
C ARG C 215 -10.71 -6.83 -1.34
N ILE C 216 -9.78 -5.87 -1.26
CA ILE C 216 -10.10 -4.57 -0.68
C ILE C 216 -10.83 -3.70 -1.70
N THR C 217 -12.12 -3.49 -1.49
CA THR C 217 -12.92 -2.69 -2.40
C THR C 217 -12.41 -1.27 -2.62
N LEU C 218 -11.98 -0.61 -1.55
CA LEU C 218 -11.49 0.76 -1.67
C LEU C 218 -10.11 0.90 -2.32
N GLY C 219 -9.53 -0.22 -2.73
CA GLY C 219 -8.25 -0.20 -3.42
C GLY C 219 -7.04 0.48 -2.80
N ARG C 220 -6.91 0.42 -1.48
CA ARG C 220 -5.76 0.99 -0.80
C ARG C 220 -5.65 0.29 0.54
N LEU C 221 -4.43 0.16 1.04
CA LEU C 221 -4.22 -0.49 2.33
C LEU C 221 -4.66 0.47 3.43
N SER C 222 -4.86 -0.08 4.62
CA SER C 222 -5.33 0.70 5.75
C SER C 222 -4.22 1.34 6.57
N GLU C 223 -4.50 2.52 7.11
CA GLU C 223 -3.58 3.23 7.98
C GLU C 223 -4.10 2.93 9.38
N PRO C 224 -3.21 2.87 10.37
CA PRO C 224 -3.70 2.59 11.72
C PRO C 224 -4.77 3.61 12.11
N GLU C 225 -4.62 4.84 11.61
CA GLU C 225 -5.56 5.91 11.90
C GLU C 225 -6.96 5.63 11.35
N ASP C 226 -7.06 4.84 10.29
CA ASP C 226 -8.36 4.49 9.73
C ASP C 226 -9.12 3.67 10.76
N VAL C 227 -8.42 2.74 11.41
CA VAL C 227 -9.03 1.90 12.43
C VAL C 227 -9.37 2.74 13.65
N ALA C 228 -8.46 3.65 14.02
CA ALA C 228 -8.68 4.51 15.18
C ALA C 228 -9.92 5.38 15.01
N ALA C 229 -10.21 5.79 13.77
CA ALA C 229 -11.37 6.63 13.48
C ALA C 229 -12.65 5.88 13.80
N CYS C 230 -12.64 4.57 13.58
CA CYS C 230 -13.81 3.74 13.87
C CYS C 230 -13.95 3.54 15.37
N VAL C 231 -12.81 3.28 16.02
CA VAL C 231 -12.81 3.09 17.47
C VAL C 231 -13.29 4.36 18.17
N SER C 232 -13.01 5.52 17.57
CA SER C 232 -13.43 6.78 18.15
C SER C 232 -14.94 6.79 18.29
N TYR C 233 -15.64 6.28 17.28
CA TYR C 233 -17.09 6.21 17.32
C TYR C 233 -17.53 5.27 18.43
N LEU C 234 -16.89 4.10 18.49
CA LEU C 234 -17.23 3.10 19.51
C LEU C 234 -16.92 3.57 20.94
N ALA C 235 -16.05 4.56 21.08
CA ALA C 235 -15.72 5.08 22.41
C ALA C 235 -16.59 6.29 22.76
N SER C 236 -17.22 6.85 21.73
CA SER C 236 -18.07 8.02 21.87
C SER C 236 -19.51 7.72 22.29
N PRO C 237 -20.20 8.71 22.85
CA PRO C 237 -21.59 8.46 23.25
C PRO C 237 -22.47 8.21 22.03
N ASP C 238 -21.95 8.50 20.84
CA ASP C 238 -22.70 8.29 19.60
C ASP C 238 -22.95 6.81 19.32
N SER C 239 -22.29 5.95 20.07
CA SER C 239 -22.45 4.51 19.91
C SER C 239 -23.22 3.91 21.08
N ASP C 240 -23.75 4.76 21.95
CA ASP C 240 -24.50 4.30 23.12
C ASP C 240 -25.57 3.26 22.84
N TYR C 241 -26.28 3.39 21.72
CA TYR C 241 -27.36 2.46 21.40
C TYR C 241 -26.91 1.28 20.54
N MET C 242 -25.60 1.09 20.44
CA MET C 242 -25.06 -0.01 19.67
C MET C 242 -24.37 -1.00 20.61
N THR C 243 -24.69 -2.28 20.48
CA THR C 243 -24.03 -3.27 21.32
C THR C 243 -24.04 -4.63 20.63
N GLY C 244 -22.98 -5.38 20.86
CA GLY C 244 -22.83 -6.70 20.28
C GLY C 244 -22.42 -6.71 18.82
N GLN C 245 -21.96 -5.56 18.33
CA GLN C 245 -21.56 -5.44 16.94
C GLN C 245 -20.05 -5.42 16.76
N SER C 246 -19.59 -5.99 15.64
CA SER C 246 -18.17 -6.02 15.32
C SER C 246 -18.11 -5.37 13.95
N LEU C 247 -17.91 -4.07 13.95
CA LEU C 247 -17.89 -3.26 12.73
C LEU C 247 -16.72 -3.49 11.81
N LEU C 248 -17.01 -3.57 10.52
CA LEU C 248 -15.99 -3.78 9.51
C LEU C 248 -15.45 -2.45 8.99
N ILE C 249 -14.22 -2.14 9.37
CA ILE C 249 -13.54 -0.92 8.94
C ILE C 249 -12.33 -1.50 8.21
N ASP C 250 -12.65 -2.22 7.13
CA ASP C 250 -11.66 -2.95 6.35
C ASP C 250 -11.50 -2.54 4.89
N GLY C 251 -12.10 -1.42 4.49
CA GLY C 251 -11.99 -1.00 3.11
C GLY C 251 -12.91 -1.81 2.21
N GLY C 252 -13.81 -2.56 2.83
CA GLY C 252 -14.75 -3.37 2.08
C GLY C 252 -14.24 -4.73 1.62
N MET C 253 -13.70 -5.52 2.54
CA MET C 253 -13.21 -6.85 2.21
C MET C 253 -14.36 -7.83 2.44
N VAL C 254 -15.06 -7.63 3.57
CA VAL C 254 -16.20 -8.45 3.95
C VAL C 254 -17.37 -7.49 4.09
N PHE C 255 -18.54 -7.89 3.59
CA PHE C 255 -19.73 -7.04 3.67
C PHE C 255 -20.76 -7.62 4.63
N ASN C 256 -21.22 -6.79 5.56
CA ASN C 256 -22.27 -7.21 6.48
C ASN C 256 -23.36 -6.14 6.42
N LYS D 2 -18.82 -49.49 1.60
CA LYS D 2 -17.34 -49.45 1.56
C LYS D 2 -16.81 -48.15 2.16
N LYS D 3 -17.62 -47.10 2.11
CA LYS D 3 -17.23 -45.79 2.65
C LYS D 3 -17.03 -45.86 4.16
N VAL D 4 -16.04 -45.14 4.65
CA VAL D 4 -15.71 -45.12 6.07
C VAL D 4 -15.79 -43.74 6.72
N ALA D 5 -16.40 -43.70 7.91
CA ALA D 5 -16.52 -42.46 8.66
C ALA D 5 -16.15 -42.70 10.12
N LEU D 6 -15.54 -41.69 10.73
CA LEU D 6 -15.20 -41.76 12.15
C LEU D 6 -15.96 -40.61 12.78
N VAL D 7 -16.65 -40.90 13.89
CA VAL D 7 -17.42 -39.90 14.59
C VAL D 7 -16.90 -39.82 16.03
N THR D 8 -16.43 -38.64 16.44
CA THR D 8 -15.94 -38.49 17.81
C THR D 8 -17.13 -38.18 18.71
N GLY D 9 -17.04 -38.60 19.98
CA GLY D 9 -18.14 -38.38 20.91
C GLY D 9 -19.35 -39.20 20.51
N ALA D 10 -19.11 -40.32 19.85
CA ALA D 10 -20.19 -41.19 19.37
C ALA D 10 -20.79 -42.13 20.41
N GLY D 11 -20.31 -42.07 21.64
CA GLY D 11 -20.84 -42.94 22.68
C GLY D 11 -22.24 -42.61 23.12
N GLN D 12 -22.68 -41.38 22.89
CA GLN D 12 -24.03 -40.98 23.31
C GLN D 12 -24.51 -39.74 22.55
N GLY D 13 -25.72 -39.31 22.89
CA GLY D 13 -26.33 -38.12 22.31
C GLY D 13 -26.33 -37.97 20.81
N ILE D 14 -25.93 -36.78 20.37
CA ILE D 14 -25.88 -36.46 18.95
C ILE D 14 -24.90 -37.34 18.21
N GLY D 15 -23.72 -37.56 18.80
CA GLY D 15 -22.71 -38.39 18.17
C GLY D 15 -23.22 -39.79 17.88
N LYS D 16 -23.90 -40.39 18.85
CA LYS D 16 -24.44 -41.73 18.65
C LYS D 16 -25.48 -41.72 17.54
N ALA D 17 -26.36 -40.72 17.55
CA ALA D 17 -27.38 -40.63 16.52
C ALA D 17 -26.76 -40.48 15.15
N ILE D 18 -25.68 -39.70 15.07
CA ILE D 18 -25.00 -39.49 13.80
C ILE D 18 -24.40 -40.82 13.32
N ALA D 19 -23.74 -41.53 14.23
CA ALA D 19 -23.13 -42.81 13.87
C ALA D 19 -24.17 -43.78 13.33
N LEU D 20 -25.30 -43.92 14.03
CA LEU D 20 -26.34 -44.84 13.59
C LEU D 20 -26.93 -44.44 12.25
N ARG D 21 -27.08 -43.15 12.01
CA ARG D 21 -27.65 -42.67 10.75
C ARG D 21 -26.67 -42.95 9.62
N LEU D 22 -25.38 -42.69 9.87
CA LEU D 22 -24.36 -42.93 8.87
C LEU D 22 -24.32 -44.42 8.53
N VAL D 23 -24.53 -45.27 9.53
CA VAL D 23 -24.54 -46.72 9.31
C VAL D 23 -25.71 -47.05 8.38
N LYS D 24 -26.86 -46.42 8.63
CA LYS D 24 -28.03 -46.65 7.81
C LYS D 24 -27.79 -46.15 6.39
N ASP D 25 -26.99 -45.10 6.26
CA ASP D 25 -26.67 -44.54 4.94
C ASP D 25 -25.70 -45.44 4.19
N GLY D 26 -25.12 -46.42 4.88
CA GLY D 26 -24.19 -47.34 4.24
C GLY D 26 -22.74 -47.25 4.66
N PHE D 27 -22.42 -46.42 5.65
CA PHE D 27 -21.04 -46.28 6.10
C PHE D 27 -20.61 -47.31 7.13
N ALA D 28 -19.31 -47.59 7.14
CA ALA D 28 -18.72 -48.46 8.14
C ALA D 28 -18.29 -47.32 9.07
N VAL D 29 -18.56 -47.43 10.36
CA VAL D 29 -18.22 -46.31 11.25
C VAL D 29 -17.34 -46.63 12.44
N ALA D 30 -16.46 -45.68 12.75
CA ALA D 30 -15.57 -45.82 13.90
C ALA D 30 -16.20 -44.99 15.02
N ILE D 31 -16.55 -45.67 16.11
CA ILE D 31 -17.16 -45.01 17.27
C ILE D 31 -16.05 -44.53 18.20
N ALA D 32 -15.67 -43.26 18.04
CA ALA D 32 -14.61 -42.66 18.84
C ALA D 32 -15.13 -41.89 20.03
N ASP D 33 -14.60 -42.18 21.21
CA ASP D 33 -15.04 -41.50 22.42
C ASP D 33 -14.04 -41.76 23.53
N TYR D 34 -13.98 -40.89 24.53
CA TYR D 34 -13.04 -41.19 25.61
C TYR D 34 -13.72 -42.06 26.66
N ASN D 35 -14.99 -42.35 26.42
CA ASN D 35 -15.77 -43.22 27.31
C ASN D 35 -15.78 -44.60 26.64
N ASP D 36 -14.90 -45.47 27.11
CA ASP D 36 -14.76 -46.82 26.57
C ASP D 36 -16.03 -47.65 26.61
N ALA D 37 -16.75 -47.58 27.73
CA ALA D 37 -17.97 -48.35 27.89
C ALA D 37 -19.05 -48.02 26.87
N THR D 38 -19.36 -46.73 26.72
CA THR D 38 -20.39 -46.34 25.77
C THR D 38 -19.96 -46.54 24.32
N ALA D 39 -18.70 -46.30 24.02
CA ALA D 39 -18.19 -46.47 22.67
C ALA D 39 -18.33 -47.93 22.25
N LYS D 40 -17.92 -48.84 23.13
CA LYS D 40 -18.02 -50.26 22.82
C LYS D 40 -19.47 -50.73 22.72
N ALA D 41 -20.34 -50.13 23.54
CA ALA D 41 -21.76 -50.49 23.52
C ALA D 41 -22.42 -50.08 22.22
N VAL D 42 -22.06 -48.91 21.72
CA VAL D 42 -22.63 -48.41 20.47
C VAL D 42 -22.12 -49.25 19.29
N ALA D 43 -20.82 -49.54 19.30
CA ALA D 43 -20.23 -50.35 18.24
C ALA D 43 -20.87 -51.73 18.23
N SER D 44 -21.11 -52.27 19.42
CA SER D 44 -21.73 -53.59 19.55
C SER D 44 -23.15 -53.56 19.00
N GLU D 45 -23.90 -52.53 19.35
CA GLU D 45 -25.27 -52.39 18.88
C GLU D 45 -25.29 -52.40 17.35
N ILE D 46 -24.37 -51.68 16.75
CA ILE D 46 -24.29 -51.60 15.28
C ILE D 46 -23.94 -52.94 14.65
N ASN D 47 -22.88 -53.57 15.13
CA ASN D 47 -22.45 -54.85 14.58
C ASN D 47 -23.51 -55.96 14.71
N GLN D 48 -24.22 -55.98 15.83
CA GLN D 48 -25.24 -57.00 16.05
C GLN D 48 -26.42 -56.83 15.08
N ALA D 49 -26.63 -55.61 14.61
CA ALA D 49 -27.72 -55.33 13.69
C ALA D 49 -27.31 -55.56 12.24
N GLY D 50 -26.07 -55.97 12.03
CA GLY D 50 -25.60 -56.25 10.68
C GLY D 50 -24.72 -55.17 10.09
N GLY D 51 -24.48 -54.11 10.86
CA GLY D 51 -23.63 -53.03 10.38
C GLY D 51 -22.17 -53.34 10.64
N HIS D 52 -21.30 -52.39 10.31
CA HIS D 52 -19.88 -52.57 10.52
C HIS D 52 -19.32 -51.37 11.27
N ALA D 53 -18.85 -51.61 12.49
CA ALA D 53 -18.32 -50.54 13.31
C ALA D 53 -17.20 -51.04 14.22
N VAL D 54 -16.43 -50.10 14.74
CA VAL D 54 -15.34 -50.42 15.64
C VAL D 54 -15.24 -49.31 16.67
N ALA D 55 -15.04 -49.69 17.93
CA ALA D 55 -14.92 -48.71 19.00
C ALA D 55 -13.46 -48.28 19.11
N VAL D 56 -13.24 -46.98 19.27
CA VAL D 56 -11.89 -46.46 19.38
C VAL D 56 -11.83 -45.48 20.55
N LYS D 57 -10.93 -45.75 21.48
CA LYS D 57 -10.75 -44.90 22.65
C LYS D 57 -9.87 -43.71 22.29
N VAL D 58 -10.36 -42.51 22.59
CA VAL D 58 -9.59 -41.32 22.29
C VAL D 58 -10.09 -40.07 23.02
N ASP D 59 -9.14 -39.29 23.52
CA ASP D 59 -9.45 -38.03 24.17
C ASP D 59 -9.06 -37.06 23.05
N VAL D 60 -10.06 -36.44 22.44
CA VAL D 60 -9.81 -35.54 21.32
C VAL D 60 -8.93 -34.33 21.60
N SER D 61 -8.71 -34.02 22.88
CA SER D 61 -7.87 -32.87 23.22
C SER D 61 -6.40 -33.20 22.96
N ASP D 62 -6.08 -34.49 22.82
CA ASP D 62 -4.70 -34.88 22.56
C ASP D 62 -4.46 -35.17 21.08
N ARG D 63 -3.60 -34.36 20.47
CA ARG D 63 -3.30 -34.49 19.05
C ARG D 63 -2.86 -35.89 18.63
N ASP D 64 -1.93 -36.49 19.36
CA ASP D 64 -1.46 -37.83 19.00
C ASP D 64 -2.56 -38.87 19.05
N GLN D 65 -3.42 -38.78 20.06
CA GLN D 65 -4.51 -39.74 20.19
C GLN D 65 -5.50 -39.65 19.03
N VAL D 66 -5.74 -38.43 18.54
CA VAL D 66 -6.67 -38.26 17.43
C VAL D 66 -6.10 -38.89 16.17
N PHE D 67 -4.81 -38.67 15.92
CA PHE D 67 -4.18 -39.26 14.76
C PHE D 67 -4.23 -40.78 14.86
N ALA D 68 -3.93 -41.31 16.06
CA ALA D 68 -3.95 -42.75 16.27
C ALA D 68 -5.35 -43.33 16.06
N ALA D 69 -6.37 -42.62 16.53
CA ALA D 69 -7.75 -43.08 16.37
C ALA D 69 -8.14 -43.13 14.90
N VAL D 70 -7.78 -42.08 14.15
CA VAL D 70 -8.11 -42.02 12.73
C VAL D 70 -7.40 -43.13 11.97
N GLU D 71 -6.14 -43.36 12.30
CA GLU D 71 -5.37 -44.41 11.63
C GLU D 71 -5.90 -45.80 11.96
N GLN D 72 -6.35 -45.99 13.19
CA GLN D 72 -6.89 -47.29 13.58
C GLN D 72 -8.17 -47.54 12.77
N ALA D 73 -8.97 -46.50 12.61
CA ALA D 73 -10.21 -46.62 11.85
C ALA D 73 -9.89 -46.91 10.38
N ARG D 74 -8.93 -46.16 9.84
CA ARG D 74 -8.53 -46.32 8.45
C ARG D 74 -8.05 -47.75 8.15
N LYS D 75 -7.26 -48.29 9.06
CA LYS D 75 -6.73 -49.64 8.88
C LYS D 75 -7.76 -50.73 9.15
N THR D 76 -8.48 -50.63 10.26
CA THR D 76 -9.46 -51.63 10.62
C THR D 76 -10.66 -51.69 9.68
N LEU D 77 -11.18 -50.52 9.30
CA LEU D 77 -12.34 -50.46 8.42
C LEU D 77 -11.99 -50.44 6.93
N GLY D 78 -10.69 -50.37 6.62
CA GLY D 78 -10.23 -50.41 5.25
C GLY D 78 -10.42 -49.18 4.38
N GLY D 79 -10.48 -48.01 5.00
CA GLY D 79 -10.64 -46.79 4.24
C GLY D 79 -10.93 -45.63 5.18
N PHE D 80 -11.12 -44.45 4.60
CA PHE D 80 -11.43 -43.27 5.40
C PHE D 80 -11.96 -42.21 4.46
N ASP D 81 -13.24 -41.88 4.60
CA ASP D 81 -13.89 -40.93 3.71
C ASP D 81 -14.51 -39.72 4.39
N VAL D 82 -14.86 -39.86 5.65
CA VAL D 82 -15.51 -38.78 6.38
C VAL D 82 -15.13 -38.77 7.85
N ILE D 83 -14.90 -37.58 8.39
CA ILE D 83 -14.65 -37.48 9.82
C ILE D 83 -15.65 -36.49 10.36
N VAL D 84 -16.21 -36.80 11.52
CA VAL D 84 -17.18 -35.91 12.14
C VAL D 84 -16.62 -35.57 13.52
N ASN D 85 -16.09 -34.34 13.65
CA ASN D 85 -15.52 -33.87 14.90
C ASN D 85 -16.68 -33.33 15.72
N ASN D 86 -17.33 -34.25 16.42
CA ASN D 86 -18.53 -34.00 17.21
C ASN D 86 -18.35 -33.87 18.73
N ALA D 87 -17.35 -34.55 19.28
CA ALA D 87 -17.13 -34.47 20.73
C ALA D 87 -16.98 -33.03 21.19
N GLY D 88 -17.61 -32.70 22.33
CA GLY D 88 -17.51 -31.35 22.85
C GLY D 88 -18.07 -31.22 24.26
N VAL D 89 -17.74 -30.13 24.94
CA VAL D 89 -18.26 -29.87 26.27
C VAL D 89 -18.90 -28.49 26.27
N ALA D 90 -19.86 -28.29 27.16
CA ALA D 90 -20.56 -27.01 27.19
C ALA D 90 -20.98 -26.53 28.56
N PRO D 91 -20.02 -26.07 29.37
CA PRO D 91 -20.41 -25.59 30.70
C PRO D 91 -20.95 -24.16 30.56
N SER D 92 -21.89 -23.79 31.42
CA SER D 92 -22.40 -22.43 31.39
C SER D 92 -21.32 -21.66 32.13
N THR D 93 -21.06 -20.42 31.70
CA THR D 93 -20.00 -19.67 32.33
C THR D 93 -20.29 -18.20 32.63
N PRO D 94 -20.80 -17.90 33.83
CA PRO D 94 -21.08 -16.49 34.14
C PRO D 94 -19.77 -15.75 33.88
N ILE D 95 -19.83 -14.68 33.11
CA ILE D 95 -18.61 -13.95 32.75
C ILE D 95 -17.66 -13.59 33.88
N GLU D 96 -18.20 -13.09 34.99
CA GLU D 96 -17.34 -12.69 36.10
C GLU D 96 -16.56 -13.83 36.75
N SER D 97 -17.03 -15.06 36.59
CA SER D 97 -16.35 -16.19 37.22
C SER D 97 -15.52 -17.05 36.28
N ILE D 98 -15.34 -16.60 35.05
CA ILE D 98 -14.53 -17.36 34.09
C ILE D 98 -13.08 -17.40 34.56
N THR D 99 -12.49 -18.59 34.54
CA THR D 99 -11.11 -18.78 34.96
C THR D 99 -10.28 -19.33 33.81
N PRO D 100 -8.95 -19.26 33.92
CA PRO D 100 -8.10 -19.79 32.85
C PRO D 100 -8.36 -21.29 32.67
N GLU D 101 -8.58 -21.98 33.80
CA GLU D 101 -8.84 -23.42 33.79
C GLU D 101 -10.07 -23.77 32.96
N ILE D 102 -11.15 -23.02 33.15
CA ILE D 102 -12.39 -23.26 32.44
C ILE D 102 -12.18 -23.05 30.95
N VAL D 103 -11.49 -21.97 30.58
CA VAL D 103 -11.26 -21.71 29.16
C VAL D 103 -10.46 -22.86 28.56
N ASP D 104 -9.39 -23.27 29.25
CA ASP D 104 -8.56 -24.37 28.76
C ASP D 104 -9.35 -25.66 28.57
N LYS D 105 -10.18 -26.00 29.55
CA LYS D 105 -10.96 -27.23 29.46
C LYS D 105 -11.86 -27.27 28.24
N VAL D 106 -12.60 -26.18 28.03
CA VAL D 106 -13.51 -26.09 26.90
C VAL D 106 -12.80 -26.00 25.57
N TYR D 107 -11.81 -25.12 25.47
CA TYR D 107 -11.07 -24.94 24.23
C TYR D 107 -10.18 -26.13 23.84
N ASN D 108 -9.61 -26.82 24.81
CA ASN D 108 -8.76 -27.96 24.47
C ASN D 108 -9.57 -29.07 23.80
N ILE D 109 -10.84 -29.20 24.18
CA ILE D 109 -11.69 -30.21 23.59
C ILE D 109 -12.42 -29.69 22.35
N ASN D 110 -13.15 -28.60 22.51
CA ASN D 110 -13.93 -28.03 21.41
C ASN D 110 -13.16 -27.42 20.24
N VAL D 111 -12.05 -26.76 20.54
CA VAL D 111 -11.27 -26.11 19.50
C VAL D 111 -10.07 -26.93 19.04
N LYS D 112 -9.18 -27.29 19.97
CA LYS D 112 -8.02 -28.07 19.60
C LYS D 112 -8.47 -29.43 19.04
N GLY D 113 -9.49 -30.02 19.64
CA GLY D 113 -9.98 -31.30 19.18
C GLY D 113 -10.37 -31.26 17.71
N VAL D 114 -10.98 -30.15 17.29
CA VAL D 114 -11.38 -29.98 15.92
C VAL D 114 -10.15 -29.84 15.02
N ILE D 115 -9.16 -29.07 15.48
CA ILE D 115 -7.95 -28.90 14.71
C ILE D 115 -7.25 -30.25 14.48
N TRP D 116 -7.10 -31.05 15.53
CA TRP D 116 -6.45 -32.35 15.38
C TRP D 116 -7.24 -33.26 14.43
N GLY D 117 -8.57 -33.19 14.50
CA GLY D 117 -9.41 -33.99 13.63
C GLY D 117 -9.22 -33.60 12.17
N ILE D 118 -9.16 -32.29 11.92
CA ILE D 118 -8.95 -31.81 10.57
C ILE D 118 -7.61 -32.37 10.06
N GLN D 119 -6.56 -32.17 10.84
CA GLN D 119 -5.22 -32.64 10.45
C GLN D 119 -5.14 -34.15 10.21
N ALA D 120 -5.69 -34.92 11.14
CA ALA D 120 -5.67 -36.38 11.02
C ALA D 120 -6.41 -36.85 9.78
N ALA D 121 -7.56 -36.24 9.52
CA ALA D 121 -8.37 -36.61 8.35
C ALA D 121 -7.62 -36.27 7.07
N VAL D 122 -6.94 -35.11 7.07
CA VAL D 122 -6.19 -34.69 5.89
C VAL D 122 -5.12 -35.74 5.56
N GLU D 123 -4.40 -36.21 6.57
CA GLU D 123 -3.37 -37.21 6.34
C GLU D 123 -3.99 -38.55 5.91
N ALA D 124 -5.13 -38.91 6.49
CA ALA D 124 -5.78 -40.16 6.13
C ALA D 124 -6.24 -40.15 4.67
N PHE D 125 -6.88 -39.06 4.26
CA PHE D 125 -7.34 -38.93 2.89
C PHE D 125 -6.14 -39.05 1.95
N LYS D 126 -5.05 -38.37 2.31
CA LYS D 126 -3.83 -38.39 1.51
C LYS D 126 -3.31 -39.81 1.34
N LYS D 127 -3.31 -40.56 2.44
CA LYS D 127 -2.83 -41.94 2.41
C LYS D 127 -3.76 -42.87 1.64
N GLU D 128 -5.01 -42.45 1.48
CA GLU D 128 -6.01 -43.23 0.76
C GLU D 128 -6.02 -42.83 -0.73
N GLY D 129 -5.26 -41.79 -1.05
CA GLY D 129 -5.17 -41.33 -2.43
C GLY D 129 -6.37 -40.58 -2.98
N HIS D 130 -7.16 -39.96 -2.11
CA HIS D 130 -8.32 -39.22 -2.58
C HIS D 130 -8.67 -38.08 -1.62
N GLY D 131 -9.77 -37.39 -1.91
CA GLY D 131 -10.19 -36.31 -1.05
C GLY D 131 -11.09 -36.80 0.07
N GLY D 132 -11.94 -35.93 0.60
CA GLY D 132 -12.81 -36.37 1.67
C GLY D 132 -13.67 -35.27 2.24
N LYS D 133 -14.47 -35.61 3.24
CA LYS D 133 -15.36 -34.68 3.89
C LYS D 133 -15.04 -34.56 5.37
N ILE D 134 -14.84 -33.33 5.82
CA ILE D 134 -14.58 -33.04 7.23
C ILE D 134 -15.83 -32.31 7.71
N ILE D 135 -16.44 -32.82 8.78
CA ILE D 135 -17.68 -32.24 9.31
C ILE D 135 -17.50 -31.90 10.78
N ASN D 136 -17.67 -30.62 11.11
CA ASN D 136 -17.49 -30.16 12.50
C ASN D 136 -18.78 -29.80 13.22
N ALA D 137 -18.84 -30.13 14.51
CA ALA D 137 -20.01 -29.79 15.30
C ALA D 137 -19.87 -28.36 15.78
N CYS D 138 -20.80 -27.51 15.34
CA CYS D 138 -20.81 -26.11 15.73
C CYS D 138 -22.08 -25.97 16.59
N SER D 139 -22.77 -24.84 16.49
CA SER D 139 -23.99 -24.61 17.26
C SER D 139 -24.58 -23.28 16.81
N GLN D 140 -25.85 -23.04 17.10
CA GLN D 140 -26.40 -21.75 16.72
C GLN D 140 -25.64 -20.72 17.56
N ALA D 141 -25.09 -21.17 18.69
CA ALA D 141 -24.31 -20.32 19.60
C ALA D 141 -22.95 -20.01 18.97
N GLY D 142 -22.67 -20.65 17.84
CA GLY D 142 -21.44 -20.42 17.11
C GLY D 142 -21.66 -19.36 16.04
N HIS D 143 -22.92 -18.93 15.91
CA HIS D 143 -23.28 -17.88 14.95
C HIS D 143 -23.67 -16.62 15.70
N VAL D 144 -24.32 -16.78 16.84
CA VAL D 144 -24.74 -15.66 17.68
C VAL D 144 -24.42 -16.01 19.14
N GLY D 145 -23.63 -15.16 19.80
CA GLY D 145 -23.26 -15.43 21.18
C GLY D 145 -24.49 -15.59 22.06
N ASN D 146 -24.58 -16.70 22.78
CA ASN D 146 -25.72 -16.96 23.66
C ASN D 146 -25.46 -16.46 25.08
N PRO D 147 -26.53 -16.04 25.77
CA PRO D 147 -26.37 -15.56 27.14
C PRO D 147 -25.93 -16.70 28.06
N GLU D 148 -25.12 -16.37 29.07
CA GLU D 148 -24.61 -17.34 30.05
C GLU D 148 -23.67 -18.38 29.47
N LEU D 149 -23.35 -18.26 28.19
CA LEU D 149 -22.47 -19.24 27.53
C LEU D 149 -21.29 -18.58 26.81
N ALA D 150 -20.63 -17.64 27.47
CA ALA D 150 -19.49 -16.95 26.84
C ALA D 150 -18.39 -17.86 26.34
N VAL D 151 -17.89 -18.73 27.20
CA VAL D 151 -16.81 -19.63 26.81
C VAL D 151 -17.27 -20.65 25.77
N TYR D 152 -18.44 -21.26 25.98
CA TYR D 152 -18.95 -22.23 25.02
C TYR D 152 -19.23 -21.58 23.67
N SER D 153 -19.95 -20.46 23.69
CA SER D 153 -20.27 -19.76 22.45
C SER D 153 -19.01 -19.38 21.68
N SER D 154 -18.06 -18.75 22.36
CA SER D 154 -16.83 -18.35 21.69
C SER D 154 -16.08 -19.55 21.13
N SER D 155 -16.14 -20.70 21.81
CA SER D 155 -15.43 -21.87 21.30
C SER D 155 -16.08 -22.36 20.00
N LYS D 156 -17.40 -22.23 19.89
CA LYS D 156 -18.08 -22.68 18.68
C LYS D 156 -17.89 -21.66 17.57
N PHE D 157 -17.69 -20.39 17.91
CA PHE D 157 -17.41 -19.39 16.89
C PHE D 157 -16.04 -19.77 16.33
N ALA D 158 -15.12 -20.15 17.22
CA ALA D 158 -13.78 -20.55 16.79
C ALA D 158 -13.85 -21.75 15.87
N VAL D 159 -14.72 -22.70 16.20
CA VAL D 159 -14.87 -23.89 15.35
C VAL D 159 -15.32 -23.48 13.95
N ARG D 160 -16.23 -22.51 13.86
CA ARG D 160 -16.70 -22.07 12.56
C ARG D 160 -15.58 -21.39 11.78
N GLY D 161 -14.75 -20.62 12.49
CA GLY D 161 -13.63 -19.96 11.85
C GLY D 161 -12.68 -20.99 11.27
N LEU D 162 -12.41 -22.05 12.04
CA LEU D 162 -11.52 -23.11 11.59
C LEU D 162 -12.14 -23.80 10.37
N THR D 163 -13.44 -24.02 10.45
CA THR D 163 -14.17 -24.66 9.35
C THR D 163 -13.98 -23.88 8.06
N GLN D 164 -14.10 -22.55 8.15
CA GLN D 164 -13.96 -21.72 6.97
C GLN D 164 -12.53 -21.65 6.43
N THR D 165 -11.54 -21.43 7.29
CA THR D 165 -10.16 -21.37 6.80
C THR D 165 -9.76 -22.74 6.22
N ALA D 166 -10.14 -23.81 6.90
CA ALA D 166 -9.81 -25.16 6.43
C ALA D 166 -10.43 -25.41 5.05
N ALA D 167 -11.67 -24.96 4.86
CA ALA D 167 -12.35 -25.13 3.59
C ALA D 167 -11.53 -24.50 2.47
N ARG D 168 -10.99 -23.32 2.73
CA ARG D 168 -10.20 -22.61 1.74
C ARG D 168 -8.82 -23.24 1.54
N ASP D 169 -8.16 -23.58 2.64
CA ASP D 169 -6.82 -24.17 2.58
C ASP D 169 -6.76 -25.58 1.99
N LEU D 170 -7.79 -26.38 2.24
CA LEU D 170 -7.81 -27.77 1.80
C LEU D 170 -8.53 -28.07 0.49
N ALA D 171 -9.20 -27.07 -0.08
CA ALA D 171 -9.92 -27.26 -1.32
C ALA D 171 -9.07 -27.90 -2.42
N PRO D 172 -7.80 -27.48 -2.56
CA PRO D 172 -6.92 -28.05 -3.58
C PRO D 172 -6.71 -29.55 -3.45
N LEU D 173 -6.94 -30.08 -2.25
CA LEU D 173 -6.77 -31.51 -1.99
C LEU D 173 -8.07 -32.28 -2.20
N GLY D 174 -9.09 -31.60 -2.71
CA GLY D 174 -10.37 -32.24 -2.95
C GLY D 174 -11.09 -32.54 -1.66
N ILE D 175 -10.82 -31.71 -0.65
CA ILE D 175 -11.42 -31.87 0.68
C ILE D 175 -12.37 -30.73 0.99
N THR D 176 -13.57 -31.05 1.47
CA THR D 176 -14.52 -30.02 1.85
C THR D 176 -14.60 -30.00 3.37
N VAL D 177 -14.96 -28.85 3.93
CA VAL D 177 -15.08 -28.72 5.38
C VAL D 177 -16.32 -27.91 5.67
N ASN D 178 -17.27 -28.55 6.36
CA ASN D 178 -18.52 -27.90 6.72
C ASN D 178 -18.85 -28.19 8.17
N GLY D 179 -19.86 -27.50 8.70
CA GLY D 179 -20.25 -27.74 10.08
C GLY D 179 -21.76 -27.82 10.20
N TYR D 180 -22.22 -28.37 11.33
CA TYR D 180 -23.65 -28.45 11.60
C TYR D 180 -23.89 -27.69 12.89
N CYS D 181 -24.97 -26.93 12.93
CA CYS D 181 -25.28 -26.10 14.09
C CYS D 181 -26.62 -26.42 14.73
N PRO D 182 -26.61 -27.26 15.78
CA PRO D 182 -27.85 -27.63 16.46
C PRO D 182 -28.36 -26.48 17.35
N GLY D 183 -29.61 -26.62 17.80
CA GLY D 183 -30.20 -25.61 18.67
C GLY D 183 -30.21 -26.11 20.09
N ILE D 184 -31.38 -26.51 20.58
CA ILE D 184 -31.54 -27.04 21.93
C ILE D 184 -31.91 -28.51 21.72
N VAL D 185 -30.93 -29.38 21.93
CA VAL D 185 -31.13 -30.81 21.71
C VAL D 185 -31.24 -31.59 23.01
N LYS D 186 -32.14 -32.55 23.04
CA LYS D 186 -32.35 -33.35 24.23
C LYS D 186 -31.26 -34.41 24.44
N THR D 187 -30.19 -33.98 25.09
CA THR D 187 -29.05 -34.84 25.41
C THR D 187 -28.54 -34.42 26.78
N PRO D 188 -27.64 -35.22 27.37
CA PRO D 188 -27.10 -34.88 28.69
C PRO D 188 -26.42 -33.51 28.71
N MET D 189 -25.88 -33.08 27.56
CA MET D 189 -25.22 -31.79 27.51
C MET D 189 -26.19 -30.65 27.81
N TRP D 190 -27.33 -30.64 27.14
CA TRP D 190 -28.28 -29.57 27.40
C TRP D 190 -28.85 -29.68 28.82
N ALA D 191 -29.14 -30.90 29.25
CA ALA D 191 -29.68 -31.09 30.60
C ALA D 191 -28.77 -30.43 31.63
N GLU D 192 -27.46 -30.54 31.42
CA GLU D 192 -26.49 -29.95 32.33
C GLU D 192 -26.46 -28.43 32.23
N ILE D 193 -26.62 -27.90 31.02
CA ILE D 193 -26.64 -26.45 30.88
C ILE D 193 -27.86 -25.91 31.62
N ASP D 194 -29.00 -26.57 31.44
CA ASP D 194 -30.22 -26.15 32.12
C ASP D 194 -30.06 -26.20 33.63
N ARG D 195 -29.44 -27.26 34.14
CA ARG D 195 -29.24 -27.39 35.58
C ARG D 195 -28.38 -26.25 36.11
N GLN D 196 -27.29 -25.97 35.41
CA GLN D 196 -26.39 -24.90 35.83
C GLN D 196 -27.04 -23.52 35.80
N VAL D 197 -27.73 -23.22 34.70
CA VAL D 197 -28.41 -21.93 34.57
C VAL D 197 -29.55 -21.79 35.57
N SER D 198 -30.34 -22.85 35.74
CA SER D 198 -31.45 -22.82 36.68
C SER D 198 -30.96 -22.63 38.10
N GLU D 199 -29.92 -23.37 38.48
CA GLU D 199 -29.36 -23.27 39.81
C GLU D 199 -28.79 -21.89 40.09
N ALA D 200 -28.05 -21.35 39.13
CA ALA D 200 -27.45 -20.03 39.27
C ALA D 200 -28.51 -18.96 39.48
N ALA D 201 -29.67 -19.16 38.88
CA ALA D 201 -30.77 -18.19 38.97
C ALA D 201 -31.70 -18.46 40.15
N GLY D 202 -31.50 -19.58 40.83
CA GLY D 202 -32.37 -19.93 41.96
C GLY D 202 -33.75 -20.33 41.47
N LYS D 203 -33.79 -20.95 40.30
CA LYS D 203 -35.04 -21.38 39.67
C LYS D 203 -35.10 -22.91 39.58
N PRO D 204 -36.32 -23.47 39.52
CA PRO D 204 -36.47 -24.92 39.41
C PRO D 204 -35.88 -25.41 38.09
N LEU D 205 -35.50 -26.68 38.03
CA LEU D 205 -34.95 -27.22 36.78
C LEU D 205 -35.96 -26.99 35.66
N GLY D 206 -35.45 -26.70 34.47
CA GLY D 206 -36.33 -26.46 33.34
C GLY D 206 -36.40 -24.99 32.99
N TYR D 207 -35.95 -24.15 33.91
CA TYR D 207 -35.95 -22.70 33.71
C TYR D 207 -35.10 -22.33 32.49
N GLY D 208 -33.91 -22.92 32.42
CA GLY D 208 -33.03 -22.65 31.30
C GLY D 208 -33.65 -23.08 29.98
N THR D 209 -34.15 -24.31 29.96
CA THR D 209 -34.78 -24.86 28.76
C THR D 209 -35.92 -23.95 28.28
N ALA D 210 -36.76 -23.52 29.20
CA ALA D 210 -37.89 -22.67 28.85
C ALA D 210 -37.44 -21.33 28.28
N GLU D 211 -36.40 -20.74 28.85
CA GLU D 211 -35.91 -19.46 28.37
C GLU D 211 -35.33 -19.57 26.97
N PHE D 212 -34.45 -20.55 26.76
CA PHE D 212 -33.84 -20.74 25.45
C PHE D 212 -34.83 -21.22 24.41
N ALA D 213 -35.83 -21.99 24.83
CA ALA D 213 -36.85 -22.51 23.91
C ALA D 213 -37.68 -21.40 23.28
N LYS D 214 -37.76 -20.26 23.94
CA LYS D 214 -38.54 -19.14 23.43
C LYS D 214 -38.12 -18.72 22.01
N ARG D 215 -36.86 -18.95 21.67
CA ARG D 215 -36.37 -18.57 20.35
C ARG D 215 -36.47 -19.63 19.26
N ILE D 216 -36.98 -20.80 19.60
CA ILE D 216 -37.12 -21.88 18.62
C ILE D 216 -38.38 -21.68 17.78
N THR D 217 -38.21 -21.23 16.55
CA THR D 217 -39.34 -21.00 15.65
C THR D 217 -40.26 -22.19 15.50
N LEU D 218 -39.70 -23.39 15.35
CA LEU D 218 -40.53 -24.59 15.18
C LEU D 218 -41.23 -25.08 16.44
N GLY D 219 -41.09 -24.34 17.52
CA GLY D 219 -41.76 -24.67 18.77
C GLY D 219 -41.63 -26.04 19.42
N ARG D 220 -40.50 -26.69 19.24
CA ARG D 220 -40.27 -27.99 19.87
C ARG D 220 -38.76 -28.16 20.02
N LEU D 221 -38.34 -28.86 21.07
CA LEU D 221 -36.92 -29.10 21.27
C LEU D 221 -36.46 -30.09 20.21
N SER D 222 -35.15 -30.12 19.99
CA SER D 222 -34.57 -30.98 18.98
C SER D 222 -34.25 -32.38 19.50
N GLU D 223 -34.36 -33.36 18.60
CA GLU D 223 -34.02 -34.74 18.93
C GLU D 223 -32.65 -34.92 18.29
N PRO D 224 -31.83 -35.83 18.84
CA PRO D 224 -30.50 -36.02 18.25
C PRO D 224 -30.62 -36.42 16.78
N GLU D 225 -31.72 -37.11 16.45
CA GLU D 225 -31.93 -37.55 15.07
C GLU D 225 -32.12 -36.39 14.10
N ASP D 226 -32.62 -35.25 14.58
CA ASP D 226 -32.80 -34.10 13.69
C ASP D 226 -31.44 -33.66 13.22
N VAL D 227 -30.48 -33.61 14.14
CA VAL D 227 -29.12 -33.20 13.81
C VAL D 227 -28.49 -34.25 12.91
N ALA D 228 -28.70 -35.52 13.25
CA ALA D 228 -28.14 -36.62 12.46
C ALA D 228 -28.61 -36.57 11.00
N ALA D 229 -29.83 -36.11 10.77
CA ALA D 229 -30.38 -36.02 9.42
C ALA D 229 -29.63 -34.98 8.60
N CYS D 230 -29.22 -33.89 9.25
CA CYS D 230 -28.48 -32.85 8.56
C CYS D 230 -27.07 -33.35 8.28
N VAL D 231 -26.46 -34.01 9.27
CA VAL D 231 -25.12 -34.53 9.09
C VAL D 231 -25.11 -35.57 7.97
N SER D 232 -26.22 -36.29 7.80
CA SER D 232 -26.31 -37.30 6.74
C SER D 232 -26.10 -36.63 5.39
N TYR D 233 -26.67 -35.44 5.24
CA TYR D 233 -26.51 -34.68 4.01
C TYR D 233 -25.05 -34.28 3.83
N LEU D 234 -24.46 -33.77 4.91
CA LEU D 234 -23.07 -33.34 4.87
C LEU D 234 -22.07 -34.47 4.60
N ALA D 235 -22.48 -35.72 4.86
CA ALA D 235 -21.59 -36.85 4.62
C ALA D 235 -21.86 -37.53 3.28
N SER D 236 -22.95 -37.15 2.63
CA SER D 236 -23.33 -37.73 1.36
C SER D 236 -22.77 -36.97 0.17
N PRO D 237 -22.80 -37.59 -1.02
CA PRO D 237 -22.27 -36.88 -2.18
C PRO D 237 -23.12 -35.67 -2.57
N ASP D 238 -24.33 -35.57 -2.02
CA ASP D 238 -25.20 -34.45 -2.34
C ASP D 238 -24.69 -33.12 -1.80
N SER D 239 -23.67 -33.19 -0.96
CA SER D 239 -23.09 -31.97 -0.39
C SER D 239 -21.72 -31.71 -1.00
N ASP D 240 -21.40 -32.46 -2.05
CA ASP D 240 -20.10 -32.32 -2.72
C ASP D 240 -19.75 -30.90 -3.12
N TYR D 241 -20.75 -30.12 -3.53
CA TYR D 241 -20.47 -28.76 -3.99
C TYR D 241 -20.65 -27.70 -2.90
N MET D 242 -20.66 -28.14 -1.64
CA MET D 242 -20.81 -27.23 -0.52
C MET D 242 -19.58 -27.30 0.36
N THR D 243 -19.01 -26.14 0.66
CA THR D 243 -17.83 -26.12 1.53
C THR D 243 -17.76 -24.81 2.28
N GLY D 244 -17.22 -24.86 3.50
CA GLY D 244 -17.08 -23.66 4.31
C GLY D 244 -18.36 -23.22 4.99
N GLN D 245 -19.40 -24.05 4.90
CA GLN D 245 -20.69 -23.70 5.49
C GLN D 245 -20.95 -24.36 6.82
N SER D 246 -21.67 -23.67 7.69
CA SER D 246 -22.04 -24.17 9.00
C SER D 246 -23.55 -24.05 9.03
N LEU D 247 -24.22 -25.13 8.62
CA LEU D 247 -25.67 -25.17 8.53
C LEU D 247 -26.42 -25.13 9.85
N LEU D 248 -27.51 -24.36 9.86
CA LEU D 248 -28.35 -24.24 11.03
C LEU D 248 -29.49 -25.25 10.98
N ILE D 249 -29.39 -26.26 11.84
CA ILE D 249 -30.40 -27.30 11.95
C ILE D 249 -30.83 -27.14 13.41
N ASP D 250 -31.36 -25.96 13.70
CA ASP D 250 -31.75 -25.54 15.04
C ASP D 250 -33.21 -25.21 15.29
N GLY D 251 -34.09 -25.59 14.37
CA GLY D 251 -35.50 -25.28 14.56
C GLY D 251 -35.79 -23.81 14.33
N GLY D 252 -34.83 -23.09 13.74
CA GLY D 252 -35.02 -21.69 13.46
C GLY D 252 -34.78 -20.73 14.62
N MET D 253 -33.61 -20.82 15.23
CA MET D 253 -33.24 -19.93 16.33
C MET D 253 -32.45 -18.77 15.73
N VAL D 254 -31.55 -19.11 14.81
CA VAL D 254 -30.74 -18.13 14.12
C VAL D 254 -31.01 -18.33 12.62
N PHE D 255 -31.06 -17.24 11.87
CA PHE D 255 -31.34 -17.34 10.45
C PHE D 255 -30.22 -16.78 9.58
N ASN D 256 -29.78 -17.58 8.62
CA ASN D 256 -28.77 -17.16 7.66
C ASN D 256 -29.38 -17.41 6.28
N MET E 1 32.04 -25.48 -18.46
CA MET E 1 31.80 -25.43 -16.99
C MET E 1 31.02 -24.18 -16.59
N LYS E 2 30.25 -24.30 -15.52
CA LYS E 2 29.43 -23.22 -15.02
C LYS E 2 30.26 -22.00 -14.65
N LYS E 3 29.63 -20.83 -14.67
CA LYS E 3 30.31 -19.60 -14.33
C LYS E 3 30.61 -19.68 -12.84
N VAL E 4 31.70 -19.06 -12.42
CA VAL E 4 32.09 -19.09 -11.01
C VAL E 4 32.05 -17.71 -10.38
N ALA E 5 31.49 -17.66 -9.18
CA ALA E 5 31.40 -16.41 -8.44
C ALA E 5 31.82 -16.60 -6.98
N LEU E 6 32.55 -15.62 -6.46
CA LEU E 6 32.96 -15.65 -5.06
C LEU E 6 32.24 -14.49 -4.39
N VAL E 7 31.61 -14.77 -3.25
CA VAL E 7 30.88 -13.76 -2.50
C VAL E 7 31.44 -13.65 -1.09
N THR E 8 31.98 -12.49 -0.74
CA THR E 8 32.52 -12.32 0.60
C THR E 8 31.38 -12.00 1.57
N GLY E 9 31.55 -12.39 2.83
CA GLY E 9 30.52 -12.16 3.83
C GLY E 9 29.28 -12.97 3.50
N ALA E 10 29.47 -14.11 2.84
CA ALA E 10 28.37 -14.96 2.42
C ALA E 10 27.87 -15.92 3.50
N GLY E 11 28.35 -15.74 4.73
CA GLY E 11 27.92 -16.60 5.81
C GLY E 11 26.52 -16.31 6.32
N GLN E 12 26.04 -15.08 6.10
CA GLN E 12 24.71 -14.69 6.57
C GLN E 12 24.20 -13.46 5.84
N GLY E 13 23.02 -13.01 6.25
CA GLY E 13 22.40 -11.82 5.69
C GLY E 13 22.36 -11.71 4.18
N ILE E 14 22.68 -10.51 3.69
CA ILE E 14 22.67 -10.24 2.26
C ILE E 14 23.60 -11.14 1.48
N GLY E 15 24.81 -11.35 2.01
CA GLY E 15 25.78 -12.20 1.35
C GLY E 15 25.26 -13.61 1.11
N LYS E 16 24.63 -14.20 2.12
CA LYS E 16 24.11 -15.55 1.97
C LYS E 16 23.00 -15.54 0.91
N ALA E 17 22.13 -14.55 0.98
CA ALA E 17 21.04 -14.43 0.03
C ALA E 17 21.57 -14.29 -1.39
N ILE E 18 22.64 -13.52 -1.55
CA ILE E 18 23.26 -13.33 -2.87
C ILE E 18 23.82 -14.66 -3.38
N ALA E 19 24.53 -15.36 -2.50
CA ALA E 19 25.13 -16.64 -2.87
C ALA E 19 24.06 -17.62 -3.34
N LEU E 20 22.98 -17.73 -2.58
CA LEU E 20 21.89 -18.64 -2.91
C LEU E 20 21.23 -18.30 -4.23
N ARG E 21 21.03 -17.00 -4.48
CA ARG E 21 20.40 -16.56 -5.73
C ARG E 21 21.31 -16.84 -6.93
N LEU E 22 22.61 -16.62 -6.76
CA LEU E 22 23.54 -16.87 -7.85
C LEU E 22 23.57 -18.36 -8.16
N VAL E 23 23.44 -19.20 -7.14
CA VAL E 23 23.42 -20.64 -7.37
C VAL E 23 22.20 -20.97 -8.21
N LYS E 24 21.07 -20.36 -7.87
CA LYS E 24 19.83 -20.58 -8.61
C LYS E 24 20.01 -20.09 -10.04
N ASP E 25 20.78 -19.02 -10.22
CA ASP E 25 21.03 -18.47 -11.55
C ASP E 25 21.94 -19.39 -12.37
N GLY E 26 22.61 -20.31 -11.70
CA GLY E 26 23.47 -21.24 -12.41
C GLY E 26 24.96 -21.14 -12.10
N PHE E 27 25.33 -20.32 -11.13
CA PHE E 27 26.75 -20.16 -10.78
C PHE E 27 27.21 -21.21 -9.78
N ALA E 28 28.51 -21.51 -9.83
CA ALA E 28 29.15 -22.38 -8.86
C ALA E 28 29.63 -21.24 -7.97
N VAL E 29 29.45 -21.35 -6.66
CA VAL E 29 29.83 -20.25 -5.78
C VAL E 29 30.77 -20.55 -4.62
N ALA E 30 31.69 -19.62 -4.38
CA ALA E 30 32.63 -19.75 -3.28
C ALA E 30 32.05 -18.90 -2.14
N ILE E 31 31.81 -19.54 -1.01
CA ILE E 31 31.24 -18.87 0.16
C ILE E 31 32.40 -18.38 1.03
N ALA E 32 32.79 -17.12 0.84
CA ALA E 32 33.90 -16.53 1.58
C ALA E 32 33.40 -15.73 2.78
N ASP E 33 33.95 -16.03 3.95
CA ASP E 33 33.54 -15.32 5.15
C ASP E 33 34.56 -15.46 6.26
N TYR E 34 34.57 -14.47 7.16
CA TYR E 34 35.49 -14.47 8.29
C TYR E 34 35.07 -15.59 9.24
N ASN E 35 33.76 -15.82 9.29
CA ASN E 35 33.17 -16.85 10.14
C ASN E 35 33.21 -18.19 9.41
N ASP E 36 34.17 -19.01 9.80
CA ASP E 36 34.37 -20.33 9.21
C ASP E 36 33.11 -21.21 9.32
N ALA E 37 32.45 -21.15 10.47
CA ALA E 37 31.26 -21.95 10.72
C ALA E 37 30.10 -21.65 9.78
N THR E 38 29.69 -20.39 9.71
CA THR E 38 28.58 -20.00 8.86
C THR E 38 28.90 -20.23 7.38
N ALA E 39 30.16 -20.06 7.01
CA ALA E 39 30.58 -20.24 5.63
C ALA E 39 30.43 -21.71 5.24
N LYS E 40 30.84 -22.61 6.13
CA LYS E 40 30.74 -24.03 5.86
C LYS E 40 29.29 -24.49 5.86
N ALA E 41 28.47 -23.89 6.71
CA ALA E 41 27.05 -24.24 6.79
C ALA E 41 26.31 -23.85 5.52
N VAL E 42 26.63 -22.68 4.98
CA VAL E 42 25.98 -22.22 3.76
C VAL E 42 26.41 -23.06 2.56
N ALA E 43 27.69 -23.37 2.48
CA ALA E 43 28.20 -24.17 1.38
C ALA E 43 27.56 -25.56 1.40
N SER E 44 27.44 -26.13 2.59
CA SER E 44 26.85 -27.46 2.73
C SER E 44 25.39 -27.44 2.26
N GLU E 45 24.67 -26.37 2.61
CA GLU E 45 23.28 -26.23 2.22
C GLU E 45 23.18 -26.25 0.69
N ILE E 46 24.05 -25.50 0.03
CA ILE E 46 24.08 -25.43 -1.42
C ILE E 46 24.41 -26.78 -2.06
N ASN E 47 25.47 -27.43 -1.57
CA ASN E 47 25.87 -28.72 -2.11
C ASN E 47 24.85 -29.81 -1.88
N GLN E 48 24.22 -29.83 -0.71
CA GLN E 48 23.21 -30.84 -0.41
C GLN E 48 22.01 -30.68 -1.33
N ALA E 49 21.76 -29.45 -1.74
CA ALA E 49 20.63 -29.14 -2.62
C ALA E 49 20.93 -29.34 -4.11
N GLY E 50 22.11 -29.85 -4.42
CA GLY E 50 22.47 -30.10 -5.81
C GLY E 50 23.35 -29.05 -6.45
N GLY E 51 23.67 -28.00 -5.71
CA GLY E 51 24.52 -26.95 -6.25
C GLY E 51 26.00 -27.25 -6.11
N HIS E 52 26.84 -26.31 -6.54
CA HIS E 52 28.28 -26.47 -6.45
C HIS E 52 28.85 -25.27 -5.71
N ALA E 53 29.33 -25.50 -4.50
CA ALA E 53 29.88 -24.43 -3.68
C ALA E 53 31.04 -24.91 -2.83
N VAL E 54 31.81 -23.96 -2.31
CA VAL E 54 32.94 -24.27 -1.45
C VAL E 54 33.08 -23.14 -0.44
N ALA E 55 33.39 -23.50 0.79
CA ALA E 55 33.56 -22.50 1.84
C ALA E 55 35.02 -22.13 1.93
N VAL E 56 35.29 -20.83 2.08
CA VAL E 56 36.65 -20.33 2.17
C VAL E 56 36.71 -19.30 3.30
N LYS E 57 37.52 -19.59 4.32
CA LYS E 57 37.66 -18.66 5.44
C LYS E 57 38.59 -17.55 5.00
N VAL E 58 38.19 -16.30 5.21
CA VAL E 58 39.02 -15.18 4.82
C VAL E 58 38.64 -13.88 5.50
N ASP E 59 39.66 -13.10 5.86
CA ASP E 59 39.48 -11.80 6.49
C ASP E 59 39.76 -10.85 5.32
N VAL E 60 38.70 -10.27 4.76
CA VAL E 60 38.85 -9.38 3.61
C VAL E 60 39.77 -8.19 3.84
N SER E 61 40.06 -7.87 5.09
CA SER E 61 40.94 -6.74 5.36
C SER E 61 42.39 -7.08 5.03
N ASP E 62 42.69 -8.37 4.91
CA ASP E 62 44.06 -8.78 4.58
C ASP E 62 44.18 -9.09 3.10
N ARG E 63 45.04 -8.35 2.42
CA ARG E 63 45.26 -8.51 0.99
C ARG E 63 45.66 -9.92 0.56
N ASP E 64 46.64 -10.51 1.24
CA ASP E 64 47.08 -11.85 0.87
C ASP E 64 46.00 -12.90 1.04
N GLN E 65 45.17 -12.76 2.07
CA GLN E 65 44.09 -13.71 2.30
C GLN E 65 43.04 -13.65 1.20
N VAL E 66 42.76 -12.43 0.72
CA VAL E 66 41.77 -12.25 -0.34
C VAL E 66 42.28 -12.93 -1.61
N PHE E 67 43.54 -12.69 -1.96
CA PHE E 67 44.10 -13.31 -3.16
C PHE E 67 44.04 -14.83 -3.01
N ALA E 68 44.36 -15.32 -1.82
CA ALA E 68 44.35 -16.75 -1.56
C ALA E 68 42.94 -17.34 -1.70
N ALA E 69 41.95 -16.59 -1.24
CA ALA E 69 40.56 -17.03 -1.31
C ALA E 69 40.11 -17.12 -2.77
N VAL E 70 40.38 -16.07 -3.54
CA VAL E 70 40.01 -16.05 -4.95
C VAL E 70 40.68 -17.21 -5.71
N GLU E 71 41.96 -17.42 -5.44
CA GLU E 71 42.68 -18.49 -6.11
C GLU E 71 42.17 -19.87 -5.74
N GLN E 72 41.80 -20.05 -4.47
CA GLN E 72 41.27 -21.34 -4.05
C GLN E 72 39.96 -21.61 -4.77
N ALA E 73 39.11 -20.58 -4.84
CA ALA E 73 37.82 -20.69 -5.51
C ALA E 73 38.02 -20.99 -6.99
N ARG E 74 38.97 -20.30 -7.61
CA ARG E 74 39.24 -20.47 -9.04
C ARG E 74 39.72 -21.89 -9.37
N LYS E 75 40.56 -22.45 -8.51
CA LYS E 75 41.09 -23.79 -8.73
C LYS E 75 40.07 -24.88 -8.41
N THR E 76 39.39 -24.74 -7.29
CA THR E 76 38.40 -25.73 -6.87
C THR E 76 37.14 -25.75 -7.73
N LEU E 77 36.66 -24.57 -8.10
CA LEU E 77 35.46 -24.46 -8.92
C LEU E 77 35.72 -24.43 -10.42
N GLY E 78 37.01 -24.42 -10.80
CA GLY E 78 37.38 -24.44 -12.19
C GLY E 78 37.07 -23.21 -13.04
N GLY E 79 37.36 -22.03 -12.51
CA GLY E 79 37.11 -20.81 -13.25
C GLY E 79 36.82 -19.65 -12.32
N PHE E 80 36.70 -18.45 -12.88
CA PHE E 80 36.42 -17.27 -12.08
C PHE E 80 35.82 -16.22 -12.99
N ASP E 81 34.56 -15.87 -12.73
CA ASP E 81 33.84 -14.92 -13.57
C ASP E 81 33.27 -13.70 -12.86
N VAL E 82 32.94 -13.86 -11.59
CA VAL E 82 32.33 -12.77 -10.83
C VAL E 82 32.77 -12.76 -9.37
N ILE E 83 33.04 -11.57 -8.85
CA ILE E 83 33.38 -11.45 -7.45
C ILE E 83 32.42 -10.42 -6.88
N VAL E 84 31.88 -10.73 -5.70
CA VAL E 84 30.95 -9.83 -5.04
C VAL E 84 31.60 -9.45 -3.70
N ASN E 85 32.16 -8.24 -3.65
CA ASN E 85 32.80 -7.76 -2.42
C ASN E 85 31.69 -7.24 -1.53
N ASN E 86 31.07 -8.16 -0.80
CA ASN E 86 29.93 -7.88 0.06
C ASN E 86 30.21 -7.68 1.54
N ALA E 87 31.21 -8.37 2.08
CA ALA E 87 31.53 -8.25 3.50
C ALA E 87 31.68 -6.80 3.92
N GLY E 88 31.17 -6.48 5.11
CA GLY E 88 31.28 -5.12 5.61
C GLY E 88 30.76 -4.97 7.03
N VAL E 89 31.14 -3.89 7.68
CA VAL E 89 30.69 -3.61 9.04
C VAL E 89 30.04 -2.24 9.05
N ALA E 90 29.12 -2.02 9.99
CA ALA E 90 28.41 -0.75 10.04
C ALA E 90 28.07 -0.21 11.42
N PRO E 91 29.09 0.18 12.19
CA PRO E 91 28.77 0.70 13.52
C PRO E 91 28.25 2.13 13.36
N SER E 92 27.38 2.56 14.26
CA SER E 92 26.88 3.93 14.20
C SER E 92 28.01 4.67 14.89
N THR E 93 28.26 5.91 14.49
CA THR E 93 29.37 6.64 15.08
C THR E 93 29.11 8.10 15.36
N PRO E 94 28.69 8.44 16.59
CA PRO E 94 28.44 9.85 16.91
C PRO E 94 29.74 10.57 16.56
N ILE E 95 29.63 11.65 15.79
CA ILE E 95 30.83 12.37 15.36
C ILE E 95 31.84 12.72 16.45
N GLU E 96 31.38 13.24 17.58
CA GLU E 96 32.31 13.63 18.64
C GLU E 96 33.04 12.45 19.28
N SER E 97 32.55 11.24 19.06
CA SER E 97 33.16 10.05 19.64
C SER E 97 34.04 9.23 18.71
N ILE E 98 34.13 9.63 17.44
CA ILE E 98 34.95 8.89 16.49
C ILE E 98 36.41 8.82 16.94
N THR E 99 36.98 7.62 16.86
CA THR E 99 38.37 7.38 17.25
C THR E 99 39.13 6.81 16.05
N PRO E 100 40.46 6.87 16.10
CA PRO E 100 41.27 6.32 15.00
C PRO E 100 40.98 4.84 14.82
N GLU E 101 40.82 4.14 15.94
CA GLU E 101 40.54 2.71 15.93
C GLU E 101 39.24 2.38 15.20
N ILE E 102 38.19 3.16 15.45
CA ILE E 102 36.91 2.93 14.80
C ILE E 102 37.04 3.13 13.29
N VAL E 103 37.72 4.19 12.88
CA VAL E 103 37.91 4.44 11.47
C VAL E 103 38.68 3.30 10.82
N ASP E 104 39.76 2.86 11.47
CA ASP E 104 40.55 1.76 10.93
C ASP E 104 39.75 0.49 10.77
N LYS E 105 38.95 0.17 11.77
CA LYS E 105 38.13 -1.05 11.73
C LYS E 105 37.18 -1.06 10.54
N VAL E 106 36.43 0.03 10.39
CA VAL E 106 35.47 0.12 9.30
C VAL E 106 36.13 0.20 7.92
N TYR E 107 37.12 1.06 7.78
CA TYR E 107 37.79 1.21 6.49
C TYR E 107 38.66 0.03 6.07
N ASN E 108 39.27 -0.66 7.01
CA ASN E 108 40.09 -1.80 6.64
C ASN E 108 39.22 -2.90 6.03
N ILE E 109 38.00 -3.04 6.54
CA ILE E 109 37.11 -4.05 6.02
C ILE E 109 36.32 -3.56 4.81
N ASN E 110 35.63 -2.43 4.98
CA ASN E 110 34.79 -1.86 3.93
C ASN E 110 35.49 -1.27 2.71
N VAL E 111 36.64 -0.65 2.91
CA VAL E 111 37.36 -0.04 1.80
C VAL E 111 38.51 -0.91 1.29
N LYS E 112 39.47 -1.22 2.16
CA LYS E 112 40.59 -2.04 1.73
C LYS E 112 40.12 -3.39 1.20
N GLY E 113 39.11 -3.96 1.86
CA GLY E 113 38.59 -5.25 1.42
C GLY E 113 38.15 -5.21 -0.03
N VAL E 114 37.51 -4.10 -0.41
CA VAL E 114 37.04 -3.93 -1.78
C VAL E 114 38.23 -3.82 -2.72
N ILE E 115 39.24 -3.05 -2.32
CA ILE E 115 40.42 -2.89 -3.16
C ILE E 115 41.08 -4.25 -3.41
N TRP E 116 41.30 -5.01 -2.35
CA TRP E 116 41.94 -6.33 -2.48
C TRP E 116 41.09 -7.24 -3.38
N GLY E 117 39.78 -7.17 -3.22
CA GLY E 117 38.89 -7.99 -4.04
C GLY E 117 39.00 -7.63 -5.50
N ILE E 118 39.09 -6.34 -5.79
CA ILE E 118 39.23 -5.88 -7.17
C ILE E 118 40.54 -6.43 -7.75
N GLN E 119 41.64 -6.24 -7.03
CA GLN E 119 42.95 -6.71 -7.50
C GLN E 119 43.00 -8.21 -7.74
N ALA E 120 42.49 -8.97 -6.77
CA ALA E 120 42.49 -10.43 -6.87
C ALA E 120 41.65 -10.90 -8.06
N ALA E 121 40.50 -10.26 -8.27
CA ALA E 121 39.63 -10.62 -9.38
C ALA E 121 40.32 -10.32 -10.71
N VAL E 122 40.97 -9.17 -10.80
CA VAL E 122 41.66 -8.80 -12.03
C VAL E 122 42.69 -9.85 -12.42
N GLU E 123 43.46 -10.33 -11.44
CA GLU E 123 44.47 -11.35 -11.71
C GLU E 123 43.82 -12.67 -12.12
N ALA E 124 42.75 -13.04 -11.43
CA ALA E 124 42.04 -14.29 -11.73
C ALA E 124 41.49 -14.27 -13.15
N PHE E 125 40.90 -13.14 -13.55
CA PHE E 125 40.35 -13.01 -14.88
C PHE E 125 41.44 -13.17 -15.93
N LYS E 126 42.57 -12.50 -15.72
CA LYS E 126 43.69 -12.58 -16.65
C LYS E 126 44.17 -14.03 -16.76
N LYS E 127 44.28 -14.70 -15.62
CA LYS E 127 44.74 -16.09 -15.60
C LYS E 127 43.73 -17.01 -16.27
N GLU E 128 42.47 -16.60 -16.31
CA GLU E 128 41.43 -17.40 -16.94
C GLU E 128 41.37 -17.08 -18.43
N GLY E 129 41.99 -15.97 -18.82
CA GLY E 129 42.01 -15.58 -20.22
C GLY E 129 40.80 -14.83 -20.73
N HIS E 130 40.12 -14.10 -19.86
CA HIS E 130 38.94 -13.34 -20.28
C HIS E 130 38.66 -12.19 -19.34
N GLY E 131 37.53 -11.52 -19.55
CA GLY E 131 37.16 -10.40 -18.70
C GLY E 131 36.37 -10.87 -17.51
N GLY E 132 35.52 -10.01 -16.97
CA GLY E 132 34.74 -10.42 -15.81
C GLY E 132 33.92 -9.31 -15.20
N LYS E 133 33.22 -9.64 -14.12
CA LYS E 133 32.38 -8.69 -13.42
C LYS E 133 32.79 -8.54 -11.96
N ILE E 134 32.98 -7.29 -11.54
CA ILE E 134 33.31 -7.00 -10.15
C ILE E 134 32.08 -6.27 -9.62
N ILE E 135 31.54 -6.75 -8.50
CA ILE E 135 30.34 -6.18 -7.89
C ILE E 135 30.60 -5.82 -6.44
N ASN E 136 30.46 -4.54 -6.10
CA ASN E 136 30.70 -4.07 -4.74
C ASN E 136 29.46 -3.69 -3.95
N ALA E 137 29.47 -4.01 -2.66
CA ALA E 137 28.35 -3.67 -1.78
C ALA E 137 28.48 -2.22 -1.34
N CYS E 138 27.54 -1.39 -1.76
CA CYS E 138 27.53 0.02 -1.38
C CYS E 138 26.34 0.17 -0.44
N SER E 139 25.63 1.29 -0.54
CA SER E 139 24.46 1.56 0.29
C SER E 139 23.86 2.88 -0.14
N GLN E 140 22.60 3.13 0.21
CA GLN E 140 22.03 4.43 -0.13
C GLN E 140 22.85 5.45 0.65
N ALA E 141 23.49 4.99 1.73
CA ALA E 141 24.31 5.86 2.57
C ALA E 141 25.63 6.18 1.87
N GLY E 142 25.85 5.53 0.73
CA GLY E 142 27.04 5.76 -0.05
C GLY E 142 26.76 6.78 -1.14
N HIS E 143 25.51 7.28 -1.17
CA HIS E 143 25.09 8.30 -2.13
C HIS E 143 24.73 9.59 -1.38
N VAL E 144 24.14 9.41 -0.21
CA VAL E 144 23.75 10.53 0.65
C VAL E 144 24.17 10.18 2.07
N GLY E 145 24.98 11.04 2.68
CA GLY E 145 25.44 10.78 4.03
C GLY E 145 24.27 10.64 4.99
N ASN E 146 24.26 9.55 5.76
CA ASN E 146 23.19 9.29 6.72
C ASN E 146 23.53 9.82 8.10
N PRO E 147 22.52 10.27 8.85
CA PRO E 147 22.78 10.79 10.20
C PRO E 147 23.25 9.65 11.10
N GLU E 148 24.11 9.99 12.06
CA GLU E 148 24.64 9.03 13.03
C GLU E 148 25.57 7.98 12.42
N LEU E 149 25.78 8.05 11.10
CA LEU E 149 26.62 7.07 10.43
C LEU E 149 27.77 7.69 9.64
N ALA E 150 28.49 8.63 10.25
CA ALA E 150 29.60 9.29 9.56
C ALA E 150 30.67 8.35 9.00
N VAL E 151 31.22 7.49 9.84
CA VAL E 151 32.26 6.57 9.39
C VAL E 151 31.73 5.58 8.36
N TYR E 152 30.59 4.99 8.63
CA TYR E 152 30.00 4.02 7.71
C TYR E 152 29.66 4.66 6.37
N SER E 153 28.93 5.76 6.41
CA SER E 153 28.55 6.46 5.18
C SER E 153 29.78 6.79 4.34
N SER E 154 30.77 7.43 4.96
CA SER E 154 31.97 7.79 4.22
C SER E 154 32.68 6.59 3.62
N SER E 155 32.66 5.45 4.32
CA SER E 155 33.31 4.27 3.79
C SER E 155 32.58 3.78 2.54
N LYS E 156 31.26 3.93 2.53
CA LYS E 156 30.51 3.48 1.37
C LYS E 156 30.65 4.47 0.21
N PHE E 157 30.84 5.75 0.52
CA PHE E 157 31.07 6.73 -0.54
C PHE E 157 32.41 6.33 -1.17
N ALA E 158 33.37 5.95 -0.32
CA ALA E 158 34.68 5.53 -0.81
C ALA E 158 34.55 4.31 -1.73
N VAL E 159 33.69 3.37 -1.35
CA VAL E 159 33.48 2.17 -2.16
C VAL E 159 32.94 2.56 -3.54
N ARG E 160 32.08 3.57 -3.57
CA ARG E 160 31.52 4.00 -4.85
C ARG E 160 32.62 4.65 -5.69
N GLY E 161 33.49 5.41 -5.03
CA GLY E 161 34.59 6.04 -5.73
C GLY E 161 35.48 4.99 -6.36
N LEU E 162 35.80 3.95 -5.60
CA LEU E 162 36.65 2.87 -6.10
C LEU E 162 35.95 2.18 -7.28
N THR E 163 34.66 1.99 -7.13
CA THR E 163 33.86 1.35 -8.18
C THR E 163 33.97 2.12 -9.49
N GLN E 164 33.84 3.43 -9.42
CA GLN E 164 33.92 4.26 -10.60
C GLN E 164 35.32 4.29 -11.23
N THR E 165 36.35 4.52 -10.42
CA THR E 165 37.69 4.54 -10.99
C THR E 165 38.05 3.17 -11.56
N ALA E 166 37.74 2.11 -10.83
CA ALA E 166 38.04 0.76 -11.30
C ALA E 166 37.34 0.49 -12.63
N ALA E 167 36.09 0.95 -12.75
CA ALA E 167 35.34 0.74 -13.98
C ALA E 167 36.08 1.39 -15.16
N ARG E 168 36.60 2.59 -14.93
CA ARG E 168 37.31 3.30 -15.99
C ARG E 168 38.68 2.69 -16.29
N ASP E 169 39.43 2.38 -15.24
CA ASP E 169 40.76 1.81 -15.41
C ASP E 169 40.81 0.38 -15.95
N LEU E 170 39.79 -0.43 -15.64
CA LEU E 170 39.78 -1.83 -16.04
C LEU E 170 38.96 -2.19 -17.28
N ALA E 171 38.28 -1.20 -17.86
CA ALA E 171 37.46 -1.47 -19.05
C ALA E 171 38.25 -2.17 -20.17
N PRO E 172 39.50 -1.74 -20.42
CA PRO E 172 40.32 -2.35 -21.48
C PRO E 172 40.54 -3.86 -21.29
N LEU E 173 40.42 -4.32 -20.05
CA LEU E 173 40.60 -5.74 -19.75
C LEU E 173 39.30 -6.51 -19.88
N GLY E 174 38.26 -5.84 -20.36
CA GLY E 174 36.97 -6.48 -20.53
C GLY E 174 36.30 -6.69 -19.20
N ILE E 175 36.64 -5.86 -18.23
CA ILE E 175 36.08 -5.96 -16.88
C ILE E 175 35.14 -4.80 -16.57
N THR E 176 33.99 -5.11 -15.98
CA THR E 176 33.04 -4.07 -15.57
C THR E 176 33.05 -4.05 -14.05
N VAL E 177 32.74 -2.89 -13.48
CA VAL E 177 32.70 -2.75 -12.04
C VAL E 177 31.45 -1.95 -11.68
N ASN E 178 30.55 -2.56 -10.92
CA ASN E 178 29.33 -1.91 -10.49
C ASN E 178 29.09 -2.20 -9.01
N GLY E 179 28.11 -1.52 -8.44
CA GLY E 179 27.80 -1.75 -7.03
C GLY E 179 26.30 -1.77 -6.80
N TYR E 180 25.89 -2.28 -5.63
CA TYR E 180 24.49 -2.33 -5.28
C TYR E 180 24.33 -1.55 -3.98
N CYS E 181 23.24 -0.77 -3.90
CA CYS E 181 23.00 0.08 -2.74
C CYS E 181 21.70 -0.25 -2.01
N PRO E 182 21.77 -1.07 -0.97
CA PRO E 182 20.57 -1.44 -0.19
C PRO E 182 20.10 -0.28 0.69
N GLY E 183 18.88 -0.42 1.20
CA GLY E 183 18.32 0.61 2.08
C GLY E 183 18.41 0.14 3.51
N ILE E 184 17.25 -0.16 4.11
CA ILE E 184 17.20 -0.64 5.48
C ILE E 184 16.82 -2.12 5.38
N VAL E 185 17.82 -3.00 5.49
CA VAL E 185 17.59 -4.43 5.37
C VAL E 185 17.60 -5.15 6.71
N LYS E 186 16.58 -5.97 6.95
CA LYS E 186 16.47 -6.71 8.20
C LYS E 186 17.51 -7.80 8.35
N THR E 187 18.67 -7.41 8.86
CA THR E 187 19.79 -8.32 9.11
C THR E 187 20.37 -7.91 10.45
N PRO E 188 21.29 -8.71 11.00
CA PRO E 188 21.88 -8.34 12.29
C PRO E 188 22.58 -7.00 12.24
N MET E 189 23.08 -6.63 11.05
CA MET E 189 23.77 -5.35 10.89
C MET E 189 22.85 -4.19 11.24
N TRP E 190 21.69 -4.14 10.61
CA TRP E 190 20.77 -3.05 10.90
C TRP E 190 20.25 -3.14 12.33
N ALA E 191 20.03 -4.36 12.81
CA ALA E 191 19.54 -4.55 14.17
C ALA E 191 20.46 -3.82 15.14
N GLU E 192 21.76 -3.97 14.95
CA GLU E 192 22.74 -3.32 15.82
C GLU E 192 22.71 -1.80 15.66
N ILE E 193 22.56 -1.31 14.44
CA ILE E 193 22.51 0.13 14.23
C ILE E 193 21.33 0.71 15.00
N ASP E 194 20.16 0.07 14.88
CA ASP E 194 18.99 0.55 15.57
C ASP E 194 19.17 0.50 17.08
N ARG E 195 19.80 -0.56 17.58
CA ARG E 195 20.02 -0.67 19.01
C ARG E 195 20.89 0.50 19.49
N GLN E 196 22.00 0.72 18.78
CA GLN E 196 22.91 1.79 19.14
C GLN E 196 22.27 3.17 19.10
N VAL E 197 21.62 3.52 17.99
CA VAL E 197 20.99 4.83 17.88
C VAL E 197 19.84 5.01 18.88
N SER E 198 19.03 3.98 19.07
CA SER E 198 17.91 4.07 20.01
C SER E 198 18.42 4.30 21.43
N GLU E 199 19.41 3.52 21.84
CA GLU E 199 19.97 3.65 23.18
C GLU E 199 20.60 5.02 23.39
N ALA E 200 21.33 5.50 22.39
CA ALA E 200 21.97 6.79 22.49
C ALA E 200 20.93 7.91 22.60
N ALA E 201 19.76 7.68 22.02
CA ALA E 201 18.69 8.67 22.03
C ALA E 201 17.77 8.51 23.24
N GLY E 202 18.01 7.47 24.04
CA GLY E 202 17.18 7.23 25.20
C GLY E 202 15.77 6.87 24.76
N LYS E 203 15.69 6.20 23.61
CA LYS E 203 14.40 5.78 23.07
C LYS E 203 14.32 4.26 23.05
N PRO E 204 13.11 3.70 23.01
CA PRO E 204 12.99 2.25 23.00
C PRO E 204 13.48 1.65 21.67
N LEU E 205 13.85 0.37 21.70
CA LEU E 205 14.32 -0.29 20.49
C LEU E 205 13.30 -0.11 19.37
N GLY E 206 13.80 0.08 18.14
CA GLY E 206 12.91 0.28 17.02
C GLY E 206 12.82 1.74 16.59
N TYR E 207 13.30 2.62 17.46
CA TYR E 207 13.29 4.07 17.17
C TYR E 207 14.12 4.38 15.94
N GLY E 208 15.33 3.83 15.88
CA GLY E 208 16.19 4.07 14.74
C GLY E 208 15.55 3.58 13.46
N THR E 209 15.02 2.37 13.49
CA THR E 209 14.36 1.79 12.33
C THR E 209 13.24 2.69 11.86
N ALA E 210 12.43 3.16 12.81
CA ALA E 210 11.30 4.04 12.50
C ALA E 210 11.73 5.34 11.84
N GLU E 211 12.78 5.95 12.37
CA GLU E 211 13.26 7.22 11.81
C GLU E 211 13.77 7.05 10.38
N PHE E 212 14.61 6.04 10.16
CA PHE E 212 15.16 5.81 8.83
C PHE E 212 14.08 5.35 7.85
N ALA E 213 13.11 4.59 8.35
CA ALA E 213 12.03 4.08 7.50
C ALA E 213 11.17 5.18 6.90
N LYS E 214 11.16 6.36 7.52
CA LYS E 214 10.36 7.48 7.03
C LYS E 214 10.71 7.88 5.59
N ARG E 215 11.90 7.52 5.12
CA ARG E 215 12.27 7.88 3.77
C ARG E 215 12.08 6.75 2.76
N ILE E 216 11.66 5.58 3.23
CA ILE E 216 11.42 4.47 2.32
C ILE E 216 10.10 4.67 1.59
N THR E 217 10.19 4.92 0.29
CA THR E 217 9.01 5.15 -0.54
C THR E 217 8.06 3.95 -0.62
N LEU E 218 8.62 2.75 -0.73
CA LEU E 218 7.80 1.55 -0.85
C LEU E 218 7.16 1.03 0.45
N GLY E 219 7.29 1.81 1.51
CA GLY E 219 6.67 1.48 2.79
C GLY E 219 6.87 0.13 3.49
N ARG E 220 8.01 -0.51 3.27
CA ARG E 220 8.30 -1.76 3.96
C ARG E 220 9.81 -1.91 4.02
N LEU E 221 10.30 -2.47 5.12
CA LEU E 221 11.73 -2.69 5.27
C LEU E 221 12.16 -3.70 4.22
N SER E 222 13.45 -3.75 3.95
CA SER E 222 13.99 -4.66 2.94
C SER E 222 14.40 -6.01 3.51
N GLU E 223 14.41 -7.03 2.64
CA GLU E 223 14.84 -8.37 3.01
C GLU E 223 16.09 -8.64 2.18
N PRO E 224 17.01 -9.48 2.67
CA PRO E 224 18.22 -9.77 1.89
C PRO E 224 17.90 -10.16 0.45
N GLU E 225 16.78 -10.83 0.25
CA GLU E 225 16.39 -11.27 -1.08
C GLU E 225 16.18 -10.13 -2.08
N ASP E 226 15.76 -8.97 -1.59
CA ASP E 226 15.55 -7.82 -2.48
C ASP E 226 16.88 -7.45 -3.11
N VAL E 227 17.92 -7.41 -2.28
CA VAL E 227 19.26 -7.06 -2.73
C VAL E 227 19.81 -8.14 -3.65
N ALA E 228 19.58 -9.39 -3.28
CA ALA E 228 20.04 -10.53 -4.08
C ALA E 228 19.45 -10.47 -5.49
N ALA E 229 18.22 -9.98 -5.61
CA ALA E 229 17.55 -9.88 -6.91
C ALA E 229 18.26 -8.89 -7.81
N CYS E 230 18.77 -7.81 -7.22
CA CYS E 230 19.47 -6.79 -7.97
C CYS E 230 20.85 -7.32 -8.36
N VAL E 231 21.52 -7.97 -7.42
CA VAL E 231 22.85 -8.51 -7.69
C VAL E 231 22.77 -9.55 -8.81
N SER E 232 21.65 -10.28 -8.88
CA SER E 232 21.47 -11.28 -9.94
C SER E 232 21.65 -10.61 -11.29
N TYR E 233 21.07 -9.42 -11.44
CA TYR E 233 21.18 -8.69 -12.68
C TYR E 233 22.63 -8.29 -12.92
N LEU E 234 23.28 -7.77 -11.88
CA LEU E 234 24.68 -7.34 -12.01
C LEU E 234 25.64 -8.48 -12.31
N ALA E 235 25.23 -9.71 -11.99
CA ALA E 235 26.08 -10.87 -12.23
C ALA E 235 25.79 -11.54 -13.56
N SER E 236 24.65 -11.18 -14.15
CA SER E 236 24.23 -11.77 -15.42
C SER E 236 24.74 -10.99 -16.62
N PRO E 237 24.65 -11.61 -17.82
CA PRO E 237 25.11 -10.92 -19.03
C PRO E 237 24.23 -9.72 -19.39
N ASP E 238 23.06 -9.64 -18.76
CA ASP E 238 22.15 -8.52 -19.04
C ASP E 238 22.71 -7.19 -18.55
N SER E 239 23.78 -7.24 -17.78
CA SER E 239 24.40 -6.02 -17.28
C SER E 239 25.74 -5.76 -17.97
N ASP E 240 26.02 -6.53 -19.01
CA ASP E 240 27.29 -6.39 -19.75
C ASP E 240 27.62 -4.98 -20.21
N TYR E 241 26.61 -4.20 -20.59
CA TYR E 241 26.86 -2.84 -21.07
C TYR E 241 26.72 -1.79 -19.98
N MET E 242 26.74 -2.24 -18.72
CA MET E 242 26.62 -1.33 -17.59
C MET E 242 27.92 -1.37 -16.80
N THR E 243 28.50 -0.22 -16.51
CA THR E 243 29.72 -0.18 -15.72
C THR E 243 29.85 1.14 -14.98
N GLY E 244 30.46 1.09 -13.80
CA GLY E 244 30.66 2.28 -13.00
C GLY E 244 29.41 2.73 -12.27
N GLN E 245 28.38 1.91 -12.26
CA GLN E 245 27.12 2.26 -11.61
C GLN E 245 26.90 1.60 -10.25
N SER E 246 26.26 2.32 -9.35
CA SER E 246 25.95 1.81 -8.02
C SER E 246 24.43 1.95 -7.92
N LEU E 247 23.73 0.86 -8.25
CA LEU E 247 22.28 0.86 -8.28
C LEU E 247 21.59 0.90 -6.93
N LEU E 248 20.54 1.72 -6.85
CA LEU E 248 19.77 1.86 -5.63
C LEU E 248 18.61 0.86 -5.60
N ILE E 249 18.75 -0.14 -4.75
CA ILE E 249 17.75 -1.18 -4.56
C ILE E 249 17.40 -1.00 -3.08
N ASP E 250 16.87 0.19 -2.78
CA ASP E 250 16.57 0.61 -1.42
C ASP E 250 15.11 0.93 -1.09
N GLY E 251 14.18 0.55 -1.96
CA GLY E 251 12.79 0.85 -1.68
C GLY E 251 12.47 2.31 -1.95
N GLY E 252 13.38 3.02 -2.61
CA GLY E 252 13.17 4.41 -2.93
C GLY E 252 13.50 5.41 -1.83
N MET E 253 14.69 5.30 -1.24
CA MET E 253 15.11 6.24 -0.20
C MET E 253 15.86 7.38 -0.86
N VAL E 254 16.75 7.03 -1.77
CA VAL E 254 17.54 8.01 -2.53
C VAL E 254 17.18 7.79 -3.99
N PHE E 255 17.01 8.88 -4.73
CA PHE E 255 16.65 8.80 -6.13
C PHE E 255 17.77 9.29 -7.04
N ASN E 256 18.16 8.47 -8.00
CA ASN E 256 19.16 8.86 -8.98
C ASN E 256 18.53 8.62 -10.34
N LYS F 2 37.64 40.55 15.06
CA LYS F 2 37.43 39.96 13.70
C LYS F 2 37.12 38.47 13.77
N LYS F 3 36.49 37.97 12.72
CA LYS F 3 36.17 36.56 12.64
C LYS F 3 37.48 35.80 12.49
N VAL F 4 37.49 34.54 12.94
CA VAL F 4 38.70 33.74 12.89
C VAL F 4 38.54 32.45 12.10
N ALA F 5 39.52 32.16 11.26
CA ALA F 5 39.50 30.95 10.47
C ALA F 5 40.85 30.26 10.57
N LEU F 6 40.83 28.94 10.51
CA LEU F 6 42.07 28.16 10.52
C LEU F 6 42.03 27.41 9.20
N VAL F 7 43.12 27.45 8.45
CA VAL F 7 43.22 26.77 7.17
C VAL F 7 44.39 25.79 7.21
N THR F 8 44.14 24.51 7.01
CA THR F 8 45.22 23.53 7.02
C THR F 8 45.82 23.47 5.62
N GLY F 9 47.11 23.15 5.53
CA GLY F 9 47.77 23.09 4.24
C GLY F 9 47.91 24.49 3.64
N ALA F 10 47.93 25.51 4.51
CA ALA F 10 48.03 26.90 4.06
C ALA F 10 49.42 27.38 3.69
N GLY F 11 50.41 26.50 3.77
CA GLY F 11 51.77 26.88 3.42
C GLY F 11 51.99 27.15 1.94
N GLN F 12 51.14 26.59 1.09
CA GLN F 12 51.29 26.77 -0.35
C GLN F 12 50.00 26.43 -1.11
N GLY F 13 50.08 26.54 -2.43
CA GLY F 13 48.95 26.23 -3.30
C GLY F 13 47.60 26.81 -2.96
N ILE F 14 46.57 25.97 -3.05
CA ILE F 14 45.20 26.37 -2.77
C ILE F 14 45.02 26.86 -1.34
N GLY F 15 45.65 26.17 -0.40
CA GLY F 15 45.55 26.57 0.99
C GLY F 15 46.07 27.97 1.23
N LYS F 16 47.21 28.30 0.63
CA LYS F 16 47.77 29.63 0.80
C LYS F 16 46.85 30.66 0.17
N ALA F 17 46.32 30.34 -1.01
CA ALA F 17 45.41 31.26 -1.70
C ALA F 17 44.14 31.47 -0.87
N ILE F 18 43.65 30.42 -0.24
CA ILE F 18 42.45 30.54 0.58
C ILE F 18 42.72 31.46 1.76
N ALA F 19 43.85 31.22 2.44
CA ALA F 19 44.22 32.04 3.59
C ALA F 19 44.29 33.52 3.23
N LEU F 20 44.97 33.83 2.12
CA LEU F 20 45.11 35.22 1.70
C LEU F 20 43.77 35.86 1.35
N ARG F 21 42.90 35.10 0.69
CA ARG F 21 41.59 35.63 0.33
C ARG F 21 40.77 35.87 1.59
N LEU F 22 40.84 34.94 2.54
CA LEU F 22 40.10 35.10 3.79
C LEU F 22 40.58 36.35 4.54
N VAL F 23 41.89 36.59 4.51
CA VAL F 23 42.45 37.78 5.15
C VAL F 23 41.87 39.02 4.46
N LYS F 24 41.78 38.97 3.13
CA LYS F 24 41.23 40.09 2.38
C LYS F 24 39.75 40.27 2.77
N ASP F 25 39.07 39.15 3.06
CA ASP F 25 37.67 39.19 3.45
C ASP F 25 37.48 39.76 4.85
N GLY F 26 38.57 39.85 5.62
CA GLY F 26 38.49 40.40 6.95
C GLY F 26 38.78 39.44 8.10
N PHE F 27 39.12 38.20 7.77
CA PHE F 27 39.42 37.19 8.78
C PHE F 27 40.82 37.24 9.35
N ALA F 28 40.94 36.84 10.61
CA ALA F 28 42.25 36.70 11.25
C ALA F 28 42.43 35.22 10.91
N VAL F 29 43.59 34.83 10.42
CA VAL F 29 43.77 33.43 10.02
C VAL F 29 44.93 32.67 10.61
N ALA F 30 44.69 31.41 10.94
CA ALA F 30 45.72 30.54 11.48
C ALA F 30 46.23 29.72 10.30
N ILE F 31 47.53 29.85 10.02
CA ILE F 31 48.16 29.14 8.92
C ILE F 31 48.68 27.80 9.44
N ALA F 32 47.89 26.75 9.25
CA ALA F 32 48.25 25.42 9.73
C ALA F 32 48.86 24.57 8.63
N ASP F 33 50.00 23.97 8.91
CA ASP F 33 50.68 23.13 7.93
C ASP F 33 51.73 22.33 8.66
N TYR F 34 52.09 21.16 8.12
CA TYR F 34 53.12 20.38 8.78
C TYR F 34 54.49 20.86 8.32
N ASN F 35 54.50 21.74 7.33
CA ASN F 35 55.74 22.33 6.83
C ASN F 35 55.85 23.66 7.58
N ASP F 36 56.63 23.65 8.66
CA ASP F 36 56.83 24.82 9.50
C ASP F 36 57.36 26.04 8.75
N ALA F 37 58.30 25.83 7.84
CA ALA F 37 58.91 26.91 7.08
C ALA F 37 57.91 27.70 6.23
N THR F 38 57.12 27.00 5.43
CA THR F 38 56.15 27.67 4.57
C THR F 38 55.00 28.28 5.39
N ALA F 39 54.60 27.62 6.46
CA ALA F 39 53.53 28.15 7.30
C ALA F 39 53.96 29.49 7.88
N LYS F 40 55.21 29.55 8.35
CA LYS F 40 55.72 30.79 8.92
C LYS F 40 55.88 31.88 7.87
N ALA F 41 56.30 31.50 6.67
CA ALA F 41 56.48 32.47 5.59
C ALA F 41 55.15 33.12 5.22
N VAL F 42 54.10 32.31 5.11
CA VAL F 42 52.78 32.83 4.75
C VAL F 42 52.23 33.73 5.85
N ALA F 43 52.37 33.31 7.10
CA ALA F 43 51.89 34.09 8.24
C ALA F 43 52.63 35.42 8.27
N SER F 44 53.92 35.38 7.98
CA SER F 44 54.74 36.58 7.98
C SER F 44 54.27 37.54 6.90
N GLU F 45 54.00 37.00 5.71
CA GLU F 45 53.54 37.80 4.58
C GLU F 45 52.24 38.51 4.94
N ILE F 46 51.34 37.79 5.59
CA ILE F 46 50.05 38.36 5.99
C ILE F 46 50.25 39.47 7.02
N ASN F 47 50.99 39.18 8.08
CA ASN F 47 51.22 40.16 9.12
C ASN F 47 51.97 41.39 8.63
N GLN F 48 52.95 41.19 7.75
CA GLN F 48 53.71 42.30 7.20
C GLN F 48 52.82 43.22 6.38
N ALA F 49 51.78 42.64 5.78
CA ALA F 49 50.85 43.40 4.95
C ALA F 49 49.72 44.05 5.75
N GLY F 50 49.77 43.92 7.07
CA GLY F 50 48.74 44.53 7.90
C GLY F 50 47.65 43.60 8.39
N GLY F 51 47.68 42.34 7.95
CA GLY F 51 46.68 41.39 8.38
C GLY F 51 47.01 40.79 9.73
N HIS F 52 46.21 39.83 10.19
CA HIS F 52 46.44 39.18 11.46
C HIS F 52 46.49 37.68 11.25
N ALA F 53 47.67 37.09 11.44
CA ALA F 53 47.83 35.66 11.25
C ALA F 53 48.83 35.04 12.22
N VAL F 54 48.73 33.73 12.39
CA VAL F 54 49.63 32.99 13.25
C VAL F 54 49.91 31.66 12.57
N ALA F 55 51.17 31.24 12.59
CA ALA F 55 51.53 29.97 11.98
C ALA F 55 51.42 28.89 13.04
N VAL F 56 50.88 27.74 12.66
CA VAL F 56 50.73 26.63 13.58
C VAL F 56 51.19 25.34 12.91
N LYS F 57 52.16 24.67 13.51
CA LYS F 57 52.68 23.43 12.97
C LYS F 57 51.76 22.28 13.35
N VAL F 58 51.33 21.52 12.36
CA VAL F 58 50.43 20.39 12.62
C VAL F 58 50.35 19.40 11.47
N ASP F 59 50.34 18.13 11.84
CA ASP F 59 50.20 17.01 10.90
C ASP F 59 48.74 16.65 11.11
N VAL F 60 47.89 17.00 10.14
CA VAL F 60 46.46 16.75 10.27
C VAL F 60 46.05 15.31 10.45
N SER F 61 46.95 14.37 10.18
CA SER F 61 46.60 12.97 10.35
C SER F 61 46.53 12.61 11.84
N ASP F 62 47.14 13.44 12.68
CA ASP F 62 47.15 13.20 14.13
C ASP F 62 46.06 14.00 14.84
N ARG F 63 45.12 13.28 15.45
CA ARG F 63 44.02 13.91 16.15
C ARG F 63 44.45 14.90 17.23
N ASP F 64 45.43 14.53 18.05
CA ASP F 64 45.87 15.42 19.10
C ASP F 64 46.46 16.72 18.55
N GLN F 65 47.23 16.63 17.48
CA GLN F 65 47.83 17.83 16.90
C GLN F 65 46.78 18.77 16.30
N VAL F 66 45.72 18.21 15.71
CA VAL F 66 44.67 19.04 15.13
C VAL F 66 43.95 19.81 16.22
N PHE F 67 43.58 19.12 17.30
CA PHE F 67 42.91 19.79 18.41
C PHE F 67 43.81 20.87 19.00
N ALA F 68 45.10 20.58 19.09
CA ALA F 68 46.05 21.54 19.66
C ALA F 68 46.13 22.77 18.76
N ALA F 69 46.14 22.56 17.45
CA ALA F 69 46.23 23.65 16.50
C ALA F 69 44.99 24.56 16.55
N VAL F 70 43.82 23.95 16.64
CA VAL F 70 42.59 24.72 16.70
C VAL F 70 42.52 25.54 17.98
N GLU F 71 42.90 24.93 19.10
CA GLU F 71 42.86 25.64 20.38
C GLU F 71 43.85 26.81 20.37
N GLN F 72 45.02 26.61 19.77
CA GLN F 72 46.02 27.67 19.70
C GLN F 72 45.48 28.83 18.87
N ALA F 73 44.79 28.51 17.79
CA ALA F 73 44.21 29.54 16.93
C ALA F 73 43.13 30.30 17.70
N ARG F 74 42.27 29.55 18.38
CA ARG F 74 41.17 30.13 19.16
C ARG F 74 41.68 31.09 20.22
N LYS F 75 42.70 30.67 20.97
CA LYS F 75 43.26 31.49 22.03
C LYS F 75 44.09 32.66 21.52
N THR F 76 44.94 32.40 20.55
CA THR F 76 45.80 33.44 19.99
C THR F 76 45.06 34.49 19.18
N LEU F 77 44.10 34.05 18.37
CA LEU F 77 43.35 34.97 17.53
C LEU F 77 42.06 35.52 18.16
N GLY F 78 41.71 35.02 19.34
CA GLY F 78 40.54 35.53 20.05
C GLY F 78 39.16 35.03 19.68
N GLY F 79 39.10 33.89 18.98
CA GLY F 79 37.81 33.34 18.60
C GLY F 79 38.00 32.23 17.58
N PHE F 80 36.91 31.64 17.13
CA PHE F 80 36.96 30.58 16.13
C PHE F 80 35.62 30.52 15.43
N ASP F 81 35.62 30.77 14.13
CA ASP F 81 34.38 30.80 13.36
C ASP F 81 34.34 29.90 12.14
N VAL F 82 35.51 29.61 11.58
CA VAL F 82 35.59 28.79 10.39
C VAL F 82 36.84 27.92 10.35
N ILE F 83 36.68 26.69 9.90
CA ILE F 83 37.84 25.82 9.74
C ILE F 83 37.77 25.33 8.31
N VAL F 84 38.93 25.33 7.64
CA VAL F 84 39.00 24.87 6.27
C VAL F 84 39.97 23.69 6.27
N ASN F 85 39.44 22.49 6.17
CA ASN F 85 40.26 21.28 6.17
C ASN F 85 40.71 21.08 4.75
N ASN F 86 41.79 21.77 4.41
CA ASN F 86 42.36 21.79 3.08
C ASN F 86 43.55 20.87 2.80
N ALA F 87 44.36 20.60 3.82
CA ALA F 87 45.53 19.75 3.64
C ALA F 87 45.16 18.42 2.98
N GLY F 88 46.00 17.96 2.06
CA GLY F 88 45.73 16.70 1.40
C GLY F 88 46.89 16.23 0.52
N VAL F 89 46.85 14.95 0.15
CA VAL F 89 47.86 14.38 -0.74
C VAL F 89 47.14 13.66 -1.87
N ALA F 90 47.77 13.58 -3.03
CA ALA F 90 47.12 12.97 -4.16
C ALA F 90 48.03 12.18 -5.09
N PRO F 91 48.52 11.01 -4.64
CA PRO F 91 49.38 10.23 -5.52
C PRO F 91 48.52 9.50 -6.54
N SER F 92 49.02 9.30 -7.75
CA SER F 92 48.27 8.54 -8.74
C SER F 92 48.52 7.11 -8.30
N THR F 93 47.51 6.25 -8.39
CA THR F 93 47.67 4.88 -7.95
C THR F 93 47.15 3.82 -8.89
N PRO F 94 48.02 3.25 -9.75
CA PRO F 94 47.53 2.20 -10.64
C PRO F 94 46.92 1.14 -9.73
N ILE F 95 45.69 0.73 -10.01
CA ILE F 95 45.00 -0.24 -9.17
C ILE F 95 45.79 -1.48 -8.78
N GLU F 96 46.42 -2.13 -9.75
CA GLU F 96 47.18 -3.35 -9.45
C GLU F 96 48.33 -3.12 -8.48
N SER F 97 48.77 -1.88 -8.33
CA SER F 97 49.89 -1.56 -7.45
C SER F 97 49.53 -1.01 -6.08
N ILE F 98 48.24 -0.81 -5.81
CA ILE F 98 47.83 -0.28 -4.51
C ILE F 98 48.24 -1.21 -3.37
N THR F 99 48.86 -0.63 -2.35
CA THR F 99 49.31 -1.38 -1.17
C THR F 99 48.62 -0.83 0.08
N PRO F 100 48.63 -1.59 1.18
CA PRO F 100 48.01 -1.11 2.41
C PRO F 100 48.64 0.21 2.85
N GLU F 101 49.94 0.32 2.64
CA GLU F 101 50.70 1.51 3.03
C GLU F 101 50.23 2.76 2.29
N ILE F 102 50.00 2.62 0.97
CA ILE F 102 49.55 3.75 0.16
C ILE F 102 48.16 4.20 0.59
N VAL F 103 47.29 3.24 0.89
CA VAL F 103 45.94 3.56 1.32
C VAL F 103 46.00 4.33 2.64
N ASP F 104 46.79 3.82 3.59
CA ASP F 104 46.92 4.47 4.88
C ASP F 104 47.45 5.89 4.78
N LYS F 105 48.50 6.08 3.98
CA LYS F 105 49.09 7.40 3.82
C LYS F 105 48.06 8.42 3.33
N VAL F 106 47.34 8.05 2.29
CA VAL F 106 46.33 8.95 1.71
C VAL F 106 45.13 9.16 2.62
N TYR F 107 44.56 8.07 3.13
CA TYR F 107 43.39 8.17 3.99
C TYR F 107 43.65 8.79 5.36
N ASN F 108 44.83 8.57 5.92
CA ASN F 108 45.13 9.16 7.22
C ASN F 108 45.16 10.69 7.14
N ILE F 109 45.65 11.22 6.03
CA ILE F 109 45.69 12.66 5.84
C ILE F 109 44.36 13.21 5.32
N ASN F 110 43.92 12.67 4.18
CA ASN F 110 42.70 13.11 3.52
C ASN F 110 41.38 12.84 4.23
N VAL F 111 41.26 11.69 4.87
CA VAL F 111 40.00 11.36 5.54
C VAL F 111 40.06 11.61 7.04
N LYS F 112 40.99 10.97 7.74
CA LYS F 112 41.09 11.19 9.17
C LYS F 112 41.34 12.66 9.48
N GLY F 113 42.17 13.31 8.67
CA GLY F 113 42.45 14.73 8.89
C GLY F 113 41.17 15.54 8.92
N VAL F 114 40.25 15.23 8.02
CA VAL F 114 38.98 15.94 7.96
C VAL F 114 38.12 15.62 9.19
N ILE F 115 38.12 14.36 9.61
CA ILE F 115 37.34 13.99 10.80
C ILE F 115 37.86 14.75 12.02
N TRP F 116 39.17 14.79 12.18
CA TRP F 116 39.74 15.49 13.33
C TRP F 116 39.42 16.99 13.28
N GLY F 117 39.47 17.56 12.07
CA GLY F 117 39.16 18.97 11.90
C GLY F 117 37.72 19.26 12.28
N ILE F 118 36.81 18.38 11.85
CA ILE F 118 35.40 18.53 12.19
C ILE F 118 35.23 18.49 13.71
N GLN F 119 35.81 17.49 14.36
CA GLN F 119 35.68 17.36 15.81
C GLN F 119 36.25 18.54 16.57
N ALA F 120 37.47 18.94 16.21
CA ALA F 120 38.13 20.05 16.89
C ALA F 120 37.35 21.35 16.71
N ALA F 121 36.84 21.58 15.50
CA ALA F 121 36.08 22.78 15.22
C ALA F 121 34.79 22.81 16.04
N VAL F 122 34.15 21.67 16.17
CA VAL F 122 32.91 21.57 16.93
C VAL F 122 33.15 21.95 18.38
N GLU F 123 34.24 21.46 18.96
CA GLU F 123 34.55 21.78 20.34
C GLU F 123 34.87 23.26 20.49
N ALA F 124 35.57 23.82 19.50
CA ALA F 124 35.92 25.23 19.53
C ALA F 124 34.66 26.09 19.50
N PHE F 125 33.75 25.76 18.59
CA PHE F 125 32.50 26.49 18.47
C PHE F 125 31.73 26.44 19.79
N LYS F 126 31.67 25.26 20.41
CA LYS F 126 30.97 25.13 21.67
C LYS F 126 31.57 26.04 22.72
N LYS F 127 32.90 26.04 22.81
CA LYS F 127 33.60 26.87 23.80
C LYS F 127 33.42 28.36 23.53
N GLU F 128 33.15 28.73 22.28
CA GLU F 128 32.94 30.12 21.91
C GLU F 128 31.47 30.51 22.08
N GLY F 129 30.63 29.52 22.38
CA GLY F 129 29.22 29.79 22.59
C GLY F 129 28.39 30.11 21.36
N HIS F 130 28.79 29.60 20.21
CA HIS F 130 28.05 29.84 18.98
C HIS F 130 28.26 28.76 17.94
N GLY F 131 27.65 28.94 16.77
CA GLY F 131 27.79 27.97 15.70
C GLY F 131 29.01 28.28 14.86
N GLY F 132 29.07 27.74 13.65
CA GLY F 132 30.22 28.01 12.81
C GLY F 132 30.17 27.31 11.47
N LYS F 133 31.23 27.48 10.69
CA LYS F 133 31.31 26.87 9.37
C LYS F 133 32.49 25.93 9.25
N ILE F 134 32.22 24.72 8.76
CA ILE F 134 33.26 23.73 8.53
C ILE F 134 33.29 23.59 7.01
N ILE F 135 34.47 23.78 6.43
CA ILE F 135 34.63 23.70 4.98
C ILE F 135 35.72 22.67 4.65
N ASN F 136 35.36 21.67 3.83
CA ASN F 136 36.31 20.61 3.49
C ASN F 136 36.75 20.63 2.04
N ALA F 137 38.01 20.31 1.81
CA ALA F 137 38.55 20.25 0.46
C ALA F 137 38.19 18.91 -0.16
N CYS F 138 37.37 18.95 -1.21
CA CYS F 138 36.96 17.74 -1.92
C CYS F 138 37.65 17.82 -3.29
N SER F 139 36.96 17.42 -4.36
CA SER F 139 37.52 17.45 -5.71
C SER F 139 36.45 16.98 -6.67
N GLN F 140 36.57 17.31 -7.95
CA GLN F 140 35.57 16.80 -8.87
C GLN F 140 35.73 15.28 -8.85
N ALA F 141 36.92 14.82 -8.47
CA ALA F 141 37.23 13.39 -8.37
C ALA F 141 36.52 12.78 -7.15
N GLY F 142 35.88 13.63 -6.36
CA GLY F 142 35.13 13.18 -5.21
C GLY F 142 33.67 13.00 -5.58
N HIS F 143 33.32 13.36 -6.82
CA HIS F 143 31.96 13.21 -7.33
C HIS F 143 31.93 12.12 -8.38
N VAL F 144 33.00 12.03 -9.16
CA VAL F 144 33.14 11.02 -10.22
C VAL F 144 34.55 10.46 -10.15
N GLY F 145 34.65 9.15 -10.01
CA GLY F 145 35.96 8.52 -9.93
C GLY F 145 36.82 8.83 -11.14
N ASN F 146 38.02 9.31 -10.91
CA ASN F 146 38.94 9.65 -12.00
C ASN F 146 39.87 8.51 -12.35
N PRO F 147 40.25 8.39 -13.63
CA PRO F 147 41.17 7.33 -14.07
C PRO F 147 42.53 7.52 -13.40
N GLU F 148 43.20 6.42 -13.09
CA GLU F 148 44.53 6.43 -12.47
C GLU F 148 44.57 7.03 -11.06
N LEU F 149 43.43 7.37 -10.49
CA LEU F 149 43.40 7.96 -9.16
C LEU F 149 42.42 7.25 -8.23
N ALA F 150 42.48 5.92 -8.20
CA ALA F 150 41.57 5.15 -7.36
C ALA F 150 41.61 5.54 -5.89
N VAL F 151 42.79 5.53 -5.30
CA VAL F 151 42.91 5.86 -3.88
C VAL F 151 42.53 7.31 -3.59
N TYR F 152 43.06 8.23 -4.39
CA TYR F 152 42.75 9.65 -4.19
C TYR F 152 41.26 9.94 -4.37
N SER F 153 40.69 9.48 -5.48
CA SER F 153 39.27 9.69 -5.75
C SER F 153 38.42 9.14 -4.62
N SER F 154 38.67 7.90 -4.22
CA SER F 154 37.87 7.33 -3.16
C SER F 154 38.01 8.10 -1.84
N SER F 155 39.20 8.64 -1.58
CA SER F 155 39.40 9.40 -0.35
C SER F 155 38.55 10.67 -0.40
N LYS F 156 38.44 11.28 -1.58
CA LYS F 156 37.64 12.49 -1.69
C LYS F 156 36.14 12.16 -1.66
N PHE F 157 35.76 10.98 -2.12
CA PHE F 157 34.35 10.57 -2.03
C PHE F 157 34.04 10.48 -0.53
N ALA F 158 34.97 9.89 0.21
CA ALA F 158 34.79 9.72 1.67
C ALA F 158 34.63 11.08 2.34
N VAL F 159 35.45 12.06 1.91
CA VAL F 159 35.37 13.39 2.48
C VAL F 159 33.98 13.99 2.25
N ARG F 160 33.41 13.74 1.07
CA ARG F 160 32.08 14.27 0.78
C ARG F 160 31.04 13.57 1.65
N GLY F 161 31.23 12.27 1.87
CA GLY F 161 30.30 11.53 2.71
C GLY F 161 30.33 12.10 4.13
N LEU F 162 31.54 12.37 4.63
CA LEU F 162 31.70 12.94 5.97
C LEU F 162 31.04 14.31 6.01
N THR F 163 31.21 15.07 4.94
CA THR F 163 30.63 16.41 4.85
C THR F 163 29.12 16.34 5.01
N GLN F 164 28.50 15.41 4.30
CA GLN F 164 27.05 15.24 4.36
C GLN F 164 26.54 14.75 5.70
N THR F 165 27.13 13.70 6.25
CA THR F 165 26.66 13.23 7.55
C THR F 165 26.88 14.30 8.62
N ALA F 166 28.05 14.93 8.59
CA ALA F 166 28.35 15.97 9.57
C ALA F 166 27.35 17.11 9.47
N ALA F 167 26.96 17.48 8.25
CA ALA F 167 25.99 18.56 8.05
C ALA F 167 24.69 18.22 8.76
N ARG F 168 24.27 16.95 8.68
CA ARG F 168 23.03 16.54 9.32
C ARG F 168 23.16 16.46 10.83
N ASP F 169 24.24 15.85 11.30
CA ASP F 169 24.46 15.67 12.73
C ASP F 169 24.72 16.96 13.51
N LEU F 170 25.38 17.92 12.87
CA LEU F 170 25.74 19.16 13.53
C LEU F 170 24.78 20.35 13.36
N ALA F 171 23.76 20.19 12.51
CA ALA F 171 22.80 21.27 12.29
C ALA F 171 22.20 21.83 13.59
N PRO F 172 21.87 20.96 14.56
CA PRO F 172 21.29 21.42 15.83
C PRO F 172 22.19 22.38 16.60
N LEU F 173 23.49 22.32 16.31
CA LEU F 173 24.47 23.17 16.97
C LEU F 173 24.72 24.47 16.20
N GLY F 174 23.97 24.68 15.12
CA GLY F 174 24.14 25.89 14.33
C GLY F 174 25.41 25.83 13.50
N ILE F 175 25.84 24.62 13.18
CA ILE F 175 27.05 24.39 12.40
C ILE F 175 26.71 23.86 11.02
N THR F 176 27.30 24.46 9.98
CA THR F 176 27.09 23.99 8.63
C THR F 176 28.38 23.31 8.19
N VAL F 177 28.26 22.39 7.24
CA VAL F 177 29.43 21.67 6.74
C VAL F 177 29.28 21.57 5.23
N ASN F 178 30.22 22.18 4.51
CA ASN F 178 30.20 22.15 3.05
C ASN F 178 31.60 21.85 2.55
N GLY F 179 31.71 21.60 1.25
CA GLY F 179 33.01 21.33 0.68
C GLY F 179 33.17 22.04 -0.64
N TYR F 180 34.41 22.13 -1.11
CA TYR F 180 34.71 22.75 -2.40
C TYR F 180 35.41 21.70 -3.25
N CYS F 181 35.07 21.68 -4.53
CA CYS F 181 35.61 20.68 -5.44
C CYS F 181 36.37 21.24 -6.64
N PRO F 182 37.70 21.39 -6.52
CA PRO F 182 38.50 21.92 -7.63
C PRO F 182 38.63 20.91 -8.76
N GLY F 183 39.14 21.39 -9.90
CA GLY F 183 39.35 20.55 -11.06
C GLY F 183 40.84 20.27 -11.22
N ILE F 184 41.47 20.91 -12.20
CA ILE F 184 42.90 20.75 -12.43
C ILE F 184 43.48 22.12 -12.10
N VAL F 185 44.16 22.20 -10.96
CA VAL F 185 44.71 23.46 -10.48
C VAL F 185 46.23 23.56 -10.60
N LYS F 186 46.71 24.75 -10.95
CA LYS F 186 48.14 24.99 -11.10
C LYS F 186 48.86 25.02 -9.76
N THR F 187 49.14 23.84 -9.21
CA THR F 187 49.85 23.73 -7.95
C THR F 187 50.81 22.54 -8.03
N PRO F 188 51.71 22.42 -7.04
CA PRO F 188 52.66 21.30 -7.04
C PRO F 188 51.96 19.94 -6.99
N MET F 189 50.76 19.91 -6.41
CA MET F 189 50.02 18.67 -6.32
C MET F 189 49.71 18.12 -7.70
N TRP F 190 49.13 18.97 -8.56
CA TRP F 190 48.80 18.50 -9.88
C TRP F 190 50.06 18.19 -10.69
N ALA F 191 51.08 19.04 -10.55
CA ALA F 191 52.32 18.82 -11.28
C ALA F 191 52.85 17.43 -11.02
N GLU F 192 52.72 16.96 -9.78
CA GLU F 192 53.19 15.64 -9.41
C GLU F 192 52.31 14.53 -10.01
N ILE F 193 51.00 14.76 -10.05
CA ILE F 193 50.11 13.76 -10.62
C ILE F 193 50.47 13.60 -12.10
N ASP F 194 50.67 14.74 -12.78
CA ASP F 194 51.02 14.71 -14.19
C ASP F 194 52.34 13.96 -14.39
N ARG F 195 53.33 14.25 -13.54
CA ARG F 195 54.63 13.58 -13.66
C ARG F 195 54.47 12.07 -13.56
N GLN F 196 53.72 11.63 -12.55
CA GLN F 196 53.50 10.21 -12.32
C GLN F 196 52.77 9.54 -13.48
N VAL F 197 51.67 10.13 -13.92
CA VAL F 197 50.89 9.57 -15.02
C VAL F 197 51.69 9.57 -16.31
N SER F 198 52.44 10.65 -16.53
CA SER F 198 53.25 10.75 -17.75
C SER F 198 54.33 9.69 -17.74
N GLU F 199 55.00 9.53 -16.60
CA GLU F 199 56.05 8.53 -16.49
C GLU F 199 55.51 7.11 -16.68
N ALA F 200 54.37 6.83 -16.06
CA ALA F 200 53.78 5.51 -16.17
C ALA F 200 53.45 5.16 -17.61
N ALA F 201 53.06 6.17 -18.39
CA ALA F 201 52.71 5.96 -19.79
C ALA F 201 53.90 6.04 -20.74
N GLY F 202 55.04 6.47 -20.23
CA GLY F 202 56.22 6.60 -21.07
C GLY F 202 56.05 7.79 -22.00
N LYS F 203 55.42 8.83 -21.47
CA LYS F 203 55.15 10.04 -22.23
C LYS F 203 55.86 11.25 -21.62
N PRO F 204 56.05 12.31 -22.42
CA PRO F 204 56.72 13.51 -21.93
C PRO F 204 55.82 14.19 -20.90
N LEU F 205 56.41 14.98 -20.02
CA LEU F 205 55.63 15.68 -19.01
C LEU F 205 54.54 16.48 -19.71
N GLY F 206 53.38 16.62 -19.07
CA GLY F 206 52.29 17.35 -19.66
C GLY F 206 51.23 16.43 -20.26
N TYR F 207 51.59 15.16 -20.39
CA TYR F 207 50.66 14.17 -20.95
C TYR F 207 49.42 14.04 -20.08
N GLY F 208 49.61 13.95 -18.78
CA GLY F 208 48.47 13.82 -17.87
C GLY F 208 47.61 15.07 -17.89
N THR F 209 48.25 16.22 -17.81
CA THR F 209 47.54 17.49 -17.83
C THR F 209 46.68 17.59 -19.09
N ALA F 210 47.27 17.24 -20.23
CA ALA F 210 46.56 17.30 -21.51
C ALA F 210 45.33 16.40 -21.54
N GLU F 211 45.48 15.17 -21.05
CA GLU F 211 44.37 14.24 -21.04
C GLU F 211 43.23 14.71 -20.13
N PHE F 212 43.57 15.13 -18.92
CA PHE F 212 42.54 15.57 -17.99
C PHE F 212 41.91 16.89 -18.41
N ALA F 213 42.71 17.77 -19.00
CA ALA F 213 42.22 19.07 -19.44
C ALA F 213 41.12 18.96 -20.48
N LYS F 214 41.07 17.83 -21.17
CA LYS F 214 40.06 17.61 -22.21
C LYS F 214 38.63 17.72 -21.68
N ARG F 215 38.44 17.48 -20.39
CA ARG F 215 37.09 17.56 -19.82
C ARG F 215 36.75 18.91 -19.20
N ILE F 216 37.70 19.83 -19.20
CA ILE F 216 37.46 21.14 -18.61
C ILE F 216 36.68 22.01 -19.60
N THR F 217 35.38 22.16 -19.34
CA THR F 217 34.52 22.96 -20.21
C THR F 217 35.04 24.37 -20.48
N LEU F 218 35.53 25.05 -19.44
CA LEU F 218 36.02 26.41 -19.61
C LEU F 218 37.35 26.51 -20.38
N GLY F 219 37.91 25.35 -20.72
CA GLY F 219 39.13 25.32 -21.52
C GLY F 219 40.41 25.99 -21.05
N ARG F 220 40.60 26.09 -19.74
CA ARG F 220 41.81 26.67 -19.15
C ARG F 220 41.95 26.02 -17.79
N LEU F 221 43.19 25.85 -17.33
CA LEU F 221 43.44 25.24 -16.03
C LEU F 221 43.01 26.22 -14.94
N SER F 222 42.84 25.71 -13.73
CA SER F 222 42.41 26.54 -12.62
C SER F 222 43.56 27.23 -11.90
N GLU F 223 43.29 28.43 -11.40
CA GLU F 223 44.28 29.17 -10.63
C GLU F 223 43.90 28.87 -9.18
N PRO F 224 44.88 28.88 -8.28
CA PRO F 224 44.51 28.61 -6.87
C PRO F 224 43.47 29.62 -6.41
N GLU F 225 43.55 30.83 -6.95
CA GLU F 225 42.62 31.91 -6.59
C GLU F 225 41.18 31.62 -7.01
N ASP F 226 41.01 30.82 -8.06
CA ASP F 226 39.65 30.48 -8.50
C ASP F 226 38.98 29.67 -7.41
N VAL F 227 39.74 28.77 -6.80
CA VAL F 227 39.21 27.93 -5.72
C VAL F 227 38.99 28.79 -4.48
N ALA F 228 39.95 29.65 -4.17
CA ALA F 228 39.84 30.51 -3.00
C ALA F 228 38.59 31.40 -3.07
N ALA F 229 38.18 31.76 -4.28
CA ALA F 229 37.01 32.61 -4.46
C ALA F 229 35.75 31.87 -4.04
N CYS F 230 35.70 30.58 -4.33
CA CYS F 230 34.55 29.76 -3.96
C CYS F 230 34.55 29.58 -2.45
N VAL F 231 35.72 29.30 -1.88
CA VAL F 231 35.84 29.12 -0.44
C VAL F 231 35.42 30.40 0.29
N SER F 232 35.67 31.55 -0.33
CA SER F 232 35.29 32.83 0.27
C SER F 232 33.78 32.83 0.50
N TYR F 233 33.04 32.33 -0.48
CA TYR F 233 31.60 32.26 -0.38
C TYR F 233 31.22 31.33 0.76
N LEU F 234 31.88 30.18 0.83
CA LEU F 234 31.59 29.20 1.88
C LEU F 234 31.96 29.66 3.28
N ALA F 235 32.84 30.67 3.39
CA ALA F 235 33.24 31.18 4.70
C ALA F 235 32.44 32.41 5.09
N SER F 236 31.70 32.97 4.14
CA SER F 236 30.91 34.17 4.37
C SER F 236 29.48 33.88 4.80
N PRO F 237 28.78 34.90 5.32
CA PRO F 237 27.39 34.72 5.75
C PRO F 237 26.45 34.39 4.59
N ASP F 238 26.90 34.67 3.36
CA ASP F 238 26.08 34.41 2.19
C ASP F 238 25.81 32.93 1.96
N SER F 239 26.55 32.08 2.68
CA SER F 239 26.37 30.64 2.56
C SER F 239 25.69 30.06 3.82
N ASP F 240 25.20 30.93 4.69
CA ASP F 240 24.54 30.49 5.92
C ASP F 240 23.43 29.46 5.72
N TYR F 241 22.67 29.59 4.63
CA TYR F 241 21.58 28.67 4.38
C TYR F 241 21.95 27.49 3.49
N MET F 242 23.25 27.26 3.34
CA MET F 242 23.73 26.15 2.53
C MET F 242 24.46 25.17 3.43
N THR F 243 24.12 23.90 3.34
CA THR F 243 24.81 22.91 4.15
C THR F 243 24.76 21.54 3.50
N GLY F 244 25.83 20.77 3.70
CA GLY F 244 25.92 19.43 3.14
C GLY F 244 26.27 19.41 1.67
N GLN F 245 26.66 20.56 1.12
CA GLN F 245 26.98 20.66 -0.30
C GLN F 245 28.48 20.66 -0.59
N SER F 246 28.85 20.08 -1.72
CA SER F 246 30.26 20.06 -2.15
C SER F 246 30.27 20.68 -3.53
N LEU F 247 30.43 22.00 -3.55
CA LEU F 247 30.40 22.78 -4.78
C LEU F 247 31.52 22.48 -5.77
N LEU F 248 31.16 22.43 -7.05
CA LEU F 248 32.11 22.18 -8.11
C LEU F 248 32.62 23.48 -8.67
N ILE F 249 33.88 23.79 -8.38
CA ILE F 249 34.54 24.99 -8.86
C ILE F 249 35.71 24.40 -9.65
N ASP F 250 35.33 23.66 -10.70
CA ASP F 250 36.27 22.92 -11.53
C ASP F 250 36.31 23.28 -13.01
N GLY F 251 35.72 24.41 -13.38
CA GLY F 251 35.73 24.79 -14.77
C GLY F 251 34.78 23.94 -15.60
N GLY F 252 33.88 23.23 -14.92
CA GLY F 252 32.92 22.40 -15.61
C GLY F 252 33.41 21.04 -16.07
N MET F 253 33.99 20.27 -15.16
CA MET F 253 34.46 18.93 -15.51
C MET F 253 33.33 17.96 -15.19
N VAL F 254 32.70 18.20 -14.05
CA VAL F 254 31.57 17.41 -13.56
C VAL F 254 30.40 18.38 -13.37
N PHE F 255 29.20 17.94 -13.73
CA PHE F 255 28.01 18.79 -13.62
C PHE F 255 26.99 18.28 -12.60
N ASN F 256 26.61 19.13 -11.66
CA ASN F 256 25.56 18.78 -10.70
C ASN F 256 24.53 19.88 -10.74
N LYS G 2 28.62 51.04 -14.57
CA LYS G 2 28.79 49.76 -13.82
C LYS G 2 28.14 48.57 -14.53
N LYS G 3 28.43 47.38 -14.02
CA LYS G 3 27.90 46.15 -14.57
C LYS G 3 26.37 46.18 -14.62
N VAL G 4 25.80 45.48 -15.59
CA VAL G 4 24.36 45.46 -15.75
C VAL G 4 23.78 44.06 -15.66
N ALA G 5 22.67 43.95 -14.92
CA ALA G 5 21.99 42.68 -14.76
C ALA G 5 20.49 42.86 -14.96
N LEU G 6 19.85 41.85 -15.53
CA LEU G 6 18.41 41.88 -15.73
C LEU G 6 17.90 40.67 -14.95
N VAL G 7 16.87 40.89 -14.13
CA VAL G 7 16.28 39.82 -13.33
C VAL G 7 14.81 39.68 -13.68
N THR G 8 14.40 38.50 -14.16
CA THR G 8 12.98 38.32 -14.48
C THR G 8 12.24 37.94 -13.22
N GLY G 9 10.97 38.33 -13.14
CA GLY G 9 10.17 38.04 -11.97
C GLY G 9 10.67 38.80 -10.76
N ALA G 10 11.28 39.95 -11.01
CA ALA G 10 11.84 40.76 -9.93
C ALA G 10 10.86 41.68 -9.21
N GLY G 11 9.57 41.55 -9.52
CA GLY G 11 8.57 42.38 -8.88
C GLY G 11 8.27 41.99 -7.45
N GLN G 12 8.59 40.76 -7.08
CA GLN G 12 8.32 40.28 -5.73
C GLN G 12 9.15 39.04 -5.41
N GLY G 13 8.94 38.51 -4.21
CA GLY G 13 9.62 37.30 -3.77
C GLY G 13 11.12 37.23 -3.93
N ILE G 14 11.58 36.08 -4.42
CA ILE G 14 13.01 35.86 -4.60
C ILE G 14 13.60 36.82 -5.65
N GLY G 15 12.85 37.06 -6.71
CA GLY G 15 13.34 37.96 -7.74
C GLY G 15 13.63 39.35 -7.22
N LYS G 16 12.72 39.87 -6.41
CA LYS G 16 12.92 41.21 -5.85
C LYS G 16 14.16 41.21 -4.94
N ALA G 17 14.27 40.18 -4.11
CA ALA G 17 15.40 40.08 -3.20
C ALA G 17 16.72 40.02 -3.96
N ILE G 18 16.73 39.28 -5.07
CA ILE G 18 17.93 39.18 -5.89
C ILE G 18 18.28 40.55 -6.47
N ALA G 19 17.28 41.22 -7.03
CA ALA G 19 17.51 42.54 -7.61
C ALA G 19 18.09 43.50 -6.58
N LEU G 20 17.50 43.54 -5.39
CA LEU G 20 18.01 44.44 -4.35
C LEU G 20 19.43 44.08 -3.94
N ARG G 21 19.74 42.80 -3.84
CA ARG G 21 21.09 42.39 -3.47
C ARG G 21 22.10 42.74 -4.56
N LEU G 22 21.71 42.53 -5.81
CA LEU G 22 22.59 42.84 -6.93
C LEU G 22 22.89 44.35 -6.95
N VAL G 23 21.90 45.15 -6.58
CA VAL G 23 22.11 46.60 -6.54
C VAL G 23 23.13 46.91 -5.45
N LYS G 24 23.02 46.25 -4.30
CA LYS G 24 23.96 46.47 -3.22
C LYS G 24 25.36 46.04 -3.65
N ASP G 25 25.42 45.01 -4.50
CA ASP G 25 26.70 44.52 -5.00
C ASP G 25 27.32 45.48 -6.01
N GLY G 26 26.54 46.46 -6.46
CA GLY G 26 27.04 47.43 -7.40
C GLY G 26 26.49 47.39 -8.81
N PHE G 27 25.52 46.50 -9.06
CA PHE G 27 24.92 46.38 -10.40
C PHE G 27 23.81 47.39 -10.66
N ALA G 28 23.64 47.73 -11.94
CA ALA G 28 22.55 48.57 -12.38
C ALA G 28 21.63 47.41 -12.75
N VAL G 29 20.37 47.45 -12.33
CA VAL G 29 19.48 46.33 -12.59
C VAL G 29 18.17 46.62 -13.31
N ALA G 30 17.81 45.74 -14.24
CA ALA G 30 16.57 45.86 -14.98
C ALA G 30 15.56 44.95 -14.26
N ILE G 31 14.49 45.56 -13.77
CA ILE G 31 13.44 44.84 -13.07
C ILE G 31 12.42 44.37 -14.10
N ALA G 32 12.57 43.12 -14.54
CA ALA G 32 11.68 42.55 -15.55
C ALA G 32 10.59 41.71 -14.91
N ASP G 33 9.34 41.97 -15.29
CA ASP G 33 8.22 41.22 -14.73
C ASP G 33 6.96 41.42 -15.56
N TYR G 34 6.06 40.44 -15.48
CA TYR G 34 4.79 40.51 -16.21
C TYR G 34 3.91 41.55 -15.51
N ASN G 35 4.13 41.71 -14.21
CA ASN G 35 3.38 42.65 -13.40
C ASN G 35 4.04 44.02 -13.50
N ASP G 36 3.48 44.88 -14.35
CA ASP G 36 4.00 46.23 -14.58
C ASP G 36 4.04 47.05 -13.30
N ALA G 37 3.02 46.89 -12.45
CA ALA G 37 2.93 47.63 -11.20
C ALA G 37 4.07 47.35 -10.22
N THR G 38 4.28 46.07 -9.89
CA THR G 38 5.35 45.70 -8.97
C THR G 38 6.74 45.97 -9.52
N ALA G 39 6.89 45.81 -10.83
CA ALA G 39 8.18 46.06 -11.46
C ALA G 39 8.55 47.53 -11.30
N LYS G 40 7.58 48.42 -11.50
CA LYS G 40 7.82 49.85 -11.38
C LYS G 40 8.08 50.26 -9.94
N ALA G 41 7.41 49.60 -9.00
CA ALA G 41 7.57 49.90 -7.59
C ALA G 41 8.97 49.53 -7.11
N VAL G 42 9.46 48.37 -7.54
CA VAL G 42 10.79 47.92 -7.16
C VAL G 42 11.84 48.84 -7.78
N ALA G 43 11.69 49.14 -9.07
CA ALA G 43 12.63 50.02 -9.75
C ALA G 43 12.68 51.37 -9.04
N SER G 44 11.50 51.88 -8.67
CA SER G 44 11.42 53.17 -7.99
C SER G 44 12.12 53.12 -6.63
N GLU G 45 11.93 52.02 -5.91
CA GLU G 45 12.56 51.86 -4.60
C GLU G 45 14.07 51.94 -4.73
N ILE G 46 14.59 51.28 -5.76
CA ILE G 46 16.03 51.27 -6.02
C ILE G 46 16.56 52.64 -6.41
N ASN G 47 15.89 53.30 -7.34
CA ASN G 47 16.31 54.61 -7.80
C ASN G 47 16.22 55.67 -6.70
N GLN G 48 15.17 55.61 -5.89
CA GLN G 48 15.00 56.57 -4.80
C GLN G 48 16.10 56.41 -3.76
N ALA G 49 16.62 55.20 -3.64
CA ALA G 49 17.67 54.90 -2.68
C ALA G 49 19.07 55.18 -3.22
N GLY G 50 19.14 55.68 -4.44
CA GLY G 50 20.43 56.01 -5.02
C GLY G 50 21.01 55.00 -6.01
N GLY G 51 20.26 53.92 -6.25
CA GLY G 51 20.74 52.91 -7.18
C GLY G 51 20.32 53.25 -8.61
N HIS G 52 20.58 52.33 -9.53
CA HIS G 52 20.22 52.54 -10.93
C HIS G 52 19.42 51.35 -11.42
N ALA G 53 18.14 51.56 -11.68
CA ALA G 53 17.27 50.50 -12.15
C ALA G 53 16.22 50.99 -13.14
N VAL G 54 15.67 50.06 -13.91
CA VAL G 54 14.63 50.38 -14.86
C VAL G 54 13.66 49.22 -14.88
N ALA G 55 12.37 49.54 -14.92
CA ALA G 55 11.34 48.52 -14.95
C ALA G 55 11.05 48.15 -16.39
N VAL G 56 10.97 46.85 -16.67
CA VAL G 56 10.68 46.37 -18.00
C VAL G 56 9.56 45.34 -17.92
N LYS G 57 8.47 45.62 -18.63
CA LYS G 57 7.34 44.70 -18.65
C LYS G 57 7.64 43.60 -19.66
N VAL G 58 7.43 42.36 -19.25
CA VAL G 58 7.70 41.24 -20.13
C VAL G 58 7.10 39.95 -19.63
N ASP G 59 6.53 39.19 -20.56
CA ASP G 59 5.97 37.88 -20.25
C ASP G 59 7.08 36.98 -20.79
N VAL G 60 7.83 36.34 -19.91
CA VAL G 60 8.95 35.51 -20.33
C VAL G 60 8.62 34.33 -21.25
N SER G 61 7.35 33.97 -21.37
CA SER G 61 6.99 32.86 -22.24
C SER G 61 7.03 33.29 -23.70
N ASP G 62 7.08 34.60 -23.93
CA ASP G 62 7.12 35.15 -25.28
C ASP G 62 8.56 35.49 -25.68
N ARG G 63 9.10 34.74 -26.63
CA ARG G 63 10.47 34.94 -27.09
C ARG G 63 10.77 36.36 -27.51
N ASP G 64 9.88 36.96 -28.31
CA ASP G 64 10.09 38.33 -28.76
C ASP G 64 10.15 39.32 -27.59
N GLN G 65 9.29 39.13 -26.61
CA GLN G 65 9.28 40.02 -25.45
C GLN G 65 10.57 39.93 -24.64
N VAL G 66 11.11 38.72 -24.51
CA VAL G 66 12.35 38.54 -23.75
C VAL G 66 13.50 39.27 -24.43
N PHE G 67 13.63 39.10 -25.74
CA PHE G 67 14.70 39.79 -26.46
C PHE G 67 14.52 41.29 -26.32
N ALA G 68 13.30 41.77 -26.44
CA ALA G 68 13.02 43.19 -26.34
C ALA G 68 13.38 43.71 -24.95
N ALA G 69 13.08 42.92 -23.92
CA ALA G 69 13.38 43.33 -22.55
C ALA G 69 14.89 43.41 -22.32
N VAL G 70 15.62 42.41 -22.80
CA VAL G 70 17.06 42.40 -22.65
C VAL G 70 17.68 43.58 -23.38
N GLU G 71 17.19 43.87 -24.59
CA GLU G 71 17.72 44.99 -25.35
C GLU G 71 17.39 46.32 -24.71
N GLN G 72 16.19 46.45 -24.14
CA GLN G 72 15.81 47.69 -23.48
C GLN G 72 16.74 47.93 -22.29
N ALA G 73 17.05 46.86 -21.57
CA ALA G 73 17.93 46.95 -20.41
C ALA G 73 19.35 47.31 -20.85
N ARG G 74 19.83 46.65 -21.89
CA ARG G 74 21.19 46.89 -22.40
C ARG G 74 21.41 48.31 -22.87
N LYS G 75 20.43 48.86 -23.57
CA LYS G 75 20.55 50.22 -24.08
C LYS G 75 20.34 51.27 -23.00
N THR G 76 19.38 51.04 -22.12
CA THR G 76 19.08 51.99 -21.06
C THR G 76 20.12 52.02 -19.94
N LEU G 77 20.60 50.86 -19.53
CA LEU G 77 21.58 50.78 -18.45
C LEU G 77 23.03 50.86 -18.91
N GLY G 78 23.25 50.87 -20.22
CA GLY G 78 24.60 51.00 -20.74
C GLY G 78 25.47 49.76 -20.80
N GLY G 79 24.86 48.59 -20.95
CA GLY G 79 25.63 47.37 -21.03
C GLY G 79 24.79 46.17 -20.61
N PHE G 80 25.38 44.98 -20.63
CA PHE G 80 24.67 43.78 -20.23
C PHE G 80 25.70 42.73 -19.84
N ASP G 81 25.69 42.36 -18.56
CA ASP G 81 26.66 41.40 -18.04
C ASP G 81 26.08 40.16 -17.40
N VAL G 82 24.88 40.27 -16.84
CA VAL G 82 24.27 39.14 -16.16
C VAL G 82 22.77 39.08 -16.35
N ILE G 83 22.26 37.88 -16.61
CA ILE G 83 20.82 37.70 -16.71
C ILE G 83 20.45 36.62 -15.69
N VAL G 84 19.36 36.86 -14.98
CA VAL G 84 18.87 35.90 -13.99
C VAL G 84 17.47 35.53 -14.42
N ASN G 85 17.32 34.32 -14.97
CA ASN G 85 16.01 33.84 -15.42
C ASN G 85 15.31 33.24 -14.22
N ASN G 86 14.69 34.14 -13.46
CA ASN G 86 14.02 33.81 -12.22
C ASN G 86 12.50 33.61 -12.25
N ALA G 87 11.80 34.32 -13.13
CA ALA G 87 10.35 34.17 -13.21
C ALA G 87 9.93 32.71 -13.33
N GLY G 88 8.86 32.34 -12.63
CA GLY G 88 8.39 30.97 -12.72
C GLY G 88 7.07 30.77 -11.99
N VAL G 89 6.39 29.67 -12.31
CA VAL G 89 5.12 29.33 -11.67
C VAL G 89 5.24 27.93 -11.11
N ALA G 90 4.49 27.64 -10.05
CA ALA G 90 4.58 26.34 -9.41
C ALA G 90 3.28 25.76 -8.88
N PRO G 91 2.38 25.34 -9.77
CA PRO G 91 1.12 24.76 -9.29
C PRO G 91 1.39 23.33 -8.84
N SER G 92 0.67 22.87 -7.82
CA SER G 92 0.83 21.49 -7.39
C SER G 92 -0.02 20.75 -8.40
N THR G 93 0.39 19.55 -8.79
CA THR G 93 -0.35 18.82 -9.81
C THR G 93 -0.55 17.34 -9.56
N PRO G 94 -1.71 16.96 -8.99
CA PRO G 94 -1.91 15.53 -8.76
C PRO G 94 -1.77 14.87 -10.13
N ILE G 95 -0.97 13.81 -10.22
CA ILE G 95 -0.72 13.17 -11.51
C ILE G 95 -1.94 12.80 -12.35
N GLU G 96 -2.96 12.22 -11.72
CA GLU G 96 -4.15 11.83 -12.47
C GLU G 96 -4.89 13.01 -13.09
N SER G 97 -4.68 14.22 -12.55
CA SER G 97 -5.36 15.41 -13.02
C SER G 97 -4.60 16.28 -14.02
N ILE G 98 -3.36 15.91 -14.32
CA ILE G 98 -2.56 16.70 -15.24
C ILE G 98 -3.18 16.78 -16.63
N THR G 99 -3.29 18.00 -17.15
CA THR G 99 -3.86 18.24 -18.47
C THR G 99 -2.81 18.88 -19.36
N PRO G 100 -2.99 18.83 -20.68
CA PRO G 100 -2.01 19.44 -21.57
C PRO G 100 -1.89 20.94 -21.31
N GLU G 101 -3.01 21.55 -20.90
CA GLU G 101 -3.03 22.98 -20.61
C GLU G 101 -2.15 23.32 -19.42
N ILE G 102 -2.20 22.48 -18.38
CA ILE G 102 -1.41 22.69 -17.18
C ILE G 102 0.07 22.58 -17.53
N VAL G 103 0.43 21.57 -18.31
CA VAL G 103 1.81 21.39 -18.72
C VAL G 103 2.29 22.59 -19.53
N ASP G 104 1.46 23.03 -20.49
CA ASP G 104 1.84 24.17 -21.32
C ASP G 104 2.07 25.44 -20.50
N LYS G 105 1.17 25.70 -19.55
CA LYS G 105 1.30 26.88 -18.71
C LYS G 105 2.62 26.90 -17.96
N VAL G 106 2.93 25.79 -17.31
CA VAL G 106 4.17 25.71 -16.53
C VAL G 106 5.43 25.69 -17.38
N TYR G 107 5.46 24.85 -18.40
CA TYR G 107 6.64 24.75 -19.25
C TYR G 107 6.89 25.98 -20.13
N ASN G 108 5.83 26.63 -20.58
CA ASN G 108 6.04 27.81 -21.42
C ASN G 108 6.76 28.90 -20.62
N ILE G 109 6.43 29.01 -19.34
CA ILE G 109 7.07 30.02 -18.49
C ILE G 109 8.40 29.53 -17.92
N ASN G 110 8.37 28.39 -17.25
CA ASN G 110 9.56 27.84 -16.61
C ASN G 110 10.67 27.33 -17.52
N VAL G 111 10.29 26.71 -18.64
CA VAL G 111 11.27 26.15 -19.54
C VAL G 111 11.55 27.04 -20.75
N LYS G 112 10.52 27.36 -21.54
CA LYS G 112 10.76 28.22 -22.70
C LYS G 112 11.31 29.57 -22.26
N GLY G 113 10.81 30.09 -21.14
CA GLY G 113 11.29 31.37 -20.65
C GLY G 113 12.79 31.37 -20.43
N VAL G 114 13.31 30.27 -19.91
CA VAL G 114 14.75 30.15 -19.67
C VAL G 114 15.50 30.07 -21.00
N ILE G 115 14.95 29.33 -21.96
CA ILE G 115 15.62 29.23 -23.25
C ILE G 115 15.72 30.61 -23.89
N TRP G 116 14.61 31.35 -23.91
CA TRP G 116 14.60 32.69 -24.50
C TRP G 116 15.59 33.60 -23.77
N GLY G 117 15.64 33.47 -22.44
CA GLY G 117 16.57 34.28 -21.66
C GLY G 117 18.01 33.98 -22.04
N ILE G 118 18.29 32.69 -22.23
CA ILE G 118 19.64 32.28 -22.61
C ILE G 118 20.00 32.89 -23.97
N GLN G 119 19.11 32.73 -24.95
CA GLN G 119 19.37 33.25 -26.29
C GLN G 119 19.54 34.76 -26.32
N ALA G 120 18.67 35.48 -25.60
CA ALA G 120 18.75 36.94 -25.59
C ALA G 120 20.02 37.42 -24.92
N ALA G 121 20.44 36.73 -23.87
CA ALA G 121 21.66 37.13 -23.17
C ALA G 121 22.86 36.88 -24.07
N VAL G 122 22.87 35.73 -24.75
CA VAL G 122 23.97 35.40 -25.65
C VAL G 122 24.15 36.50 -26.69
N GLU G 123 23.03 36.94 -27.27
CA GLU G 123 23.10 37.99 -28.29
C GLU G 123 23.57 39.30 -27.69
N ALA G 124 23.07 39.62 -26.50
CA ALA G 124 23.46 40.86 -25.83
C ALA G 124 24.96 40.88 -25.54
N PHE G 125 25.49 39.77 -25.04
CA PHE G 125 26.91 39.68 -24.73
C PHE G 125 27.72 39.90 -26.01
N LYS G 126 27.29 39.31 -27.10
CA LYS G 126 27.99 39.47 -28.37
C LYS G 126 28.00 40.94 -28.77
N LYS G 127 26.83 41.57 -28.69
CA LYS G 127 26.72 42.98 -29.04
C LYS G 127 27.66 43.84 -28.20
N GLU G 128 27.81 43.47 -26.93
CA GLU G 128 28.68 44.20 -26.01
C GLU G 128 30.15 43.80 -26.16
N GLY G 129 30.41 42.79 -26.98
CA GLY G 129 31.77 42.36 -27.22
C GLY G 129 32.50 41.63 -26.11
N HIS G 130 31.78 40.91 -25.27
CA HIS G 130 32.41 40.18 -24.18
C HIS G 130 31.60 38.96 -23.76
N GLY G 131 32.06 38.27 -22.72
CA GLY G 131 31.36 37.10 -22.24
C GLY G 131 30.24 37.49 -21.30
N GLY G 132 29.86 36.57 -20.41
CA GLY G 132 28.79 36.91 -19.49
C GLY G 132 28.35 35.77 -18.62
N LYS G 133 27.40 36.06 -17.73
CA LYS G 133 26.86 35.09 -16.80
C LYS G 133 25.35 34.92 -16.97
N ILE G 134 24.92 33.68 -17.15
CA ILE G 134 23.50 33.37 -17.26
C ILE G 134 23.23 32.56 -16.00
N ILE G 135 22.21 32.97 -15.25
CA ILE G 135 21.86 32.33 -13.99
C ILE G 135 20.39 31.94 -14.05
N ASN G 136 20.09 30.66 -13.86
CA ASN G 136 18.71 30.19 -13.93
C ASN G 136 18.16 29.73 -12.58
N ALA G 137 16.89 30.01 -12.35
CA ALA G 137 16.23 29.60 -11.11
C ALA G 137 15.78 28.15 -11.23
N CYS G 138 16.38 27.29 -10.42
CA CYS G 138 16.04 25.89 -10.41
C CYS G 138 15.30 25.66 -9.09
N SER G 139 15.54 24.53 -8.44
CA SER G 139 14.89 24.19 -7.17
C SER G 139 15.45 22.87 -6.69
N GLN G 140 15.33 22.56 -5.40
CA GLN G 140 15.81 21.25 -4.97
C GLN G 140 14.94 20.23 -5.69
N ALA G 141 13.74 20.67 -6.07
CA ALA G 141 12.81 19.81 -6.80
C ALA G 141 13.28 19.60 -8.22
N GLY G 142 14.38 20.27 -8.59
CA GLY G 142 14.96 20.11 -9.91
C GLY G 142 16.08 19.09 -9.85
N HIS G 143 16.34 18.59 -8.64
CA HIS G 143 17.37 17.57 -8.41
C HIS G 143 16.71 16.26 -7.99
N VAL G 144 15.63 16.37 -7.23
CA VAL G 144 14.87 15.21 -6.76
C VAL G 144 13.39 15.53 -6.93
N GLY G 145 12.68 14.67 -7.67
CA GLY G 145 11.26 14.91 -7.88
C GLY G 145 10.50 14.99 -6.58
N ASN G 146 9.73 16.06 -6.41
CA ASN G 146 8.95 16.26 -5.18
C ASN G 146 7.54 15.70 -5.30
N PRO G 147 6.99 15.17 -4.18
CA PRO G 147 5.63 14.64 -4.26
C PRO G 147 4.62 15.76 -4.52
N GLU G 148 3.55 15.42 -5.22
CA GLU G 148 2.49 16.36 -5.58
C GLU G 148 2.92 17.45 -6.54
N LEU G 149 4.18 17.45 -6.95
CA LEU G 149 4.72 18.47 -7.85
C LEU G 149 5.33 17.90 -9.13
N ALA G 150 4.62 16.97 -9.77
CA ALA G 150 5.13 16.35 -10.99
C ALA G 150 5.50 17.33 -12.11
N VAL G 151 4.55 18.19 -12.49
CA VAL G 151 4.82 19.14 -13.56
C VAL G 151 5.89 20.17 -13.19
N TYR G 152 5.78 20.72 -11.99
CA TYR G 152 6.74 21.71 -11.53
C TYR G 152 8.15 21.12 -11.41
N SER G 153 8.25 19.95 -10.75
CA SER G 153 9.53 19.30 -10.58
C SER G 153 10.18 19.01 -11.93
N SER G 154 9.42 18.37 -12.81
CA SER G 154 9.95 18.04 -14.12
C SER G 154 10.38 19.30 -14.87
N SER G 155 9.68 20.41 -14.67
CA SER G 155 10.07 21.64 -15.36
C SER G 155 11.41 22.15 -14.85
N LYS G 156 11.68 21.97 -13.56
CA LYS G 156 12.95 22.45 -13.01
C LYS G 156 14.09 21.49 -13.37
N PHE G 157 13.77 20.22 -13.58
CA PHE G 157 14.77 19.26 -14.01
C PHE G 157 15.17 19.72 -15.40
N ALA G 158 14.18 20.11 -16.21
CA ALA G 158 14.44 20.57 -17.57
C ALA G 158 15.32 21.80 -17.53
N VAL G 159 15.03 22.72 -16.60
CA VAL G 159 15.84 23.93 -16.48
C VAL G 159 17.29 23.56 -16.19
N ARG G 160 17.51 22.56 -15.34
CA ARG G 160 18.87 22.15 -15.03
C ARG G 160 19.54 21.55 -16.26
N GLY G 161 18.78 20.79 -17.04
CA GLY G 161 19.34 20.20 -18.26
C GLY G 161 19.79 21.28 -19.22
N LEU G 162 18.95 22.31 -19.39
CA LEU G 162 19.29 23.41 -20.28
C LEU G 162 20.53 24.12 -19.75
N THR G 163 20.58 24.29 -18.44
CA THR G 163 21.71 24.94 -17.80
C THR G 163 23.02 24.24 -18.14
N GLN G 164 23.02 22.92 -18.06
CA GLN G 164 24.21 22.13 -18.36
C GLN G 164 24.59 22.15 -19.85
N THR G 165 23.63 21.91 -20.73
CA THR G 165 23.96 21.93 -22.16
C THR G 165 24.44 23.32 -22.57
N ALA G 166 23.78 24.37 -22.07
CA ALA G 166 24.15 25.73 -22.39
C ALA G 166 25.57 26.02 -21.89
N ALA G 167 25.91 25.53 -20.71
CA ALA G 167 27.24 25.76 -20.17
C ALA G 167 28.29 25.19 -21.13
N ARG G 168 28.01 24.01 -21.65
CA ARG G 168 28.93 23.36 -22.58
C ARG G 168 28.97 24.04 -23.95
N ASP G 169 27.80 24.36 -24.49
CA ASP G 169 27.71 25.00 -25.81
C ASP G 169 28.23 26.43 -25.88
N LEU G 170 28.04 27.19 -24.81
CA LEU G 170 28.44 28.59 -24.78
C LEU G 170 29.79 28.92 -24.20
N ALA G 171 30.48 27.92 -23.65
CA ALA G 171 31.79 28.15 -23.05
C ALA G 171 32.77 28.89 -23.98
N PRO G 172 32.83 28.52 -25.27
CA PRO G 172 33.75 29.19 -26.19
C PRO G 172 33.55 30.70 -26.30
N LEU G 173 32.34 31.15 -25.95
CA LEU G 173 32.00 32.57 -26.01
C LEU G 173 32.31 33.30 -24.70
N GLY G 174 32.93 32.59 -23.76
CA GLY G 174 33.26 33.20 -22.48
C GLY G 174 32.03 33.37 -21.62
N ILE G 175 31.03 32.53 -21.86
CA ILE G 175 29.79 32.59 -21.11
C ILE G 175 29.63 31.39 -20.19
N THR G 176 29.26 31.63 -18.94
CA THR G 176 29.02 30.54 -18.00
C THR G 176 27.53 30.47 -17.76
N VAL G 177 27.02 29.29 -17.41
CA VAL G 177 25.61 29.11 -17.15
C VAL G 177 25.47 28.26 -15.89
N ASN G 178 24.87 28.82 -14.84
CA ASN G 178 24.67 28.12 -13.59
C ASN G 178 23.24 28.34 -13.10
N GLY G 179 22.86 27.59 -12.06
CA GLY G 179 21.53 27.76 -11.51
C GLY G 179 21.56 27.77 -9.99
N TYR G 180 20.48 28.23 -9.38
CA TYR G 180 20.37 28.25 -7.93
C TYR G 180 19.13 27.44 -7.59
N CYS G 181 19.22 26.61 -6.55
CA CYS G 181 18.12 25.75 -6.17
C CYS G 181 17.62 25.99 -4.75
N PRO G 182 16.55 26.79 -4.61
CA PRO G 182 15.98 27.08 -3.29
C PRO G 182 15.22 25.87 -2.75
N GLY G 183 14.88 25.93 -1.46
CA GLY G 183 14.14 24.87 -0.82
C GLY G 183 12.69 25.31 -0.64
N ILE G 184 12.30 25.61 0.59
CA ILE G 184 10.96 26.08 0.90
C ILE G 184 11.13 27.54 1.31
N VAL G 185 10.76 28.44 0.40
CA VAL G 185 10.94 29.87 0.65
C VAL G 185 9.62 30.60 0.93
N LYS G 186 9.65 31.48 1.92
CA LYS G 186 8.47 32.24 2.30
C LYS G 186 8.12 33.35 1.30
N THR G 187 7.40 32.95 0.26
CA THR G 187 6.95 33.86 -0.80
C THR G 187 5.55 33.40 -1.17
N PRO G 188 4.82 34.20 -1.97
CA PRO G 188 3.46 33.83 -2.37
C PRO G 188 3.41 32.51 -3.12
N MET G 189 4.50 32.16 -3.80
CA MET G 189 4.55 30.90 -4.54
C MET G 189 4.39 29.71 -3.62
N TRP G 190 5.18 29.66 -2.56
CA TRP G 190 5.07 28.53 -1.66
C TRP G 190 3.74 28.53 -0.92
N ALA G 191 3.28 29.72 -0.52
CA ALA G 191 2.00 29.83 0.18
C ALA G 191 0.90 29.16 -0.63
N GLU G 192 0.94 29.36 -1.95
CA GLU G 192 -0.07 28.77 -2.83
C GLU G 192 0.08 27.26 -2.91
N ILE G 193 1.32 26.77 -2.96
CA ILE G 193 1.55 25.33 -3.02
C ILE G 193 0.97 24.70 -1.77
N ASP G 194 1.26 25.30 -0.62
CA ASP G 194 0.76 24.77 0.64
C ASP G 194 -0.77 24.79 0.69
N ARG G 195 -1.37 25.86 0.18
CA ARG G 195 -2.83 25.96 0.18
C ARG G 195 -3.43 24.82 -0.63
N GLN G 196 -2.89 24.61 -1.83
CA GLN G 196 -3.39 23.56 -2.71
C GLN G 196 -3.21 22.17 -2.11
N VAL G 197 -2.00 21.86 -1.66
CA VAL G 197 -1.72 20.57 -1.06
C VAL G 197 -2.53 20.35 0.21
N SER G 198 -2.63 21.40 1.04
CA SER G 198 -3.39 21.30 2.28
C SER G 198 -4.87 21.07 2.00
N GLU G 199 -5.43 21.83 1.07
CA GLU G 199 -6.85 21.69 0.73
C GLU G 199 -7.14 20.33 0.12
N ALA G 200 -6.25 19.85 -0.75
CA ALA G 200 -6.43 18.55 -1.38
C ALA G 200 -6.42 17.42 -0.37
N ALA G 201 -5.63 17.58 0.69
CA ALA G 201 -5.53 16.56 1.73
C ALA G 201 -6.57 16.73 2.82
N GLY G 202 -7.36 17.80 2.73
CA GLY G 202 -8.40 18.05 3.72
C GLY G 202 -7.80 18.48 5.05
N LYS G 203 -6.62 19.09 4.99
CA LYS G 203 -5.92 19.55 6.19
C LYS G 203 -5.89 21.07 6.27
N PRO G 204 -5.67 21.61 7.48
CA PRO G 204 -5.61 23.06 7.69
C PRO G 204 -4.39 23.64 6.95
N LEU G 205 -4.44 24.94 6.65
CA LEU G 205 -3.32 25.58 5.98
C LEU G 205 -2.07 25.35 6.82
N GLY G 206 -0.94 25.13 6.15
CA GLY G 206 0.30 24.90 6.86
C GLY G 206 0.70 23.44 6.87
N TYR G 207 -0.24 22.56 6.50
CA TYR G 207 0.02 21.14 6.46
C TYR G 207 1.15 20.82 5.48
N GLY G 208 1.03 21.33 4.27
CA GLY G 208 2.05 21.10 3.25
C GLY G 208 3.40 21.63 3.68
N THR G 209 3.42 22.86 4.19
CA THR G 209 4.66 23.49 4.64
C THR G 209 5.36 22.62 5.67
N ALA G 210 4.64 22.20 6.70
CA ALA G 210 5.21 21.39 7.76
C ALA G 210 5.75 20.04 7.26
N GLU G 211 5.04 19.43 6.32
CA GLU G 211 5.50 18.16 5.79
C GLU G 211 6.76 18.31 4.96
N PHE G 212 6.78 19.30 4.06
CA PHE G 212 7.96 19.52 3.24
C PHE G 212 9.15 19.97 4.07
N ALA G 213 8.91 20.85 5.04
CA ALA G 213 9.98 21.39 5.88
C ALA G 213 10.71 20.35 6.72
N LYS G 214 10.12 19.17 6.88
CA LYS G 214 10.75 18.12 7.67
C LYS G 214 12.10 17.69 7.11
N ARG G 215 12.34 17.95 5.83
CA ARG G 215 13.60 17.56 5.22
C ARG G 215 14.66 18.66 5.21
N ILE G 216 14.32 19.83 5.77
CA ILE G 216 15.28 20.92 5.81
C ILE G 216 16.24 20.70 6.98
N THR G 217 17.46 20.32 6.65
CA THR G 217 18.47 20.05 7.67
C THR G 217 18.69 21.20 8.66
N LEU G 218 18.69 22.44 8.16
CA LEU G 218 18.89 23.58 9.04
C LEU G 218 17.71 23.89 9.95
N GLY G 219 16.61 23.18 9.74
CA GLY G 219 15.44 23.36 10.60
C GLY G 219 14.67 24.67 10.57
N ARG G 220 14.81 25.45 9.52
CA ARG G 220 14.05 26.69 9.42
C ARG G 220 13.68 26.93 7.97
N LEU G 221 12.61 27.67 7.75
CA LEU G 221 12.19 27.98 6.39
C LEU G 221 13.14 29.00 5.81
N SER G 222 13.12 29.14 4.49
CA SER G 222 14.02 30.05 3.81
C SER G 222 13.42 31.43 3.57
N GLU G 223 14.27 32.45 3.66
CA GLU G 223 13.88 33.83 3.39
C GLU G 223 14.36 34.09 1.97
N PRO G 224 13.68 34.98 1.22
CA PRO G 224 14.11 35.26 -0.14
C PRO G 224 15.57 35.71 -0.15
N GLU G 225 15.97 36.41 0.91
CA GLU G 225 17.33 36.90 1.05
C GLU G 225 18.37 35.78 1.09
N ASP G 226 17.99 34.61 1.60
CA ASP G 226 18.93 33.48 1.65
C ASP G 226 19.31 33.09 0.24
N VAL G 227 18.31 33.07 -0.64
CA VAL G 227 18.53 32.71 -2.03
C VAL G 227 19.33 33.80 -2.74
N ALA G 228 18.98 35.06 -2.47
CA ALA G 228 19.69 36.18 -3.08
C ALA G 228 21.17 36.19 -2.74
N ALA G 229 21.53 35.73 -1.55
CA ALA G 229 22.92 35.68 -1.11
C ALA G 229 23.71 34.72 -1.99
N CYS G 230 23.09 33.62 -2.40
CA CYS G 230 23.75 32.64 -3.25
C CYS G 230 23.86 33.21 -4.68
N VAL G 231 22.80 33.87 -5.14
CA VAL G 231 22.82 34.44 -6.47
C VAL G 231 23.90 35.52 -6.56
N SER G 232 24.14 36.22 -5.45
CA SER G 232 25.17 37.24 -5.43
C SER G 232 26.51 36.62 -5.83
N TYR G 233 26.76 35.42 -5.32
CA TYR G 233 28.00 34.72 -5.65
C TYR G 233 28.02 34.36 -7.13
N LEU G 234 26.90 33.89 -7.63
CA LEU G 234 26.78 33.49 -9.03
C LEU G 234 26.88 34.67 -10.01
N ALA G 235 26.61 35.87 -9.53
CA ALA G 235 26.69 37.06 -10.39
C ALA G 235 28.05 37.74 -10.27
N SER G 236 28.80 37.36 -9.24
CA SER G 236 30.11 37.95 -8.98
C SER G 236 31.26 37.27 -9.71
N PRO G 237 32.41 37.96 -9.80
CA PRO G 237 33.58 37.40 -10.47
C PRO G 237 34.07 36.15 -9.75
N ASP G 238 33.69 36.00 -8.48
CA ASP G 238 34.12 34.85 -7.69
C ASP G 238 33.60 33.51 -8.21
N SER G 239 32.65 33.55 -9.12
CA SER G 239 32.10 32.31 -9.68
C SER G 239 32.56 32.14 -11.14
N ASP G 240 33.52 32.95 -11.55
CA ASP G 240 34.03 32.88 -12.93
C ASP G 240 34.44 31.48 -13.39
N TYR G 241 35.01 30.68 -12.50
CA TYR G 241 35.47 29.34 -12.88
C TYR G 241 34.44 28.25 -12.61
N MET G 242 33.20 28.66 -12.38
CA MET G 242 32.13 27.69 -12.12
C MET G 242 31.13 27.76 -13.26
N THR G 243 30.82 26.60 -13.84
CA THR G 243 29.84 26.57 -14.93
C THR G 243 29.13 25.23 -14.98
N GLY G 244 27.85 25.28 -15.37
CA GLY G 244 27.03 24.09 -15.48
C GLY G 244 26.54 23.55 -14.16
N GLN G 245 26.68 24.33 -13.09
CA GLN G 245 26.27 23.90 -11.75
C GLN G 245 24.94 24.51 -11.32
N SER G 246 24.19 23.75 -10.55
CA SER G 246 22.91 24.21 -10.01
C SER G 246 23.05 24.03 -8.51
N LEU G 247 23.49 25.09 -7.85
CA LEU G 247 23.74 25.09 -6.42
C LEU G 247 22.52 24.96 -5.53
N LEU G 248 22.65 24.13 -4.50
CA LEU G 248 21.58 23.93 -3.54
C LEU G 248 21.70 24.91 -2.37
N ILE G 249 20.80 25.88 -2.35
CA ILE G 249 20.75 26.88 -1.29
C ILE G 249 19.35 26.64 -0.71
N ASP G 250 19.18 25.42 -0.20
CA ASP G 250 17.90 24.94 0.31
C ASP G 250 17.87 24.56 1.78
N GLY G 251 18.90 24.92 2.54
CA GLY G 251 18.91 24.56 3.96
C GLY G 251 19.24 23.09 4.18
N GLY G 252 19.67 22.42 3.12
CA GLY G 252 20.02 21.02 3.23
C GLY G 252 18.90 20.01 3.04
N MET G 253 18.08 20.18 2.00
CA MET G 253 17.01 19.24 1.73
C MET G 253 17.58 18.12 0.85
N VAL G 254 18.34 18.53 -0.17
CA VAL G 254 19.00 17.60 -1.08
C VAL G 254 20.50 17.87 -0.95
N PHE G 255 21.29 16.80 -0.99
CA PHE G 255 22.74 16.93 -0.86
C PHE G 255 23.47 16.53 -2.13
N ASN G 256 24.35 17.40 -2.60
CA ASN G 256 25.17 17.08 -3.75
C ASN G 256 26.62 17.33 -3.34
N LYS H 2 -0.56 -14.95 -18.72
CA LYS H 2 0.75 -14.25 -18.84
C LYS H 2 0.66 -12.77 -18.54
N LYS H 3 1.79 -12.20 -18.13
CA LYS H 3 1.87 -10.78 -17.81
C LYS H 3 1.72 -10.02 -19.12
N VAL H 4 1.21 -8.80 -19.04
CA VAL H 4 1.00 -7.98 -20.23
C VAL H 4 1.79 -6.68 -20.16
N ALA H 5 2.43 -6.33 -21.27
CA ALA H 5 3.20 -5.12 -21.35
C ALA H 5 2.93 -4.41 -22.67
N LEU H 6 2.92 -3.08 -22.61
CA LEU H 6 2.73 -2.27 -23.80
C LEU H 6 4.00 -1.45 -23.93
N VAL H 7 4.57 -1.43 -25.12
CA VAL H 7 5.81 -0.68 -25.36
C VAL H 7 5.56 0.31 -26.49
N THR H 8 5.71 1.60 -26.21
CA THR H 8 5.51 2.60 -27.26
C THR H 8 6.80 2.71 -28.09
N GLY H 9 6.65 3.06 -29.36
CA GLY H 9 7.79 3.17 -30.26
C GLY H 9 8.42 1.82 -30.52
N ALA H 10 7.62 0.77 -30.40
CA ALA H 10 8.09 -0.59 -30.58
C ALA H 10 8.24 -1.05 -32.03
N GLY H 11 7.99 -0.15 -32.98
CA GLY H 11 8.11 -0.51 -34.38
C GLY H 11 9.54 -0.71 -34.85
N GLN H 12 10.49 -0.15 -34.11
CA GLN H 12 11.90 -0.28 -34.50
C GLN H 12 12.83 0.04 -33.33
N GLY H 13 14.13 0.03 -33.63
CA GLY H 13 15.15 0.35 -32.64
C GLY H 13 15.05 -0.28 -31.27
N ILE H 14 15.28 0.54 -30.26
CA ILE H 14 15.25 0.10 -28.87
C ILE H 14 13.90 -0.48 -28.49
N GLY H 15 12.83 0.19 -28.91
CA GLY H 15 11.49 -0.27 -28.59
C GLY H 15 11.21 -1.68 -29.10
N LYS H 16 11.61 -1.95 -30.34
CA LYS H 16 11.39 -3.28 -30.89
C LYS H 16 12.20 -4.31 -30.12
N ALA H 17 13.44 -3.97 -29.80
CA ALA H 17 14.31 -4.87 -29.05
C ALA H 17 13.71 -5.15 -27.68
N ILE H 18 13.16 -4.12 -27.05
CA ILE H 18 12.53 -4.28 -25.75
C ILE H 18 11.34 -5.22 -25.87
N ALA H 19 10.52 -5.00 -26.89
CA ALA H 19 9.34 -5.83 -27.13
C ALA H 19 9.72 -7.29 -27.29
N LEU H 20 10.73 -7.56 -28.12
CA LEU H 20 11.17 -8.93 -28.37
C LEU H 20 11.73 -9.58 -27.11
N ARG H 21 12.44 -8.80 -26.29
CA ARG H 21 13.02 -9.34 -25.06
C ARG H 21 11.91 -9.66 -24.06
N LEU H 22 10.93 -8.77 -23.95
CA LEU H 22 9.82 -8.99 -23.03
C LEU H 22 9.04 -10.23 -23.43
N VAL H 23 8.95 -10.49 -24.73
CA VAL H 23 8.24 -11.68 -25.20
C VAL H 23 9.06 -12.91 -24.77
N LYS H 24 10.38 -12.83 -24.91
CA LYS H 24 11.24 -13.94 -24.52
C LYS H 24 11.10 -14.17 -23.01
N ASP H 25 10.90 -13.08 -22.28
CA ASP H 25 10.73 -13.16 -20.83
C ASP H 25 9.38 -13.76 -20.44
N GLY H 26 8.47 -13.86 -21.41
CA GLY H 26 7.17 -14.45 -21.14
C GLY H 26 5.97 -13.52 -21.19
N PHE H 27 6.18 -12.26 -21.56
CA PHE H 27 5.09 -11.30 -21.65
C PHE H 27 4.33 -11.35 -22.96
N ALA H 28 3.05 -10.98 -22.90
CA ALA H 28 2.21 -10.85 -24.08
C ALA H 28 2.49 -9.37 -24.27
N VAL H 29 2.77 -8.92 -25.49
CA VAL H 29 3.12 -7.52 -25.68
C VAL H 29 2.33 -6.73 -26.72
N ALA H 30 2.01 -5.48 -26.38
CA ALA H 30 1.30 -4.60 -27.29
C ALA H 30 2.36 -3.73 -27.95
N ILE H 31 2.45 -3.82 -29.27
CA ILE H 31 3.42 -3.05 -30.04
C ILE H 31 2.74 -1.74 -30.42
N ALA H 32 3.02 -0.69 -29.65
CA ALA H 32 2.41 0.61 -29.88
C ALA H 32 3.38 1.54 -30.63
N ASP H 33 2.92 2.11 -31.74
CA ASP H 33 3.76 3.00 -32.51
C ASP H 33 2.92 3.89 -33.40
N TYR H 34 3.50 5.02 -33.80
CA TYR H 34 2.82 5.96 -34.69
C TYR H 34 2.82 5.34 -36.08
N ASN H 35 3.87 4.58 -36.37
CA ASN H 35 4.02 3.93 -37.67
C ASN H 35 3.24 2.62 -37.63
N ASP H 36 2.07 2.61 -38.25
CA ASP H 36 1.22 1.43 -38.27
C ASP H 36 1.89 0.25 -38.97
N ALA H 37 2.64 0.53 -40.03
CA ALA H 37 3.31 -0.52 -40.80
C ALA H 37 4.35 -1.30 -40.02
N THR H 38 5.27 -0.60 -39.37
CA THR H 38 6.30 -1.29 -38.59
C THR H 38 5.71 -1.96 -37.35
N ALA H 39 4.68 -1.36 -36.78
CA ALA H 39 4.03 -1.94 -35.60
C ALA H 39 3.43 -3.30 -35.95
N LYS H 40 2.71 -3.36 -37.07
CA LYS H 40 2.10 -4.60 -37.51
C LYS H 40 3.15 -5.64 -37.85
N ALA H 41 4.26 -5.20 -38.44
CA ALA H 41 5.34 -6.10 -38.83
C ALA H 41 5.98 -6.74 -37.59
N VAL H 42 6.21 -5.93 -36.56
CA VAL H 42 6.81 -6.43 -35.34
C VAL H 42 5.86 -7.40 -34.65
N ALA H 43 4.58 -7.02 -34.57
CA ALA H 43 3.59 -7.88 -33.93
C ALA H 43 3.48 -9.20 -34.69
N SER H 44 3.56 -9.12 -36.02
CA SER H 44 3.47 -10.31 -36.86
C SER H 44 4.66 -11.23 -36.61
N GLU H 45 5.85 -10.65 -36.59
CA GLU H 45 7.07 -11.42 -36.34
C GLU H 45 6.96 -12.16 -35.02
N ILE H 46 6.38 -11.51 -34.02
CA ILE H 46 6.23 -12.11 -32.69
C ILE H 46 5.24 -13.28 -32.71
N ASN H 47 4.07 -13.05 -33.28
CA ASN H 47 3.05 -14.09 -33.33
C ASN H 47 3.49 -15.29 -34.17
N GLN H 48 4.22 -15.03 -35.24
CA GLN H 48 4.70 -16.12 -36.10
C GLN H 48 5.73 -16.97 -35.35
N ALA H 49 6.43 -16.34 -34.40
CA ALA H 49 7.47 -17.01 -33.63
C ALA H 49 6.94 -17.71 -32.38
N GLY H 50 5.62 -17.82 -32.25
CA GLY H 50 5.04 -18.49 -31.11
C GLY H 50 4.69 -17.59 -29.94
N GLY H 51 4.93 -16.29 -30.08
CA GLY H 51 4.61 -15.36 -29.00
C GLY H 51 3.23 -14.78 -29.17
N HIS H 52 2.87 -13.86 -28.28
CA HIS H 52 1.55 -13.22 -28.35
C HIS H 52 1.70 -11.70 -28.33
N ALA H 53 1.26 -11.07 -29.42
CA ALA H 53 1.37 -9.62 -29.52
C ALA H 53 0.27 -9.04 -30.39
N VAL H 54 0.03 -7.75 -30.20
CA VAL H 54 -0.97 -7.05 -30.99
C VAL H 54 -0.41 -5.67 -31.29
N ALA H 55 -0.66 -5.19 -32.50
CA ALA H 55 -0.19 -3.87 -32.89
C ALA H 55 -1.27 -2.84 -32.60
N VAL H 56 -0.86 -1.69 -32.07
CA VAL H 56 -1.78 -0.62 -31.76
C VAL H 56 -1.19 0.70 -32.25
N LYS H 57 -1.93 1.39 -33.11
CA LYS H 57 -1.46 2.66 -33.65
C LYS H 57 -1.75 3.77 -32.63
N VAL H 58 -0.73 4.57 -32.34
CA VAL H 58 -0.89 5.65 -31.38
C VAL H 58 0.19 6.71 -31.50
N ASP H 59 -0.23 7.96 -31.39
CA ASP H 59 0.69 9.10 -31.40
C ASP H 59 0.73 9.43 -29.92
N VAL H 60 1.84 9.10 -29.26
CA VAL H 60 1.96 9.32 -27.81
C VAL H 60 1.78 10.77 -27.35
N SER H 61 1.87 11.72 -28.27
CA SER H 61 1.70 13.12 -27.88
C SER H 61 0.23 13.43 -27.60
N ASP H 62 -0.66 12.54 -28.05
CA ASP H 62 -2.10 12.73 -27.85
C ASP H 62 -2.58 11.89 -26.67
N ARG H 63 -3.05 12.56 -25.63
CA ARG H 63 -3.53 11.90 -24.42
C ARG H 63 -4.61 10.85 -24.68
N ASP H 64 -5.63 11.21 -25.45
CA ASP H 64 -6.71 10.27 -25.72
C ASP H 64 -6.22 9.02 -26.44
N GLN H 65 -5.28 9.19 -27.37
CA GLN H 65 -4.74 8.07 -28.11
C GLN H 65 -3.96 7.11 -27.21
N VAL H 66 -3.22 7.66 -26.23
CA VAL H 66 -2.46 6.83 -25.32
C VAL H 66 -3.41 5.99 -24.47
N PHE H 67 -4.44 6.62 -23.92
CA PHE H 67 -5.41 5.87 -23.12
C PHE H 67 -6.05 4.79 -23.97
N ALA H 68 -6.47 5.15 -25.18
CA ALA H 68 -7.09 4.18 -26.09
C ALA H 68 -6.17 2.99 -26.37
N ALA H 69 -4.89 3.28 -26.59
CA ALA H 69 -3.92 2.22 -26.88
C ALA H 69 -3.76 1.28 -25.70
N VAL H 70 -3.62 1.86 -24.50
CA VAL H 70 -3.48 1.08 -23.29
C VAL H 70 -4.71 0.21 -23.05
N GLU H 71 -5.89 0.81 -23.22
CA GLU H 71 -7.12 0.06 -23.02
C GLU H 71 -7.29 -1.06 -24.05
N GLN H 72 -6.90 -0.81 -25.29
CA GLN H 72 -7.01 -1.84 -26.32
C GLN H 72 -6.11 -3.01 -25.94
N ALA H 73 -4.91 -2.70 -25.46
CA ALA H 73 -3.96 -3.72 -25.05
C ALA H 73 -4.51 -4.53 -23.87
N ARG H 74 -5.04 -3.81 -22.89
CA ARG H 74 -5.60 -4.43 -21.69
C ARG H 74 -6.74 -5.39 -22.02
N LYS H 75 -7.63 -4.94 -22.91
CA LYS H 75 -8.78 -5.74 -23.32
C LYS H 75 -8.45 -6.91 -24.24
N THR H 76 -7.52 -6.69 -25.17
CA THR H 76 -7.13 -7.72 -26.13
C THR H 76 -6.14 -8.75 -25.60
N LEU H 77 -5.21 -8.32 -24.76
CA LEU H 77 -4.21 -9.23 -24.23
C LEU H 77 -4.57 -9.87 -22.88
N GLY H 78 -5.70 -9.47 -22.31
CA GLY H 78 -6.15 -10.06 -21.06
C GLY H 78 -5.58 -9.56 -19.75
N GLY H 79 -5.04 -8.34 -19.76
CA GLY H 79 -4.47 -7.78 -18.54
C GLY H 79 -3.54 -6.63 -18.85
N PHE H 80 -2.94 -6.06 -17.80
CA PHE H 80 -1.99 -4.95 -17.96
C PHE H 80 -1.10 -4.89 -16.74
N ASP H 81 0.19 -5.14 -16.95
CA ASP H 81 1.15 -5.17 -15.85
C ASP H 81 2.34 -4.23 -15.98
N VAL H 82 2.70 -3.90 -17.20
CA VAL H 82 3.85 -3.05 -17.45
C VAL H 82 3.69 -2.15 -18.67
N ILE H 83 4.07 -0.88 -18.52
CA ILE H 83 4.04 0.02 -19.67
C ILE H 83 5.47 0.53 -19.81
N VAL H 84 5.96 0.59 -21.04
CA VAL H 84 7.30 1.11 -21.31
C VAL H 84 7.11 2.31 -22.22
N ASN H 85 7.24 3.50 -21.66
CA ASN H 85 7.09 4.73 -22.43
C ASN H 85 8.43 4.99 -23.10
N ASN H 86 8.62 4.31 -24.23
CA ASN H 86 9.85 4.37 -25.00
C ASN H 86 9.90 5.31 -26.19
N ALA H 87 8.76 5.58 -26.82
CA ALA H 87 8.73 6.46 -27.99
C ALA H 87 9.37 7.81 -27.67
N GLY H 88 10.14 8.35 -28.64
CA GLY H 88 10.77 9.64 -28.43
C GLY H 88 11.47 10.14 -29.68
N VAL H 89 11.76 11.43 -29.71
CA VAL H 89 12.46 12.04 -30.84
C VAL H 89 13.67 12.78 -30.28
N ALA H 90 14.69 12.95 -31.12
CA ALA H 90 15.91 13.60 -30.64
C ALA H 90 16.66 14.42 -31.68
N PRO H 91 16.14 15.60 -32.04
CA PRO H 91 16.85 16.42 -33.02
C PRO H 91 17.98 17.15 -32.31
N SER H 92 19.08 17.40 -33.00
CA SER H 92 20.16 18.16 -32.39
C SER H 92 19.63 19.59 -32.49
N THR H 93 19.95 20.44 -31.52
CA THR H 93 19.42 21.78 -31.53
C THR H 93 20.39 22.89 -31.16
N PRO H 94 21.03 23.52 -32.15
CA PRO H 94 21.96 24.60 -31.80
C PRO H 94 21.13 25.58 -30.96
N ILE H 95 21.65 25.96 -29.79
CA ILE H 95 20.92 26.84 -28.90
C ILE H 95 20.35 28.11 -29.52
N GLU H 96 21.15 28.81 -30.32
CA GLU H 96 20.69 30.05 -30.92
C GLU H 96 19.54 29.86 -31.91
N SER H 97 19.35 28.64 -32.40
CA SER H 97 18.30 28.35 -33.37
C SER H 97 17.03 27.72 -32.82
N ILE H 98 16.98 27.52 -31.50
CA ILE H 98 15.80 26.90 -30.91
C ILE H 98 14.59 27.81 -31.09
N THR H 99 13.49 27.21 -31.55
CA THR H 99 12.23 27.93 -31.77
C THR H 99 11.15 27.28 -30.91
N PRO H 100 10.03 27.99 -30.71
CA PRO H 100 8.94 27.43 -29.90
C PRO H 100 8.45 26.12 -30.52
N GLU H 101 8.42 26.09 -31.85
CA GLU H 101 7.98 24.91 -32.59
C GLU H 101 8.85 23.67 -32.29
N ILE H 102 10.16 23.87 -32.23
CA ILE H 102 11.10 22.78 -31.96
C ILE H 102 10.89 22.23 -30.55
N VAL H 103 10.74 23.12 -29.58
CA VAL H 103 10.53 22.71 -28.20
C VAL H 103 9.21 21.94 -28.11
N ASP H 104 8.16 22.47 -28.75
CA ASP H 104 6.87 21.80 -28.71
C ASP H 104 6.94 20.40 -29.30
N LYS H 105 7.58 20.27 -30.45
CA LYS H 105 7.67 18.96 -31.10
C LYS H 105 8.33 17.93 -30.20
N VAL H 106 9.46 18.29 -29.61
CA VAL H 106 10.18 17.37 -28.75
C VAL H 106 9.48 17.11 -27.42
N TYR H 107 9.04 18.16 -26.75
CA TYR H 107 8.38 17.99 -25.47
C TYR H 107 7.01 17.33 -25.53
N ASN H 108 6.26 17.58 -26.59
CA ASN H 108 4.94 16.95 -26.70
C ASN H 108 5.05 15.43 -26.81
N ILE H 109 6.12 14.95 -27.43
CA ILE H 109 6.32 13.51 -27.56
C ILE H 109 7.07 12.95 -26.35
N ASN H 110 8.24 13.52 -26.09
CA ASN H 110 9.11 13.06 -25.01
C ASN H 110 8.61 13.27 -23.58
N VAL H 111 7.93 14.38 -23.32
CA VAL H 111 7.46 14.67 -21.98
C VAL H 111 5.98 14.39 -21.79
N LYS H 112 5.14 15.02 -22.60
CA LYS H 112 3.70 14.78 -22.47
C LYS H 112 3.39 13.31 -22.71
N GLY H 113 4.05 12.71 -23.70
CA GLY H 113 3.83 11.30 -24.00
C GLY H 113 4.03 10.45 -22.76
N VAL H 114 5.06 10.77 -21.99
CA VAL H 114 5.36 10.04 -20.77
C VAL H 114 4.28 10.29 -19.72
N ILE H 115 3.82 11.53 -19.61
CA ILE H 115 2.77 11.84 -18.64
C ILE H 115 1.50 11.04 -18.97
N TRP H 116 1.11 11.03 -20.24
CA TRP H 116 -0.10 10.32 -20.65
C TRP H 116 0.05 8.82 -20.40
N GLY H 117 1.23 8.29 -20.68
CA GLY H 117 1.48 6.86 -20.46
C GLY H 117 1.37 6.52 -18.99
N ILE H 118 1.89 7.38 -18.13
CA ILE H 118 1.82 7.15 -16.69
C ILE H 118 0.35 7.12 -16.26
N GLN H 119 -0.40 8.14 -16.68
CA GLN H 119 -1.82 8.22 -16.32
C GLN H 119 -2.63 7.03 -16.80
N ALA H 120 -2.42 6.66 -18.06
CA ALA H 120 -3.15 5.55 -18.68
C ALA H 120 -2.83 4.24 -17.98
N ALA H 121 -1.56 4.04 -17.65
CA ALA H 121 -1.15 2.81 -16.97
C ALA H 121 -1.77 2.76 -15.58
N VAL H 122 -1.80 3.90 -14.90
CA VAL H 122 -2.38 3.96 -13.56
C VAL H 122 -3.84 3.49 -13.60
N GLU H 123 -4.61 4.04 -14.54
CA GLU H 123 -6.03 3.66 -14.66
C GLU H 123 -6.16 2.19 -15.02
N ALA H 124 -5.27 1.70 -15.89
CA ALA H 124 -5.30 0.31 -16.31
C ALA H 124 -5.04 -0.61 -15.11
N PHE H 125 -4.00 -0.32 -14.34
CA PHE H 125 -3.66 -1.12 -13.17
C PHE H 125 -4.85 -1.18 -12.20
N LYS H 126 -5.48 -0.03 -11.99
CA LYS H 126 -6.63 0.04 -11.09
C LYS H 126 -7.78 -0.81 -11.61
N LYS H 127 -8.02 -0.75 -12.92
CA LYS H 127 -9.09 -1.52 -13.51
C LYS H 127 -8.80 -3.01 -13.43
N GLU H 128 -7.52 -3.36 -13.39
CA GLU H 128 -7.12 -4.75 -13.28
C GLU H 128 -7.07 -5.18 -11.81
N GLY H 129 -7.25 -4.20 -10.92
CA GLY H 129 -7.26 -4.49 -9.49
C GLY H 129 -5.94 -4.84 -8.85
N HIS H 130 -4.84 -4.25 -9.32
CA HIS H 130 -3.53 -4.53 -8.73
C HIS H 130 -2.54 -3.43 -9.08
N GLY H 131 -1.30 -3.61 -8.64
CA GLY H 131 -0.27 -2.62 -8.92
C GLY H 131 0.35 -2.80 -10.29
N GLY H 132 1.54 -2.25 -10.49
CA GLY H 132 2.18 -2.39 -11.77
C GLY H 132 3.52 -1.70 -11.87
N LYS H 133 4.14 -1.79 -13.04
CA LYS H 133 5.43 -1.18 -13.26
C LYS H 133 5.36 -0.21 -14.42
N ILE H 134 5.86 1.00 -14.20
CA ILE H 134 5.90 2.01 -15.25
C ILE H 134 7.38 2.21 -15.49
N ILE H 135 7.79 2.08 -16.75
CA ILE H 135 9.20 2.21 -17.14
C ILE H 135 9.33 3.28 -18.23
N ASN H 136 10.14 4.30 -17.97
CA ASN H 136 10.32 5.39 -18.91
C ASN H 136 11.69 5.41 -19.57
N ALA H 137 11.71 5.78 -20.85
CA ALA H 137 12.96 5.87 -21.57
C ALA H 137 13.59 7.23 -21.28
N CYS H 138 14.74 7.22 -20.61
CA CYS H 138 15.46 8.44 -20.30
C CYS H 138 16.71 8.40 -21.19
N SER H 139 17.84 8.85 -20.67
CA SER H 139 19.08 8.87 -21.44
C SER H 139 20.19 9.34 -20.52
N GLN H 140 21.45 9.09 -20.86
CA GLN H 140 22.51 9.59 -20.01
C GLN H 140 22.44 11.12 -20.13
N ALA H 141 21.85 11.59 -21.24
CA ALA H 141 21.69 13.01 -21.47
C ALA H 141 20.59 13.58 -20.58
N GLY H 142 19.93 12.67 -19.84
CA GLY H 142 18.89 13.08 -18.91
C GLY H 142 19.48 13.21 -17.51
N HIS H 143 20.77 12.89 -17.39
CA HIS H 143 21.51 13.00 -16.14
C HIS H 143 22.55 14.13 -16.25
N VAL H 144 23.13 14.27 -17.44
CA VAL H 144 24.11 15.31 -17.71
C VAL H 144 23.78 15.91 -19.06
N GLY H 145 23.55 17.22 -19.10
CA GLY H 145 23.23 17.87 -20.36
C GLY H 145 24.30 17.63 -21.40
N ASN H 146 23.91 17.17 -22.59
CA ASN H 146 24.86 16.90 -23.67
C ASN H 146 25.02 18.09 -24.62
N PRO H 147 26.23 18.26 -25.18
CA PRO H 147 26.49 19.36 -26.11
C PRO H 147 25.63 19.20 -27.37
N GLU H 148 25.18 20.32 -27.92
CA GLU H 148 24.36 20.34 -29.13
C GLU H 148 22.97 19.71 -28.98
N LEU H 149 22.66 19.23 -27.78
CA LEU H 149 21.37 18.60 -27.53
C LEU H 149 20.59 19.25 -26.40
N ALA H 150 20.50 20.58 -26.42
CA ALA H 150 19.80 21.31 -25.37
C ALA H 150 18.33 20.91 -25.18
N VAL H 151 17.56 20.93 -26.26
CA VAL H 151 16.14 20.57 -26.16
C VAL H 151 15.96 19.11 -25.78
N TYR H 152 16.69 18.23 -26.45
CA TYR H 152 16.59 16.80 -26.17
C TYR H 152 17.02 16.49 -24.75
N SER H 153 18.19 16.98 -24.35
CA SER H 153 18.68 16.72 -23.00
C SER H 153 17.68 17.18 -21.95
N SER H 154 17.22 18.42 -22.06
CA SER H 154 16.29 18.93 -21.09
C SER H 154 14.99 18.12 -21.06
N SER H 155 14.56 17.60 -22.21
CA SER H 155 13.33 16.81 -22.23
C SER H 155 13.54 15.51 -21.46
N LYS H 156 14.74 14.95 -21.53
CA LYS H 156 15.03 13.72 -20.80
C LYS H 156 15.22 13.99 -19.30
N PHE H 157 15.69 15.19 -18.96
CA PHE H 157 15.82 15.56 -17.55
C PHE H 157 14.38 15.62 -17.02
N ALA H 158 13.49 16.22 -17.81
CA ALA H 158 12.09 16.34 -17.39
C ALA H 158 11.49 14.94 -17.18
N VAL H 159 11.82 14.01 -18.07
CA VAL H 159 11.31 12.64 -17.95
C VAL H 159 11.78 12.02 -16.63
N ARG H 160 13.03 12.25 -16.26
CA ARG H 160 13.54 11.69 -15.01
C ARG H 160 12.81 12.32 -13.82
N GLY H 161 12.52 13.62 -13.92
CA GLY H 161 11.81 14.29 -12.85
C GLY H 161 10.43 13.69 -12.66
N LEU H 162 9.73 13.46 -13.77
CA LEU H 162 8.40 12.85 -13.74
C LEU H 162 8.50 11.46 -13.12
N THR H 163 9.55 10.73 -13.51
CA THR H 163 9.77 9.38 -13.01
C THR H 163 9.87 9.39 -11.48
N GLN H 164 10.62 10.34 -10.95
CA GLN H 164 10.80 10.44 -9.51
C GLN H 164 9.53 10.86 -8.76
N THR H 165 8.87 11.91 -9.22
CA THR H 165 7.64 12.33 -8.53
C THR H 165 6.58 11.23 -8.62
N ALA H 166 6.46 10.62 -9.79
CA ALA H 166 5.48 9.55 -9.97
C ALA H 166 5.79 8.40 -9.03
N ALA H 167 7.07 8.09 -8.87
CA ALA H 167 7.46 7.00 -7.98
C ALA H 167 6.95 7.28 -6.57
N ARG H 168 7.07 8.53 -6.13
CA ARG H 168 6.63 8.90 -4.80
C ARG H 168 5.11 8.99 -4.69
N ASP H 169 4.46 9.57 -5.70
CA ASP H 169 3.01 9.72 -5.69
C ASP H 169 2.21 8.45 -5.87
N LEU H 170 2.72 7.52 -6.66
CA LEU H 170 2.01 6.28 -6.97
C LEU H 170 2.33 5.07 -6.08
N ALA H 171 3.28 5.22 -5.17
CA ALA H 171 3.68 4.12 -4.28
C ALA H 171 2.50 3.45 -3.58
N PRO H 172 1.55 4.24 -3.03
CA PRO H 172 0.41 3.63 -2.34
C PRO H 172 -0.52 2.78 -3.20
N LEU H 173 -0.36 2.87 -4.52
CA LEU H 173 -1.17 2.09 -5.46
C LEU H 173 -0.44 0.80 -5.84
N GLY H 174 0.72 0.58 -5.22
CA GLY H 174 1.50 -0.61 -5.52
C GLY H 174 2.17 -0.49 -6.87
N ILE H 175 2.44 0.75 -7.27
CA ILE H 175 3.08 1.02 -8.55
C ILE H 175 4.50 1.56 -8.37
N THR H 176 5.44 1.06 -9.17
CA THR H 176 6.81 1.55 -9.11
C THR H 176 7.05 2.27 -10.42
N VAL H 177 7.94 3.24 -10.42
CA VAL H 177 8.23 4.00 -11.62
C VAL H 177 9.74 4.17 -11.73
N ASN H 178 10.33 3.58 -12.77
CA ASN H 178 11.76 3.67 -12.99
C ASN H 178 12.04 4.03 -14.45
N GLY H 179 13.29 4.35 -14.75
CA GLY H 179 13.65 4.67 -16.11
C GLY H 179 14.95 3.99 -16.50
N TYR H 180 15.19 3.91 -17.80
CA TYR H 180 16.43 3.34 -18.32
C TYR H 180 17.10 4.44 -19.11
N CYS H 181 18.41 4.54 -18.98
CA CYS H 181 19.18 5.60 -19.65
C CYS H 181 20.26 5.07 -20.58
N PRO H 182 19.96 4.96 -21.88
CA PRO H 182 20.93 4.47 -22.84
C PRO H 182 22.00 5.53 -23.11
N GLY H 183 23.07 5.11 -23.78
CA GLY H 183 24.15 6.03 -24.12
C GLY H 183 24.02 6.39 -25.58
N ILE H 184 24.89 5.82 -26.41
CA ILE H 184 24.86 6.05 -27.84
C ILE H 184 24.48 4.70 -28.43
N VAL H 185 23.27 4.61 -29.00
CA VAL H 185 22.77 3.35 -29.53
C VAL H 185 22.62 3.32 -31.05
N LYS H 186 22.94 2.17 -31.63
CA LYS H 186 22.85 1.98 -33.08
C LYS H 186 21.42 1.82 -33.59
N THR H 187 20.77 2.96 -33.80
CA THR H 187 19.40 3.01 -34.29
C THR H 187 19.29 4.23 -35.20
N PRO H 188 18.19 4.36 -35.95
CA PRO H 188 18.02 5.50 -36.85
C PRO H 188 18.06 6.85 -36.12
N MET H 189 17.69 6.85 -34.84
CA MET H 189 17.69 8.08 -34.06
C MET H 189 19.10 8.64 -33.95
N TRP H 190 20.05 7.82 -33.53
CA TRP H 190 21.41 8.31 -33.40
C TRP H 190 22.03 8.60 -34.75
N ALA H 191 21.72 7.77 -35.74
CA ALA H 191 22.27 7.96 -37.08
C ALA H 191 21.94 9.37 -37.56
N GLU H 192 20.73 9.83 -37.27
CA GLU H 192 20.28 11.15 -37.67
C GLU H 192 21.00 12.25 -36.89
N ILE H 193 21.27 12.01 -35.61
CA ILE H 193 21.98 12.99 -34.80
C ILE H 193 23.40 13.14 -35.35
N ASP H 194 24.03 12.01 -35.65
CA ASP H 194 25.39 11.98 -36.19
C ASP H 194 25.40 12.77 -37.50
N ARG H 195 24.39 12.55 -38.32
CA ARG H 195 24.30 13.24 -39.61
C ARG H 195 24.20 14.75 -39.40
N GLN H 196 23.27 15.17 -38.53
CA GLN H 196 23.08 16.59 -38.28
C GLN H 196 24.33 17.26 -37.71
N VAL H 197 24.93 16.65 -36.70
CA VAL H 197 26.13 17.22 -36.08
C VAL H 197 27.32 17.23 -37.02
N SER H 198 27.47 16.16 -37.81
CA SER H 198 28.59 16.09 -38.75
C SER H 198 28.44 17.14 -39.84
N GLU H 199 27.23 17.24 -40.40
CA GLU H 199 26.97 18.22 -41.46
C GLU H 199 27.18 19.66 -40.96
N ALA H 200 26.73 19.94 -39.75
CA ALA H 200 26.87 21.28 -39.18
C ALA H 200 28.33 21.63 -38.92
N ALA H 201 29.16 20.62 -38.67
CA ALA H 201 30.58 20.85 -38.39
C ALA H 201 31.43 20.76 -39.66
N GLY H 202 30.78 20.47 -40.79
CA GLY H 202 31.51 20.36 -42.04
C GLY H 202 32.43 19.16 -42.06
N LYS H 203 32.00 18.07 -41.44
CA LYS H 203 32.79 16.84 -41.38
C LYS H 203 32.01 15.67 -41.97
N PRO H 204 32.71 14.61 -42.38
CA PRO H 204 32.06 13.44 -42.95
C PRO H 204 31.23 12.71 -41.90
N LEU H 205 30.25 11.93 -42.35
CA LEU H 205 29.40 11.17 -41.45
C LEU H 205 30.28 10.33 -40.53
N GLY H 206 29.88 10.24 -39.26
CA GLY H 206 30.67 9.47 -38.31
C GLY H 206 31.43 10.39 -37.36
N TYR H 207 31.50 11.67 -37.74
CA TYR H 207 32.19 12.66 -36.92
C TYR H 207 31.50 12.81 -35.57
N GLY H 208 30.17 12.92 -35.61
CA GLY H 208 29.40 13.07 -34.39
C GLY H 208 29.53 11.86 -33.49
N THR H 209 29.37 10.67 -34.06
CA THR H 209 29.49 9.45 -33.28
C THR H 209 30.87 9.38 -32.65
N ALA H 210 31.90 9.66 -33.45
CA ALA H 210 33.27 9.63 -32.96
C ALA H 210 33.47 10.51 -31.73
N GLU H 211 32.93 11.72 -31.77
CA GLU H 211 33.07 12.64 -30.66
C GLU H 211 32.36 12.16 -29.38
N PHE H 212 31.12 11.70 -29.54
CA PHE H 212 30.36 11.22 -28.38
C PHE H 212 30.92 9.90 -27.86
N ALA H 213 31.37 9.05 -28.78
CA ALA H 213 31.91 7.75 -28.38
C ALA H 213 33.16 7.84 -27.51
N LYS H 214 33.85 8.97 -27.57
CA LYS H 214 35.06 9.15 -26.79
C LYS H 214 34.81 9.06 -25.29
N ARG H 215 33.55 9.22 -24.89
CA ARG H 215 33.20 9.16 -23.48
C ARG H 215 32.61 7.83 -23.03
N ILE H 216 32.47 6.89 -23.95
CA ILE H 216 31.94 5.58 -23.61
C ILE H 216 33.07 4.74 -23.05
N THR H 217 33.02 4.49 -21.75
CA THR H 217 34.06 3.70 -21.09
C THR H 217 34.27 2.33 -21.72
N LEU H 218 33.20 1.65 -22.08
CA LEU H 218 33.32 0.32 -22.66
C LEU H 218 33.84 0.27 -24.09
N GLY H 219 34.10 1.44 -24.66
CA GLY H 219 34.67 1.51 -26.00
C GLY H 219 33.94 0.95 -27.21
N ARG H 220 32.61 1.04 -27.21
CA ARG H 220 31.82 0.55 -28.33
C ARG H 220 30.42 1.11 -28.20
N LEU H 221 29.76 1.36 -29.32
CA LEU H 221 28.39 1.86 -29.27
C LEU H 221 27.50 0.75 -28.77
N SER H 222 26.31 1.13 -28.32
CA SER H 222 25.34 0.19 -27.79
C SER H 222 24.45 -0.40 -28.88
N GLU H 223 23.98 -1.63 -28.64
CA GLU H 223 23.07 -2.29 -29.56
C GLU H 223 21.72 -2.14 -28.86
N PRO H 224 20.62 -2.13 -29.62
CA PRO H 224 19.31 -1.99 -28.98
C PRO H 224 19.12 -3.07 -27.92
N GLU H 225 19.70 -4.24 -28.16
CA GLU H 225 19.60 -5.35 -27.24
C GLU H 225 20.23 -5.11 -25.88
N ASP H 226 21.28 -4.29 -25.86
CA ASP H 226 21.94 -3.98 -24.59
C ASP H 226 20.96 -3.25 -23.68
N VAL H 227 20.18 -2.35 -24.27
CA VAL H 227 19.19 -1.58 -23.53
C VAL H 227 18.04 -2.48 -23.11
N ALA H 228 17.57 -3.32 -24.04
CA ALA H 228 16.47 -4.23 -23.75
C ALA H 228 16.79 -5.14 -22.56
N ALA H 229 18.05 -5.51 -22.42
CA ALA H 229 18.50 -6.39 -21.34
C ALA H 229 18.27 -5.72 -19.98
N CYS H 230 18.50 -4.42 -19.92
CA CYS H 230 18.30 -3.66 -18.68
C CYS H 230 16.79 -3.50 -18.46
N VAL H 231 16.04 -3.24 -19.52
CA VAL H 231 14.60 -3.08 -19.37
C VAL H 231 13.96 -4.39 -18.89
N SER H 232 14.56 -5.52 -19.26
CA SER H 232 14.05 -6.82 -18.82
C SER H 232 14.07 -6.86 -17.28
N TYR H 233 15.15 -6.38 -16.70
CA TYR H 233 15.25 -6.35 -15.24
C TYR H 233 14.15 -5.46 -14.66
N LEU H 234 13.97 -4.28 -15.24
CA LEU H 234 12.97 -3.33 -14.74
C LEU H 234 11.54 -3.83 -14.90
N ALA H 235 11.32 -4.80 -15.79
CA ALA H 235 9.97 -5.34 -16.01
C ALA H 235 9.74 -6.61 -15.19
N SER H 236 10.82 -7.18 -14.65
CA SER H 236 10.73 -8.40 -13.87
C SER H 236 10.52 -8.17 -12.38
N PRO H 237 10.11 -9.22 -11.66
CA PRO H 237 9.88 -9.08 -10.21
C PRO H 237 11.16 -8.76 -9.44
N ASP H 238 12.31 -8.96 -10.06
CA ASP H 238 13.59 -8.69 -9.40
C ASP H 238 13.83 -7.21 -9.15
N SER H 239 12.97 -6.37 -9.71
CA SER H 239 13.09 -4.92 -9.51
C SER H 239 11.94 -4.41 -8.64
N ASP H 240 11.18 -5.32 -8.05
CA ASP H 240 10.05 -4.93 -7.21
C ASP H 240 10.38 -3.95 -6.09
N TYR H 241 11.60 -4.00 -5.57
CA TYR H 241 11.97 -3.11 -4.47
C TYR H 241 12.76 -1.90 -4.94
N MET H 242 12.70 -1.63 -6.24
CA MET H 242 13.40 -0.49 -6.82
C MET H 242 12.36 0.48 -7.39
N THR H 243 12.48 1.75 -7.04
CA THR H 243 11.56 2.74 -7.58
C THR H 243 12.20 4.12 -7.57
N GLY H 244 11.81 4.94 -8.54
CA GLY H 244 12.35 6.29 -8.66
C GLY H 244 13.75 6.35 -9.25
N GLN H 245 14.23 5.22 -9.75
CA GLN H 245 15.58 5.14 -10.32
C GLN H 245 15.60 5.19 -11.84
N SER H 246 16.63 5.83 -12.39
CA SER H 246 16.82 5.93 -13.84
C SER H 246 18.19 5.32 -14.07
N LEU H 247 18.22 4.02 -14.36
CA LEU H 247 19.47 3.28 -14.54
C LEU H 247 20.28 3.62 -15.78
N LEU H 248 21.57 3.78 -15.58
CA LEU H 248 22.46 4.08 -16.69
C LEU H 248 22.98 2.80 -17.33
N ILE H 249 22.49 2.51 -18.53
CA ILE H 249 22.91 1.34 -19.30
C ILE H 249 23.51 2.00 -20.55
N ASP H 250 24.57 2.76 -20.30
CA ASP H 250 25.22 3.56 -21.33
C ASP H 250 26.69 3.25 -21.63
N GLY H 251 27.18 2.11 -21.17
CA GLY H 251 28.57 1.75 -21.42
C GLY H 251 29.54 2.60 -20.62
N GLY H 252 29.02 3.30 -19.62
CA GLY H 252 29.87 4.12 -18.78
C GLY H 252 30.17 5.53 -19.28
N MET H 253 29.13 6.28 -19.64
CA MET H 253 29.34 7.66 -20.08
C MET H 253 29.16 8.56 -18.85
N VAL H 254 28.11 8.30 -18.10
CA VAL H 254 27.84 9.03 -16.86
C VAL H 254 27.86 8.00 -15.73
N PHE H 255 28.42 8.38 -14.59
CA PHE H 255 28.51 7.48 -13.45
C PHE H 255 27.67 7.95 -12.27
N ASN H 256 26.79 7.07 -11.78
CA ASN H 256 26.00 7.38 -10.61
C ASN H 256 26.25 6.26 -9.61
#